data_8JG9
#
_entry.id   8JG9
#
loop_
_entity.id
_entity.type
_entity.pdbx_description
1 polymer 'CRISPR-associated endonuclease Cas9'
2 polymer sgRNA
3 polymer AcrIIA15
4 polymer 'DNA (25-MER)'
5 polymer 'DNA (25-MER)'
#
loop_
_entity_poly.entity_id
_entity_poly.type
_entity_poly.pdbx_seq_one_letter_code
_entity_poly.pdbx_strand_id
1 'polypeptide(L)'
;MKRNYILGLDIGITSVGYGIIDYETRDVIDAGVRLFKEANVENNEGRRSKRGARRLKRRRRHRIQRVKKLLFDYNLLTDH
SELSGINPYEARVKGLSQKLSEEEFSAALLHLAKRRGVHNVNEVEEDTGNELSTKEQISRNSKALEEKYVAELQLERLKK
DGEVRGSINRFKTSDYVKEAKQLLKVQKAYHQLDQSFIDTYIDLLETRRTYYEGPGEGSPFGWKDIKEWYEMLMGHCTYF
PEELRSVKYAYNADLYNALNDLNNLVITRDENEKLEYYEKFQIIENVFKQKKKPTLKQIAKEILVNEEDIKGYRVTSTGK
PEFTNLKVYHDIKDITARKEIIENAELLDQIAKILTIYQSSEDIQEELTNLNSELTQEEIEQISNLKGYTGTHNLSLKAI
NLILDELWHTNDNQIAIFNRLKLVPKKVDLSQQKEIPTTLVDDFILSPVVKRSFIQSIKVINAIIKKYGLPNDIIIELAR
EKNSKDAQKMINEMQKRNRQTNERIEEIIRTTGKENAKYLIEKIKLHDMQEGKCLYSLEAIPLEDLLNNPFNYEVDHIIP
RSVSFDNSFNNKVLVKQEENSKKGNRTPFQYLSSSDSKISYETFKKHILNLAKGKGRISKTKKEYLLEERDINRFSVQKD
FINRNLVDTRYATRGLMNLLRSYFRVNNLDVKVKSINGGFTSFLRRKWKFKKERNKGYKHHAEDALIIANADFIFKEWKK
LDKAKKVMENQMFEEKQAESMPEIETEQEYKEIFITPHQIKHIKDFKDYKYSHRVDKKPNRELINDTLYSTRKDDKGNTL
IVNNLNGLYDKDNDKLKKLINKSPEKLLMYHHDPQTYQKLKLIMEQYGDEKNPLYKYYEETGNYLTKYSKKDNGPVIKKI
KYYGNKLNAHLDITDDYPNSRNKVVKLSLKPYRFDVYLDNGVYKFVTVKNLDVIKKENYYEVNSKCYEEAKKLKKISNQA
EFIASFYNNDLIKINGELYRVIGVNNDLLNRIEVNMIDITYREYLENMNDKRPPRIIKTIASKTQSIKKYSTDILGNLYE
VKSKKHPQIIKKG
;
A,D
2 'polyribonucleotide'
;GGUCUGCUAUUUCUAUUUACGUUUUAGUACUCUGGAAACAGAAUCUACUAAAACAAGGCAAAAUGCCGUGUUUAUCUCGU
CAACUUGUUGGCGAGAUC
;
B,E
3 'polypeptide(L)'
;SMRKTIERLLNSELSSNSIAVRTGVSQAVISKLRNGKKELGNLTLNSAEKLFEYQKEMEKVDTWIVYRGRTADMNKSYIA
EGSTYEEVYNNFVDKYGYDVLDEDIYEIQLLKKNGENLDDYDVDSDGINNYDKLDEFRESDYVDLEDYDYRELFENSSSQ
VYYHEFEITHE
;
F,C
4 'polydeoxyribonucleotide'
;(DA)(DT)(DA)(DA)(DT)(DT)(DA)(DT)(DG)(DA)(DC)(DA)(DA)(DA)(DT)(DG)(DT)(DC)(DA)(DT)
(DA)(DG)(DA)(DA)(DA)
;
G
5 'polydeoxyribonucleotide'
;(DT)(DT)(DT)(DT)(DC)(DT)(DA)(DT)(DG)(DA)(DC)(DA)(DT)(DT)(DT)(DG)(DT)(DC)(DA)(DT)
(DA)(DA)(DT)(DT)(DA)
;
H
#
loop_
_chem_comp.id
_chem_comp.type
_chem_comp.name
_chem_comp.formula
A RNA linking ADENOSINE-5'-MONOPHOSPHATE 'C10 H14 N5 O7 P'
C RNA linking CYTIDINE-5'-MONOPHOSPHATE 'C9 H14 N3 O8 P'
DA DNA linking 2'-DEOXYADENOSINE-5'-MONOPHOSPHATE 'C10 H14 N5 O6 P'
DC DNA linking 2'-DEOXYCYTIDINE-5'-MONOPHOSPHATE 'C9 H14 N3 O7 P'
DG DNA linking 2'-DEOXYGUANOSINE-5'-MONOPHOSPHATE 'C10 H14 N5 O7 P'
DT DNA linking THYMIDINE-5'-MONOPHOSPHATE 'C10 H15 N2 O8 P'
G RNA linking GUANOSINE-5'-MONOPHOSPHATE 'C10 H14 N5 O8 P'
U RNA linking URIDINE-5'-MONOPHOSPHATE 'C9 H13 N2 O9 P'
#
# COMPACT_ATOMS: atom_id res chain seq x y z
N MET A 1 48.69 -27.55 -11.25
CA MET A 1 50.14 -27.52 -11.42
C MET A 1 50.75 -26.28 -10.74
N LYS A 2 51.83 -25.77 -11.31
CA LYS A 2 52.52 -24.59 -10.79
C LYS A 2 52.06 -23.38 -11.61
N ARG A 3 51.17 -22.58 -11.02
CA ARG A 3 50.65 -21.38 -11.65
C ARG A 3 50.53 -20.28 -10.62
N ASN A 4 51.21 -19.16 -10.88
CA ASN A 4 51.13 -18.02 -9.98
C ASN A 4 49.70 -17.50 -9.92
N TYR A 5 49.19 -17.28 -8.71
CA TYR A 5 47.81 -16.85 -8.54
C TYR A 5 47.65 -16.07 -7.25
N ILE A 6 46.66 -15.19 -7.24
CA ILE A 6 46.27 -14.42 -6.07
C ILE A 6 44.98 -15.03 -5.54
N LEU A 7 44.93 -15.27 -4.23
CA LEU A 7 43.75 -15.86 -3.62
C LEU A 7 43.02 -14.81 -2.80
N GLY A 8 41.69 -14.77 -2.96
CA GLY A 8 40.85 -13.85 -2.22
C GLY A 8 39.80 -14.59 -1.43
N LEU A 9 39.53 -14.10 -0.22
CA LEU A 9 38.53 -14.69 0.66
C LEU A 9 37.50 -13.67 1.07
N ASP A 10 36.25 -14.10 1.12
CA ASP A 10 35.14 -13.34 1.70
C ASP A 10 34.61 -14.22 2.84
N ILE A 11 35.05 -13.91 4.07
CA ILE A 11 34.70 -14.71 5.23
C ILE A 11 33.48 -14.09 5.88
N GLY A 12 32.30 -14.57 5.48
CA GLY A 12 31.04 -14.10 6.06
C GLY A 12 30.79 -14.70 7.41
N ILE A 13 29.51 -14.82 7.75
CA ILE A 13 29.09 -15.43 9.01
C ILE A 13 28.46 -16.79 8.72
N THR A 14 27.94 -16.95 7.50
CA THR A 14 27.32 -18.21 7.09
C THR A 14 27.93 -18.75 5.81
N SER A 15 29.10 -18.26 5.41
CA SER A 15 29.73 -18.72 4.18
C SER A 15 31.17 -18.24 4.15
N VAL A 16 31.98 -18.90 3.35
CA VAL A 16 33.38 -18.53 3.13
C VAL A 16 33.63 -18.65 1.62
N GLY A 17 33.65 -17.52 0.93
CA GLY A 17 33.88 -17.54 -0.50
C GLY A 17 35.36 -17.41 -0.83
N TYR A 18 35.78 -18.18 -1.84
CA TYR A 18 37.16 -18.17 -2.29
C TYR A 18 37.21 -17.86 -3.78
N GLY A 19 38.23 -17.11 -4.18
CA GLY A 19 38.43 -16.80 -5.59
C GLY A 19 39.90 -16.83 -5.94
N ILE A 20 40.18 -17.25 -7.18
CA ILE A 20 41.54 -17.37 -7.71
C ILE A 20 41.66 -16.44 -8.90
N ILE A 21 42.72 -15.63 -8.91
CA ILE A 21 42.99 -14.71 -10.01
C ILE A 21 44.39 -14.96 -10.55
N ASP A 22 44.54 -15.00 -11.87
CA ASP A 22 45.86 -15.08 -12.48
C ASP A 22 46.67 -13.86 -12.11
N TYR A 23 47.94 -14.08 -11.74
CA TYR A 23 48.84 -12.98 -11.40
C TYR A 23 49.07 -12.09 -12.61
N GLU A 24 49.07 -12.68 -13.80
CA GLU A 24 49.46 -11.94 -15.00
C GLU A 24 48.25 -11.35 -15.73
N THR A 25 47.30 -12.21 -16.11
CA THR A 25 46.28 -11.85 -17.08
C THR A 25 44.94 -11.49 -16.47
N ARG A 26 44.85 -11.31 -15.16
CA ARG A 26 43.60 -10.99 -14.47
C ARG A 26 42.54 -12.08 -14.70
N ASP A 27 43.00 -13.30 -14.95
CA ASP A 27 42.10 -14.39 -15.32
C ASP A 27 41.44 -14.94 -14.05
N VAL A 28 40.53 -15.91 -14.20
CA VAL A 28 39.86 -16.53 -13.07
C VAL A 28 40.00 -18.03 -13.19
N ILE A 29 40.96 -18.61 -12.46
CA ILE A 29 41.17 -20.06 -12.51
C ILE A 29 39.97 -20.79 -11.93
N ASP A 30 39.53 -20.38 -10.74
CA ASP A 30 38.42 -21.06 -10.08
C ASP A 30 37.87 -20.17 -8.99
N ALA A 31 36.54 -20.23 -8.82
CA ALA A 31 35.83 -19.50 -7.80
C ALA A 31 34.93 -20.48 -7.06
N GLY A 32 34.42 -20.06 -5.92
CA GLY A 32 33.47 -20.90 -5.21
C GLY A 32 33.18 -20.33 -3.83
N VAL A 33 32.33 -21.06 -3.10
CA VAL A 33 31.96 -20.68 -1.75
C VAL A 33 31.64 -21.94 -0.96
N ARG A 34 32.26 -22.06 0.21
CA ARG A 34 31.92 -23.10 1.17
C ARG A 34 30.82 -22.58 2.09
N LEU A 35 29.87 -23.45 2.42
CA LEU A 35 28.74 -23.06 3.24
C LEU A 35 28.71 -23.89 4.51
N PHE A 36 27.95 -23.39 5.49
CA PHE A 36 27.78 -24.06 6.77
C PHE A 36 26.63 -23.40 7.49
N LYS A 37 25.87 -24.21 8.23
CA LYS A 37 24.80 -23.67 9.06
C LYS A 37 25.39 -22.69 10.07
N GLU A 38 24.68 -21.59 10.28
CA GLU A 38 25.18 -20.51 11.14
C GLU A 38 25.46 -21.03 12.54
N ALA A 39 26.68 -20.80 13.02
CA ALA A 39 26.92 -21.23 14.41
C ALA A 39 26.16 -20.28 15.33
N ASN A 40 25.65 -20.80 16.45
CA ASN A 40 24.92 -19.94 17.39
C ASN A 40 25.43 -20.29 18.79
N VAL A 41 25.56 -19.30 19.66
CA VAL A 41 25.96 -19.60 21.06
C VAL A 41 24.85 -20.45 21.68
N GLU A 42 23.59 -20.16 21.37
CA GLU A 42 22.45 -20.88 22.01
C GLU A 42 22.67 -22.39 22.09
N ASN A 43 22.96 -23.07 20.98
CA ASN A 43 23.06 -24.53 21.04
C ASN A 43 23.94 -24.97 22.20
N ASN A 44 25.15 -24.38 22.30
CA ASN A 44 26.06 -24.77 23.37
C ASN A 44 25.52 -24.35 24.73
N GLU A 45 24.72 -23.30 24.71
CA GLU A 45 24.10 -22.94 25.98
C GLU A 45 23.13 -24.06 26.24
N GLY A 46 22.60 -24.64 25.19
CA GLY A 46 21.71 -25.79 25.42
C GLY A 46 22.41 -26.96 26.04
N ARG A 47 23.47 -27.44 25.41
CA ARG A 47 24.05 -28.63 25.98
C ARG A 47 24.44 -28.27 27.38
N ARG A 48 25.03 -27.10 27.61
CA ARG A 48 25.54 -26.82 28.99
C ARG A 48 24.41 -26.70 29.98
N SER A 49 23.33 -26.03 29.64
CA SER A 49 22.30 -25.93 30.69
C SER A 49 21.78 -27.33 30.94
N LYS A 50 21.66 -28.12 29.90
CA LYS A 50 21.03 -29.40 30.24
C LYS A 50 22.02 -30.16 31.10
N ARG A 51 23.29 -30.13 30.77
CA ARG A 51 24.27 -30.98 31.48
C ARG A 51 24.10 -30.55 32.92
N GLY A 52 23.95 -29.26 33.09
CA GLY A 52 23.82 -28.72 34.44
C GLY A 52 22.61 -29.31 35.08
N ALA A 53 21.55 -29.53 34.33
CA ALA A 53 20.41 -30.20 34.96
C ALA A 53 20.71 -31.65 35.24
N ARG A 54 21.05 -32.43 34.24
CA ARG A 54 21.19 -33.88 34.49
C ARG A 54 21.98 -33.99 35.78
N ARG A 55 22.93 -33.12 35.95
CA ARG A 55 23.77 -33.28 37.13
C ARG A 55 22.98 -33.02 38.40
N LEU A 56 22.13 -31.99 38.40
CA LEU A 56 21.30 -31.72 39.57
C LEU A 56 20.37 -32.89 39.86
N LYS A 57 19.73 -33.44 38.83
CA LYS A 57 18.85 -34.59 39.02
C LYS A 57 19.63 -35.79 39.55
N ARG A 58 20.81 -36.04 38.99
CA ARG A 58 21.63 -37.16 39.44
C ARG A 58 22.04 -37.01 40.89
N ARG A 59 22.43 -35.79 41.29
CA ARG A 59 22.84 -35.57 42.68
C ARG A 59 21.66 -35.71 43.62
N ARG A 60 20.48 -35.24 43.23
CA ARG A 60 19.30 -35.42 44.07
C ARG A 60 18.97 -36.89 44.25
N ARG A 61 18.99 -37.64 43.15
CA ARG A 61 18.71 -39.07 43.22
C ARG A 61 19.75 -39.79 44.06
N HIS A 62 21.03 -39.40 43.92
CA HIS A 62 22.08 -40.06 44.68
C HIS A 62 21.97 -39.75 46.17
N ARG A 63 21.61 -38.51 46.52
CA ARG A 63 21.41 -38.19 47.93
C ARG A 63 20.24 -38.97 48.51
N ILE A 64 19.15 -39.08 47.75
CA ILE A 64 18.01 -39.88 48.22
C ILE A 64 18.42 -41.33 48.42
N GLN A 65 19.16 -41.89 47.46
CA GLN A 65 19.61 -43.27 47.54
C GLN A 65 20.54 -43.50 48.72
N ARG A 66 21.46 -42.56 48.96
CA ARG A 66 22.38 -42.69 50.07
C ARG A 66 21.66 -42.60 51.41
N VAL A 67 20.69 -41.69 51.53
CA VAL A 67 19.92 -41.61 52.76
C VAL A 67 19.11 -42.89 52.97
N LYS A 68 18.53 -43.42 51.89
CA LYS A 68 17.77 -44.67 52.00
C LYS A 68 18.67 -45.82 52.44
N LYS A 69 19.88 -45.89 51.88
CA LYS A 69 20.82 -46.94 52.29
C LYS A 69 21.24 -46.77 53.73
N LEU A 70 21.46 -45.53 54.17
CA LEU A 70 21.84 -45.28 55.56
C LEU A 70 20.73 -45.71 56.50
N LEU A 71 19.48 -45.45 56.13
CA LEU A 71 18.36 -45.76 57.07
C LEU A 71 18.13 -47.27 57.09
N PHE A 72 18.57 -47.99 56.06
CA PHE A 72 18.48 -49.47 56.10
C PHE A 72 19.49 -49.93 57.14
N ASP A 73 20.60 -49.20 57.23
CA ASP A 73 21.66 -49.63 58.17
C ASP A 73 21.14 -49.59 59.61
N TYR A 74 20.36 -48.57 59.95
CA TYR A 74 19.92 -48.45 61.36
C TYR A 74 18.58 -49.18 61.54
N ASN A 75 18.05 -49.78 60.47
CA ASN A 75 16.80 -50.60 60.54
C ASN A 75 15.57 -49.69 60.62
N LEU A 76 15.78 -48.37 60.57
CA LEU A 76 14.64 -47.42 60.57
C LEU A 76 13.83 -47.58 59.28
N LEU A 77 14.47 -47.79 58.14
CA LEU A 77 13.71 -48.05 56.89
C LEU A 77 14.00 -49.47 56.41
N THR A 78 12.96 -50.26 56.11
CA THR A 78 13.14 -51.63 55.58
C THR A 78 12.26 -51.77 54.33
N ASP A 79 12.55 -52.74 53.46
CA ASP A 79 11.80 -52.86 52.18
C ASP A 79 10.31 -53.11 52.46
N HIS A 80 10.00 -53.91 53.48
CA HIS A 80 8.59 -54.25 53.82
C HIS A 80 7.81 -52.98 54.21
N SER A 81 8.44 -52.03 54.89
CA SER A 81 7.72 -50.83 55.39
C SER A 81 7.08 -50.04 54.25
N GLU A 82 5.88 -49.50 54.49
CA GLU A 82 5.14 -48.75 53.45
C GLU A 82 5.21 -47.25 53.75
N LEU A 83 5.87 -46.48 52.90
CA LEU A 83 6.02 -45.01 53.12
C LEU A 83 4.95 -44.28 52.29
N SER A 84 4.04 -45.02 51.65
CA SER A 84 3.06 -44.38 50.73
C SER A 84 2.11 -43.40 51.41
N GLY A 85 1.53 -43.76 52.56
CA GLY A 85 0.48 -42.90 53.16
C GLY A 85 1.00 -41.79 54.04
N ILE A 86 2.23 -41.89 54.53
CA ILE A 86 2.73 -40.87 55.50
C ILE A 86 2.79 -39.51 54.82
N ASN A 87 2.32 -38.45 55.50
CA ASN A 87 2.42 -37.09 54.93
C ASN A 87 3.72 -36.48 55.45
N PRO A 88 4.60 -35.91 54.59
CA PRO A 88 5.87 -35.42 55.08
C PRO A 88 5.73 -34.23 56.02
N TYR A 89 4.95 -33.23 55.62
CA TYR A 89 4.91 -32.00 56.44
C TYR A 89 4.35 -32.32 57.82
N GLU A 90 3.29 -33.11 57.91
CA GLU A 90 2.64 -33.35 59.23
C GLU A 90 3.60 -34.13 60.14
N ALA A 91 4.36 -35.07 59.58
CA ALA A 91 5.34 -35.85 60.37
C ALA A 91 6.49 -34.95 60.85
N ARG A 92 7.02 -34.06 60.02
CA ARG A 92 8.13 -33.24 60.53
C ARG A 92 7.61 -32.41 61.71
N VAL A 93 6.42 -31.84 61.59
CA VAL A 93 6.00 -31.00 62.74
C VAL A 93 5.82 -31.89 63.98
N LYS A 94 5.23 -33.09 63.82
CA LYS A 94 4.99 -33.94 65.01
C LYS A 94 6.33 -34.27 65.63
N GLY A 95 7.28 -34.71 64.80
CA GLY A 95 8.59 -35.17 65.30
C GLY A 95 9.42 -34.06 65.90
N LEU A 96 9.09 -32.80 65.63
CA LEU A 96 9.82 -31.72 66.32
C LEU A 96 9.50 -31.90 67.80
N SER A 97 8.66 -32.89 68.12
CA SER A 97 8.27 -33.17 69.52
C SER A 97 7.71 -34.59 69.56
N GLN A 98 7.15 -35.02 70.68
CA GLN A 98 6.48 -36.35 70.73
C GLN A 98 7.42 -37.44 70.22
N LYS A 99 6.91 -38.31 69.35
CA LYS A 99 7.74 -39.38 68.78
C LYS A 99 7.29 -39.63 67.34
N LEU A 100 8.17 -40.14 66.49
CA LEU A 100 7.76 -40.49 65.11
C LEU A 100 7.80 -42.01 64.98
N SER A 101 6.85 -42.60 64.27
CA SER A 101 6.91 -44.06 64.02
C SER A 101 8.04 -44.30 63.01
N GLU A 102 8.53 -45.54 62.88
CA GLU A 102 9.72 -45.79 62.04
C GLU A 102 9.48 -45.28 60.61
N GLU A 103 8.28 -45.52 60.09
CA GLU A 103 7.97 -45.04 58.72
C GLU A 103 7.96 -43.52 58.71
N GLU A 104 7.09 -42.89 59.50
CA GLU A 104 6.99 -41.41 59.45
C GLU A 104 8.37 -40.78 59.52
N PHE A 105 9.24 -41.30 60.37
CA PHE A 105 10.59 -40.73 60.53
C PHE A 105 11.33 -40.88 59.21
N SER A 106 11.19 -42.04 58.59
CA SER A 106 11.98 -42.23 57.37
C SER A 106 11.47 -41.23 56.37
N ALA A 107 10.16 -41.07 56.35
CA ALA A 107 9.59 -40.20 55.31
C ALA A 107 10.17 -38.83 55.53
N ALA A 108 10.17 -38.39 56.78
CA ALA A 108 10.64 -37.01 57.01
C ALA A 108 12.11 -36.85 56.64
N LEU A 109 12.96 -37.79 57.02
CA LEU A 109 14.37 -37.54 56.66
C LEU A 109 14.48 -37.52 55.13
N LEU A 110 13.93 -38.53 54.50
CA LEU A 110 14.09 -38.59 53.04
C LEU A 110 13.52 -37.28 52.57
N HIS A 111 12.48 -36.81 53.24
CA HIS A 111 11.88 -35.59 52.67
C HIS A 111 12.82 -34.39 52.73
N LEU A 112 13.50 -34.14 53.85
CA LEU A 112 14.33 -32.91 53.91
C LEU A 112 15.38 -33.08 52.84
N ALA A 113 15.89 -34.30 52.72
CA ALA A 113 17.02 -34.52 51.81
C ALA A 113 16.61 -34.20 50.39
N LYS A 114 15.39 -34.51 50.04
CA LYS A 114 15.03 -34.28 48.63
C LYS A 114 15.22 -32.80 48.43
N ARG A 115 14.93 -32.01 49.46
CA ARG A 115 15.01 -30.54 49.26
C ARG A 115 15.86 -29.83 50.33
N ARG A 116 17.16 -29.67 50.14
CA ARG A 116 18.06 -28.99 51.08
C ARG A 116 17.92 -27.47 51.04
N GLY A 117 17.62 -26.88 49.90
CA GLY A 117 17.58 -25.40 49.84
C GLY A 117 18.92 -24.75 49.50
N VAL A 118 18.94 -23.44 49.23
CA VAL A 118 20.17 -22.74 48.78
C VAL A 118 21.13 -22.51 49.94
N HIS A 119 22.43 -22.34 49.67
CA HIS A 119 23.46 -22.15 50.73
C HIS A 119 24.03 -20.74 50.64
N ASN A 120 24.73 -20.42 49.56
CA ASN A 120 25.21 -19.02 49.39
C ASN A 120 24.03 -18.25 48.83
N VAL A 121 23.56 -17.23 49.55
CA VAL A 121 22.29 -16.59 49.12
C VAL A 121 22.40 -16.02 47.71
N ASN A 122 23.52 -15.40 47.36
CA ASN A 122 23.58 -14.74 46.03
C ASN A 122 24.06 -15.74 44.99
N GLU A 123 24.41 -16.95 45.42
CA GLU A 123 25.03 -17.92 44.46
C GLU A 123 24.03 -18.24 43.35
N VAL A 124 22.74 -18.02 43.58
CA VAL A 124 21.71 -18.43 42.59
C VAL A 124 21.94 -17.73 41.25
N GLU A 125 21.71 -18.45 40.15
CA GLU A 125 21.86 -17.88 38.78
C GLU A 125 20.53 -18.06 38.04
N GLU A 126 19.63 -17.06 38.08
CA GLU A 126 18.31 -17.21 37.46
C GLU A 126 17.71 -15.84 37.20
N ASP A 127 16.72 -15.81 36.32
CA ASP A 127 16.04 -14.59 35.95
C ASP A 127 14.96 -14.24 36.96
N THR A 128 14.58 -12.96 36.98
CA THR A 128 13.58 -12.45 37.90
C THR A 128 12.17 -12.49 37.32
N GLY A 129 11.90 -13.43 36.40
CA GLY A 129 10.57 -13.52 35.82
C GLY A 129 9.50 -13.85 36.83
N ASN A 130 9.88 -14.46 37.95
CA ASN A 130 8.92 -14.81 39.00
C ASN A 130 8.40 -13.59 39.73
N GLU A 131 8.99 -12.40 39.48
CA GLU A 131 8.68 -11.10 40.06
C GLU A 131 9.15 -10.98 41.50
N LEU A 132 9.76 -12.03 42.07
CA LEU A 132 10.34 -11.98 43.40
C LEU A 132 11.76 -12.53 43.31
N SER A 133 12.74 -11.71 43.65
CA SER A 133 14.12 -12.13 43.57
C SER A 133 14.43 -13.15 44.66
N THR A 134 15.48 -13.94 44.42
CA THR A 134 15.86 -14.99 45.35
C THR A 134 16.25 -14.41 46.70
N LYS A 135 17.11 -13.38 46.70
CA LYS A 135 17.57 -12.79 47.95
C LYS A 135 16.42 -12.18 48.73
N GLU A 136 15.53 -11.46 48.06
CA GLU A 136 14.38 -10.87 48.75
C GLU A 136 13.47 -11.96 49.30
N GLN A 137 13.30 -13.05 48.56
CA GLN A 137 12.47 -14.15 49.05
C GLN A 137 13.05 -14.77 50.32
N ILE A 138 14.37 -15.02 50.34
CA ILE A 138 14.98 -15.56 51.55
C ILE A 138 14.90 -14.54 52.68
N SER A 139 15.02 -13.26 52.36
CA SER A 139 14.93 -12.23 53.40
C SER A 139 13.55 -12.24 54.05
N ARG A 140 12.50 -12.28 53.24
CA ARG A 140 11.14 -12.32 53.78
C ARG A 140 10.90 -13.59 54.57
N ASN A 141 11.37 -14.73 54.06
CA ASN A 141 11.18 -15.99 54.78
C ASN A 141 11.90 -15.97 56.13
N SER A 142 13.15 -15.48 56.15
CA SER A 142 13.87 -15.39 57.41
C SER A 142 13.20 -14.42 58.38
N LYS A 143 12.69 -13.30 57.86
CA LYS A 143 11.93 -12.39 58.70
C LYS A 143 10.68 -13.05 59.27
N ALA A 144 10.11 -14.01 58.54
CA ALA A 144 8.98 -14.79 59.03
C ALA A 144 9.40 -15.96 59.90
N LEU A 145 10.67 -16.39 59.83
CA LEU A 145 11.08 -17.65 60.52
C LEU A 145 11.81 -17.36 61.82
N GLU A 146 11.53 -16.24 62.48
CA GLU A 146 12.32 -15.88 63.67
C GLU A 146 12.13 -16.92 64.79
N GLU A 147 10.89 -17.34 65.05
CA GLU A 147 10.65 -18.26 66.20
C GLU A 147 10.07 -19.58 65.68
N LYS A 148 9.82 -19.69 64.37
CA LYS A 148 9.18 -20.91 63.82
C LYS A 148 10.18 -21.60 62.92
N TYR A 149 10.27 -22.93 63.00
CA TYR A 149 11.17 -23.67 62.09
C TYR A 149 10.50 -23.78 60.72
N VAL A 150 11.18 -24.38 59.75
CA VAL A 150 10.71 -24.48 58.37
C VAL A 150 9.40 -25.26 58.30
N ALA A 151 9.39 -26.45 58.89
CA ALA A 151 8.19 -27.30 58.79
C ALA A 151 7.00 -26.49 59.28
N GLU A 152 7.16 -25.75 60.36
CA GLU A 152 5.96 -25.06 60.88
C GLU A 152 5.47 -24.10 59.79
N LEU A 153 6.38 -23.34 59.18
CA LEU A 153 5.90 -22.35 58.20
C LEU A 153 5.26 -23.09 57.03
N GLN A 154 5.87 -24.18 56.55
CA GLN A 154 5.28 -24.82 55.36
C GLN A 154 3.88 -25.36 55.70
N LEU A 155 3.71 -25.97 56.88
CA LEU A 155 2.40 -26.57 57.23
C LEU A 155 1.37 -25.45 57.35
N GLU A 156 1.79 -24.32 57.94
CA GLU A 156 0.82 -23.22 58.13
C GLU A 156 0.39 -22.75 56.74
N ARG A 157 1.32 -22.73 55.79
CA ARG A 157 0.97 -22.22 54.45
C ARG A 157 -0.01 -23.21 53.80
N LEU A 158 0.18 -24.51 54.01
CA LEU A 158 -0.69 -25.54 53.35
C LEU A 158 -2.11 -25.45 53.93
N LYS A 159 -2.22 -25.17 55.23
CA LYS A 159 -3.56 -25.16 55.85
C LYS A 159 -4.27 -23.83 55.55
N LYS A 160 -3.53 -22.72 55.48
CA LYS A 160 -4.19 -21.44 55.26
C LYS A 160 -4.33 -21.10 53.79
N ASP A 161 -3.22 -21.05 53.04
CA ASP A 161 -3.28 -20.75 51.61
C ASP A 161 -3.67 -21.95 50.76
N GLY A 162 -3.58 -23.17 51.30
CA GLY A 162 -3.89 -24.36 50.54
C GLY A 162 -2.78 -24.88 49.66
N GLU A 163 -1.63 -24.19 49.61
CA GLU A 163 -0.53 -24.59 48.76
C GLU A 163 0.78 -24.50 49.53
N VAL A 164 1.77 -25.29 49.11
CA VAL A 164 3.14 -25.23 49.60
C VAL A 164 4.12 -24.95 48.48
N ARG A 165 4.00 -25.69 47.37
CA ARG A 165 4.91 -25.54 46.25
C ARG A 165 4.68 -24.20 45.55
N GLY A 166 5.64 -23.83 44.71
CA GLY A 166 5.61 -22.59 43.98
C GLY A 166 6.89 -21.82 44.22
N SER A 167 6.85 -20.52 43.91
CA SER A 167 8.01 -19.67 44.11
C SER A 167 8.11 -19.14 45.53
N ILE A 168 7.16 -19.47 46.40
CA ILE A 168 7.20 -19.03 47.79
C ILE A 168 7.99 -19.96 48.69
N ASN A 169 8.34 -21.15 48.20
CA ASN A 169 9.01 -22.17 49.01
C ASN A 169 10.51 -22.24 48.73
N ARG A 170 11.15 -21.10 48.52
CA ARG A 170 12.60 -21.03 48.34
C ARG A 170 13.21 -20.60 49.67
N PHE A 171 14.01 -21.48 50.26
CA PHE A 171 14.53 -21.28 51.61
C PHE A 171 16.06 -21.28 51.59
N LYS A 172 16.65 -21.28 52.79
CA LYS A 172 18.09 -21.36 52.94
C LYS A 172 18.46 -22.61 53.72
N THR A 173 19.63 -23.17 53.39
CA THR A 173 20.02 -24.48 53.91
C THR A 173 20.18 -24.46 55.42
N SER A 174 20.56 -23.32 55.99
CA SER A 174 20.79 -23.26 57.43
C SER A 174 19.54 -23.59 58.23
N ASP A 175 18.38 -23.09 57.80
CA ASP A 175 17.15 -23.40 58.51
C ASP A 175 16.80 -24.88 58.38
N TYR A 176 17.04 -25.48 57.22
CA TYR A 176 16.82 -26.91 57.06
C TYR A 176 17.72 -27.71 58.00
N VAL A 177 18.98 -27.31 58.12
CA VAL A 177 19.90 -27.99 59.03
C VAL A 177 19.42 -27.85 60.46
N LYS A 178 18.97 -26.66 60.84
CA LYS A 178 18.46 -26.44 62.20
C LYS A 178 17.26 -27.33 62.48
N GLU A 179 16.32 -27.39 61.54
CA GLU A 179 15.15 -28.26 61.72
C GLU A 179 15.55 -29.71 61.82
N ALA A 180 16.47 -30.16 60.96
CA ALA A 180 16.89 -31.55 60.98
C ALA A 180 17.52 -31.92 62.31
N LYS A 181 18.45 -31.09 62.80
CA LYS A 181 19.09 -31.41 64.07
C LYS A 181 18.12 -31.29 65.24
N GLN A 182 17.18 -30.35 65.18
CA GLN A 182 16.19 -30.24 66.25
C GLN A 182 15.30 -31.47 66.32
N LEU A 183 14.82 -31.95 65.17
CA LEU A 183 13.97 -33.14 65.18
C LEU A 183 14.78 -34.37 65.57
N LEU A 184 16.03 -34.46 65.11
CA LEU A 184 16.86 -35.61 65.42
C LEU A 184 17.20 -35.68 66.90
N LYS A 185 17.45 -34.54 67.55
CA LYS A 185 17.77 -34.54 68.97
C LYS A 185 16.62 -35.12 69.79
N VAL A 186 15.39 -34.94 69.33
CA VAL A 186 14.23 -35.50 70.02
C VAL A 186 14.02 -36.96 69.64
N GLN A 187 14.12 -37.29 68.36
CA GLN A 187 13.81 -38.65 67.91
C GLN A 187 14.91 -39.65 68.24
N LYS A 188 16.12 -39.19 68.61
CA LYS A 188 17.16 -40.13 68.98
C LYS A 188 16.96 -40.70 70.38
N ALA A 189 16.11 -40.06 71.19
CA ALA A 189 15.85 -40.55 72.54
C ALA A 189 14.95 -41.78 72.56
N TYR A 190 14.24 -42.06 71.48
CA TYR A 190 13.34 -43.21 71.42
C TYR A 190 13.83 -44.34 70.52
N HIS A 191 14.66 -44.04 69.53
CA HIS A 191 15.16 -45.05 68.60
C HIS A 191 16.66 -45.19 68.75
N GLN A 192 17.18 -46.30 68.22
CA GLN A 192 18.61 -46.61 68.33
C GLN A 192 19.44 -45.76 67.37
N LEU A 193 19.95 -44.63 67.85
CA LEU A 193 20.78 -43.73 67.06
C LEU A 193 22.11 -43.49 67.76
N ASP A 194 23.10 -43.10 66.96
CA ASP A 194 24.43 -42.74 67.45
C ASP A 194 24.84 -41.42 66.85
N GLN A 195 25.77 -40.74 67.52
CA GLN A 195 26.23 -39.44 67.05
C GLN A 195 26.87 -39.54 65.67
N SER A 196 27.47 -40.69 65.34
CA SER A 196 28.01 -40.88 64.01
C SER A 196 26.91 -40.82 62.95
N PHE A 197 25.77 -41.46 63.22
CA PHE A 197 24.64 -41.38 62.30
C PHE A 197 24.13 -39.95 62.19
N ILE A 198 24.10 -39.23 63.31
CA ILE A 198 23.61 -37.85 63.30
C ILE A 198 24.50 -36.99 62.41
N ASP A 199 25.82 -37.10 62.60
CA ASP A 199 26.76 -36.34 61.80
C ASP A 199 26.67 -36.73 60.33
N THR A 200 26.54 -38.03 60.05
CA THR A 200 26.44 -38.47 58.66
C THR A 200 25.21 -37.89 57.99
N TYR A 201 24.07 -37.90 58.69
CA TYR A 201 22.84 -37.38 58.11
C TYR A 201 22.92 -35.87 57.89
N ILE A 202 23.45 -35.15 58.87
CA ILE A 202 23.59 -33.69 58.70
C ILE A 202 24.52 -33.38 57.55
N ASP A 203 25.62 -34.13 57.43
CA ASP A 203 26.55 -33.94 56.31
C ASP A 203 25.83 -34.18 54.99
N LEU A 204 25.13 -35.31 54.86
CA LEU A 204 24.41 -35.60 53.63
C LEU A 204 23.39 -34.52 53.31
N LEU A 205 22.79 -33.93 54.34
CA LEU A 205 21.79 -32.89 54.11
C LEU A 205 22.42 -31.60 53.61
N GLU A 206 23.57 -31.19 54.16
CA GLU A 206 24.12 -29.85 53.76
C GLU A 206 25.30 -29.98 52.81
N THR A 207 25.68 -31.20 52.45
CA THR A 207 26.88 -31.37 51.59
C THR A 207 26.59 -30.79 50.21
N ARG A 208 27.61 -30.28 49.54
CA ARG A 208 27.42 -29.72 48.20
C ARG A 208 28.80 -29.51 47.60
N ARG A 209 28.93 -29.67 46.31
CA ARG A 209 30.20 -29.50 45.62
C ARG A 209 30.42 -28.02 45.33
N THR A 210 31.55 -27.49 45.80
CA THR A 210 31.87 -26.11 45.52
C THR A 210 32.24 -25.94 44.04
N TYR A 211 32.18 -24.69 43.58
CA TYR A 211 32.47 -24.41 42.18
C TYR A 211 33.91 -24.72 41.80
N TYR A 212 34.80 -24.83 42.79
CA TYR A 212 36.20 -25.13 42.53
C TYR A 212 36.56 -26.59 42.81
N GLU A 213 35.57 -27.47 42.97
CA GLU A 213 35.82 -28.89 43.12
C GLU A 213 35.40 -29.70 41.89
N GLY A 214 34.34 -29.27 41.20
CA GLY A 214 33.94 -29.90 39.97
C GLY A 214 33.35 -31.28 40.15
N PRO A 215 33.18 -32.00 39.05
CA PRO A 215 32.66 -33.37 39.12
C PRO A 215 33.66 -34.31 39.76
N GLY A 216 33.19 -35.52 40.05
CA GLY A 216 34.01 -36.52 40.70
C GLY A 216 35.04 -37.16 39.81
N GLU A 217 35.49 -38.36 40.19
CA GLU A 217 36.54 -39.04 39.43
C GLU A 217 36.00 -39.58 38.12
N GLY A 218 36.85 -39.55 37.10
CA GLY A 218 36.49 -40.09 35.79
C GLY A 218 35.72 -39.17 34.89
N SER A 219 35.61 -37.89 35.22
CA SER A 219 34.80 -37.06 34.34
C SER A 219 35.66 -36.31 33.34
N PRO A 220 35.25 -36.27 32.06
CA PRO A 220 36.00 -35.50 31.07
C PRO A 220 36.03 -34.01 31.36
N PHE A 221 35.09 -33.49 32.15
CA PHE A 221 35.04 -32.08 32.48
C PHE A 221 35.41 -31.83 33.94
N GLY A 222 36.38 -32.57 34.46
CA GLY A 222 36.80 -32.46 35.83
C GLY A 222 38.28 -32.13 35.97
N TRP A 223 38.70 -32.00 37.24
CA TRP A 223 40.07 -31.69 37.57
C TRP A 223 40.42 -32.32 38.92
N LYS A 224 41.70 -32.66 39.08
CA LYS A 224 42.12 -33.41 40.25
C LYS A 224 42.07 -32.56 41.51
N ASP A 225 42.61 -31.34 41.45
CA ASP A 225 42.71 -30.51 42.65
C ASP A 225 42.67 -29.04 42.24
N ILE A 226 43.05 -28.11 43.13
CA ILE A 226 42.86 -26.65 42.83
C ILE A 226 43.94 -26.05 41.93
N LYS A 227 45.14 -26.62 41.92
CA LYS A 227 46.15 -26.09 40.98
C LYS A 227 45.68 -26.39 39.57
N GLU A 228 45.16 -27.59 39.41
CA GLU A 228 44.66 -27.95 38.09
C GLU A 228 43.44 -27.08 37.86
N TRP A 229 42.73 -26.70 38.90
CA TRP A 229 41.59 -25.78 38.69
C TRP A 229 42.09 -24.47 38.11
N TYR A 230 43.17 -23.90 38.66
CA TYR A 230 43.67 -22.66 38.03
C TYR A 230 44.04 -22.97 36.59
N GLU A 231 44.69 -24.09 36.36
CA GLU A 231 45.13 -24.30 34.98
C GLU A 231 43.92 -24.31 34.08
N MET A 232 42.87 -25.02 34.46
CA MET A 232 41.72 -25.17 33.55
C MET A 232 41.00 -23.83 33.39
N LEU A 233 40.81 -23.12 34.49
CA LEU A 233 40.04 -21.86 34.36
C LEU A 233 40.90 -20.84 33.60
N MET A 234 42.23 -20.85 33.78
CA MET A 234 42.98 -19.78 33.12
C MET A 234 43.49 -20.21 31.74
N GLY A 235 44.12 -21.36 31.66
CA GLY A 235 44.67 -21.82 30.40
C GLY A 235 46.08 -21.31 30.16
N HIS A 236 46.83 -22.07 29.38
CA HIS A 236 48.22 -21.70 29.08
C HIS A 236 48.25 -20.58 28.07
N CYS A 237 49.12 -19.58 28.28
CA CYS A 237 49.13 -18.41 27.36
C CYS A 237 49.73 -18.78 26.02
N THR A 238 49.09 -18.38 24.92
CA THR A 238 49.58 -18.80 23.59
C THR A 238 50.95 -18.17 23.33
N TYR A 239 51.20 -16.96 23.86
CA TYR A 239 52.47 -16.26 23.57
C TYR A 239 53.61 -16.92 24.35
N PHE A 240 53.44 -17.16 25.65
CA PHE A 240 54.50 -17.92 26.37
C PHE A 240 53.82 -19.19 26.86
N PRO A 241 54.17 -20.39 26.35
CA PRO A 241 53.42 -21.59 26.69
C PRO A 241 53.35 -22.02 28.15
N GLU A 242 54.42 -21.90 28.93
CA GLU A 242 54.41 -22.46 30.30
C GLU A 242 53.70 -21.54 31.29
N GLU A 243 53.48 -20.30 30.91
CA GLU A 243 52.88 -19.31 31.80
C GLU A 243 51.37 -19.29 31.57
N LEU A 244 50.62 -19.11 32.64
CA LEU A 244 49.16 -19.12 32.58
C LEU A 244 48.62 -17.72 32.38
N ARG A 245 47.50 -17.63 31.64
CA ARG A 245 46.89 -16.33 31.39
C ARG A 245 46.37 -15.72 32.69
N SER A 246 46.46 -14.40 32.78
CA SER A 246 46.02 -13.67 33.96
C SER A 246 44.64 -13.07 33.74
N VAL A 247 44.07 -12.52 34.81
CA VAL A 247 42.73 -11.93 34.73
C VAL A 247 42.81 -10.56 34.05
N LYS A 248 41.64 -10.07 33.62
CA LYS A 248 41.59 -8.80 32.85
C LYS A 248 41.45 -7.57 33.76
N TYR A 249 40.76 -7.67 34.88
CA TYR A 249 40.55 -6.43 35.66
C TYR A 249 41.78 -6.19 36.53
N ALA A 250 42.78 -7.06 36.43
CA ALA A 250 43.97 -6.93 37.28
C ALA A 250 44.65 -5.59 36.98
N TYR A 251 45.33 -4.98 37.96
CA TYR A 251 45.90 -3.61 37.78
C TYR A 251 46.91 -3.54 36.64
N ASN A 252 47.81 -4.50 36.53
CA ASN A 252 48.85 -4.36 35.50
C ASN A 252 48.18 -4.31 34.12
N ALA A 253 47.18 -5.14 33.87
CA ALA A 253 46.56 -5.16 32.52
C ALA A 253 45.73 -3.88 32.35
N ASP A 254 45.20 -3.36 33.45
CA ASP A 254 44.46 -2.08 33.37
C ASP A 254 45.47 -1.02 32.95
N LEU A 255 46.67 -1.06 33.51
CA LEU A 255 47.68 -0.03 33.17
C LEU A 255 47.97 -0.18 31.68
N TYR A 256 48.07 -1.41 31.18
CA TYR A 256 48.39 -1.62 29.75
C TYR A 256 47.29 -1.01 28.90
N ASN A 257 46.03 -1.26 29.21
CA ASN A 257 44.98 -0.70 28.32
C ASN A 257 45.03 0.82 28.41
N ALA A 258 45.21 1.34 29.62
CA ALA A 258 45.14 2.81 29.76
C ALA A 258 46.30 3.44 28.99
N LEU A 259 47.47 2.82 29.03
CA LEU A 259 48.67 3.34 28.34
C LEU A 259 48.46 3.25 26.82
N ASN A 260 47.75 2.22 26.37
CA ASN A 260 47.41 2.16 24.94
C ASN A 260 46.67 3.46 24.62
N ASP A 261 45.61 3.77 25.37
CA ASP A 261 44.82 4.97 25.03
C ASP A 261 45.73 6.19 25.10
N LEU A 262 46.53 6.30 26.15
CA LEU A 262 47.37 7.51 26.34
C LEU A 262 48.34 7.65 25.17
N ASN A 263 48.96 6.55 24.73
CA ASN A 263 49.89 6.60 23.58
C ASN A 263 49.14 7.03 22.32
N ASN A 264 47.93 6.51 22.11
CA ASN A 264 47.14 6.82 20.89
C ASN A 264 46.81 8.31 20.81
N LEU A 265 46.56 8.97 21.95
CA LEU A 265 46.09 10.39 21.91
C LEU A 265 47.10 11.27 21.17
N VAL A 266 46.59 12.18 20.33
CA VAL A 266 47.49 13.16 19.63
C VAL A 266 47.13 14.55 20.14
N ILE A 267 48.12 15.28 20.66
CA ILE A 267 47.85 16.64 21.24
C ILE A 267 48.67 17.64 20.42
N THR A 268 48.00 18.65 19.84
CA THR A 268 48.70 19.64 19.00
C THR A 268 49.44 20.61 19.93
N ARG A 269 50.76 20.45 20.06
CA ARG A 269 51.53 21.31 20.95
C ARG A 269 52.92 21.49 20.37
N ASP A 270 53.67 22.41 20.98
CA ASP A 270 55.03 22.65 20.51
C ASP A 270 55.92 21.43 20.72
N GLU A 271 55.57 20.59 21.71
CA GLU A 271 56.27 19.33 21.91
C GLU A 271 55.80 18.31 20.88
N ASN A 272 56.27 17.07 21.03
CA ASN A 272 55.82 15.99 20.17
C ASN A 272 54.33 15.72 20.39
N GLU A 273 53.64 15.34 19.32
CA GLU A 273 52.21 15.06 19.43
C GLU A 273 51.95 13.88 20.35
N LYS A 274 52.82 12.87 20.33
CA LYS A 274 52.71 11.76 21.26
C LYS A 274 53.44 12.07 22.55
N LEU A 275 52.78 11.76 23.67
CA LEU A 275 53.34 12.07 24.98
C LEU A 275 54.52 11.16 25.28
N GLU A 276 55.48 11.69 26.02
CA GLU A 276 56.72 11.00 26.34
C GLU A 276 56.69 10.52 27.79
N TYR A 277 57.71 9.75 28.17
CA TYR A 277 57.70 8.96 29.39
C TYR A 277 57.33 9.78 30.62
N TYR A 278 57.97 10.93 30.82
CA TYR A 278 57.79 11.66 32.07
C TYR A 278 56.40 12.24 32.20
N GLU A 279 55.90 12.93 31.15
CA GLU A 279 54.56 13.48 31.26
C GLU A 279 53.51 12.39 31.19
N LYS A 280 53.83 11.25 30.56
CA LYS A 280 52.94 10.10 30.62
C LYS A 280 52.81 9.59 32.07
N PHE A 281 53.92 9.52 32.79
CA PHE A 281 53.87 9.14 34.20
C PHE A 281 53.04 10.15 34.99
N GLN A 282 53.26 11.44 34.72
CA GLN A 282 52.52 12.48 35.44
C GLN A 282 51.02 12.36 35.19
N ILE A 283 50.63 12.21 33.92
CA ILE A 283 49.21 12.11 33.58
C ILE A 283 48.60 10.84 34.18
N ILE A 284 49.30 9.72 34.08
CA ILE A 284 48.72 8.48 34.59
C ILE A 284 48.52 8.59 36.09
N GLU A 285 49.55 9.03 36.82
CA GLU A 285 49.40 9.20 38.27
C GLU A 285 48.23 10.12 38.59
N ASN A 286 48.32 11.39 38.20
CA ASN A 286 47.29 12.36 38.59
C ASN A 286 45.90 11.90 38.15
N VAL A 287 45.68 11.78 36.85
CA VAL A 287 44.33 11.54 36.34
C VAL A 287 43.80 10.19 36.81
N PHE A 288 44.58 9.12 36.62
CA PHE A 288 44.03 7.79 36.82
C PHE A 288 44.21 7.30 38.25
N LYS A 289 44.70 8.14 39.16
CA LYS A 289 44.75 7.77 40.56
C LYS A 289 44.06 8.78 41.47
N GLN A 290 43.65 9.93 40.97
CA GLN A 290 42.91 10.89 41.78
C GLN A 290 41.43 10.97 41.44
N LYS A 291 41.04 10.55 40.24
CA LYS A 291 39.64 10.62 39.81
C LYS A 291 39.17 9.26 39.32
N LYS A 292 37.94 8.90 39.68
CA LYS A 292 37.43 7.56 39.39
C LYS A 292 37.26 7.33 37.89
N LYS A 293 36.59 8.25 37.20
CA LYS A 293 36.32 8.11 35.78
C LYS A 293 36.98 9.26 35.02
N PRO A 294 38.11 9.01 34.37
CA PRO A 294 38.81 10.09 33.67
C PRO A 294 38.00 10.63 32.50
N THR A 295 38.12 11.94 32.28
CA THR A 295 37.50 12.62 31.15
C THR A 295 38.55 13.42 30.39
N LEU A 296 38.20 13.80 29.17
CA LEU A 296 39.15 14.54 28.32
C LEU A 296 39.45 15.91 28.90
N LYS A 297 38.44 16.55 29.50
CA LYS A 297 38.63 17.88 30.07
C LYS A 297 39.66 17.86 31.18
N GLN A 298 39.66 16.81 32.00
CA GLN A 298 40.63 16.69 33.08
C GLN A 298 42.05 16.59 32.52
N ILE A 299 42.22 15.84 31.44
CA ILE A 299 43.53 15.77 30.78
C ILE A 299 43.95 17.14 30.28
N ALA A 300 43.03 17.84 29.60
CA ALA A 300 43.36 19.16 29.07
C ALA A 300 43.74 20.13 30.18
N LYS A 301 43.04 20.06 31.31
CA LYS A 301 43.37 20.92 32.44
C LYS A 301 44.73 20.58 33.04
N GLU A 302 45.05 19.29 33.18
CA GLU A 302 46.30 18.94 33.84
C GLU A 302 47.51 19.25 32.96
N ILE A 303 47.41 19.05 31.64
CA ILE A 303 48.50 19.47 30.76
C ILE A 303 48.37 20.93 30.35
N LEU A 304 47.32 21.62 30.79
CA LEU A 304 47.18 23.07 30.63
C LEU A 304 47.26 23.49 29.16
N VAL A 305 46.59 22.73 28.31
CA VAL A 305 46.45 23.05 26.89
C VAL A 305 44.97 23.00 26.53
N ASN A 306 44.69 23.29 25.26
CA ASN A 306 43.32 23.28 24.77
C ASN A 306 42.86 21.87 24.49
N GLU A 307 41.64 21.56 24.96
CA GLU A 307 41.04 20.27 24.65
C GLU A 307 40.73 20.15 23.17
N GLU A 308 40.69 21.27 22.46
CA GLU A 308 40.43 21.27 21.02
C GLU A 308 41.54 20.60 20.23
N ASP A 309 42.74 20.49 20.80
CA ASP A 309 43.89 19.95 20.09
C ASP A 309 44.06 18.45 20.29
N ILE A 310 43.19 17.81 21.06
CA ILE A 310 43.32 16.38 21.36
C ILE A 310 42.46 15.60 20.38
N LYS A 311 43.09 14.69 19.63
CA LYS A 311 42.40 13.87 18.64
C LYS A 311 42.95 12.45 18.71
N GLY A 312 42.14 11.51 18.22
CA GLY A 312 42.56 10.12 18.15
C GLY A 312 42.33 9.32 19.41
N TYR A 313 41.08 9.28 19.87
CA TYR A 313 40.72 8.51 21.06
C TYR A 313 39.43 7.75 20.81
N ARG A 314 39.29 6.63 21.51
CA ARG A 314 38.06 5.84 21.42
C ARG A 314 36.89 6.62 22.00
N VAL A 315 35.72 6.42 21.38
CA VAL A 315 34.51 7.13 21.77
C VAL A 315 33.40 6.10 22.00
N THR A 316 32.49 6.41 22.92
CA THR A 316 31.38 5.53 23.21
C THR A 316 30.33 5.64 22.11
N SER A 317 29.25 4.87 22.24
CA SER A 317 28.18 4.92 21.25
C SER A 317 27.37 6.21 21.34
N THR A 318 27.39 6.86 22.50
CA THR A 318 26.65 8.09 22.71
C THR A 318 27.46 9.34 22.41
N GLY A 319 28.70 9.19 21.95
CA GLY A 319 29.55 10.33 21.65
C GLY A 319 30.38 10.84 22.80
N LYS A 320 30.18 10.32 24.00
CA LYS A 320 30.98 10.73 25.15
C LYS A 320 32.39 10.17 25.00
N PRO A 321 33.44 10.97 25.22
CA PRO A 321 34.80 10.42 25.18
C PRO A 321 34.98 9.32 26.20
N GLU A 322 35.72 8.28 25.81
CA GLU A 322 35.90 7.09 26.62
C GLU A 322 37.37 6.91 26.96
N PHE A 323 37.66 6.74 28.24
CA PHE A 323 38.99 6.40 28.72
C PHE A 323 38.90 5.27 29.72
N THR A 324 39.66 4.20 29.48
CA THR A 324 39.65 3.07 30.38
C THR A 324 40.28 3.45 31.71
N ASN A 325 39.58 3.14 32.79
CA ASN A 325 39.96 3.60 34.13
C ASN A 325 40.53 2.44 34.94
N LEU A 326 41.43 2.77 35.87
CA LEU A 326 41.98 1.79 36.80
C LEU A 326 40.91 1.47 37.83
N LYS A 327 39.98 0.60 37.43
CA LYS A 327 38.82 0.32 38.27
C LYS A 327 39.23 -0.33 39.59
N VAL A 328 40.14 -1.30 39.55
CA VAL A 328 40.54 -2.01 40.76
C VAL A 328 41.25 -1.05 41.72
N TYR A 329 42.03 -0.12 41.18
CA TYR A 329 42.81 0.78 42.02
C TYR A 329 41.89 1.77 42.74
N HIS A 330 40.92 2.34 42.01
CA HIS A 330 39.94 3.22 42.63
C HIS A 330 39.07 2.47 43.62
N ASP A 331 38.71 1.22 43.30
CA ASP A 331 37.94 0.41 44.25
C ASP A 331 38.73 0.18 45.54
N ILE A 332 40.04 -0.04 45.41
CA ILE A 332 40.89 -0.12 46.60
C ILE A 332 40.83 1.18 47.39
N LYS A 333 41.03 2.31 46.70
CA LYS A 333 41.08 3.60 47.40
C LYS A 333 39.75 3.94 48.05
N ASP A 334 38.65 3.40 47.53
CA ASP A 334 37.34 3.70 48.11
C ASP A 334 37.25 3.24 49.56
N ILE A 335 37.79 2.05 49.85
CA ILE A 335 37.67 1.50 51.20
C ILE A 335 38.87 1.90 52.04
N THR A 336 40.08 1.62 51.56
CA THR A 336 41.30 1.94 52.28
C THR A 336 42.25 2.72 51.38
N ALA A 337 42.95 3.69 51.95
CA ALA A 337 43.82 4.58 51.19
C ALA A 337 45.26 4.58 51.68
N ARG A 338 45.67 3.57 52.43
CA ARG A 338 47.04 3.53 52.94
C ARG A 338 48.03 3.34 51.80
N LYS A 339 49.25 3.83 52.00
CA LYS A 339 50.29 3.77 50.98
C LYS A 339 50.75 2.34 50.74
N GLU A 340 50.80 1.52 51.79
CA GLU A 340 51.39 0.19 51.69
C GLU A 340 50.62 -0.73 50.74
N ILE A 341 49.36 -0.43 50.46
CA ILE A 341 48.53 -1.30 49.62
C ILE A 341 48.49 -0.82 48.18
N ILE A 342 48.43 0.49 47.95
CA ILE A 342 48.12 0.98 46.61
C ILE A 342 49.35 1.02 45.70
N GLU A 343 50.55 1.09 46.25
CA GLU A 343 51.77 1.07 45.45
C GLU A 343 52.46 -0.28 45.43
N ASN A 344 51.71 -1.38 45.44
CA ASN A 344 52.26 -2.72 45.34
C ASN A 344 51.55 -3.43 44.19
N ALA A 345 52.22 -3.52 43.04
CA ALA A 345 51.56 -4.06 41.84
C ALA A 345 51.17 -5.53 42.02
N GLU A 346 52.08 -6.30 42.63
CA GLU A 346 51.82 -7.74 42.81
C GLU A 346 50.63 -7.93 43.74
N LEU A 347 50.56 -7.15 44.83
CA LEU A 347 49.46 -7.34 45.80
C LEU A 347 48.16 -7.00 45.07
N LEU A 348 48.14 -5.89 44.32
CA LEU A 348 46.88 -5.49 43.66
C LEU A 348 46.50 -6.57 42.64
N ASP A 349 47.47 -7.09 41.89
CA ASP A 349 47.19 -8.17 40.91
C ASP A 349 46.54 -9.36 41.64
N GLN A 350 47.21 -9.88 42.67
CA GLN A 350 46.70 -11.09 43.36
C GLN A 350 45.28 -10.81 43.86
N ILE A 351 45.04 -9.59 44.36
CA ILE A 351 43.69 -9.25 44.89
C ILE A 351 42.73 -9.39 43.72
N ALA A 352 43.11 -8.86 42.57
CA ALA A 352 42.21 -8.92 41.40
C ALA A 352 41.95 -10.36 41.00
N LYS A 353 42.99 -11.19 40.95
CA LYS A 353 42.80 -12.58 40.49
C LYS A 353 41.83 -13.23 41.46
N ILE A 354 42.03 -13.02 42.75
CA ILE A 354 41.16 -13.73 43.71
C ILE A 354 39.72 -13.26 43.47
N LEU A 355 39.51 -11.95 43.36
CA LEU A 355 38.11 -11.47 43.24
C LEU A 355 37.49 -12.06 41.97
N THR A 356 38.23 -12.10 40.88
CA THR A 356 37.70 -12.63 39.60
C THR A 356 37.40 -14.14 39.64
N ILE A 357 38.27 -14.97 40.21
CA ILE A 357 38.03 -16.44 40.08
C ILE A 357 37.12 -16.94 41.21
N TYR A 358 37.33 -16.46 42.43
CA TYR A 358 36.55 -16.92 43.58
C TYR A 358 35.25 -16.13 43.62
N GLN A 359 34.14 -16.81 43.30
CA GLN A 359 32.84 -16.13 43.31
C GLN A 359 32.34 -15.89 44.73
N SER A 360 32.46 -16.89 45.59
CA SER A 360 31.95 -16.76 46.96
C SER A 360 32.83 -15.83 47.78
N SER A 361 32.17 -14.94 48.53
CA SER A 361 32.91 -13.96 49.33
C SER A 361 33.66 -14.63 50.48
N GLU A 362 33.09 -15.70 51.03
CA GLU A 362 33.75 -16.41 52.13
C GLU A 362 35.08 -16.99 51.67
N ASP A 363 35.13 -17.50 50.43
CA ASP A 363 36.40 -17.98 49.89
C ASP A 363 37.37 -16.82 49.64
N ILE A 364 36.85 -15.68 49.18
CA ILE A 364 37.71 -14.53 48.88
C ILE A 364 38.41 -14.04 50.14
N GLN A 365 37.64 -13.85 51.22
CA GLN A 365 38.23 -13.36 52.45
C GLN A 365 39.26 -14.34 53.00
N GLU A 366 38.98 -15.64 52.90
CA GLU A 366 39.94 -16.65 53.35
C GLU A 366 41.22 -16.60 52.52
N GLU A 367 41.08 -16.44 51.20
CA GLU A 367 42.27 -16.42 50.34
C GLU A 367 43.13 -15.19 50.59
N LEU A 368 42.51 -14.02 50.80
CA LEU A 368 43.30 -12.86 51.20
C LEU A 368 43.90 -13.06 52.59
N THR A 369 43.20 -13.75 53.49
CA THR A 369 43.76 -14.02 54.81
C THR A 369 45.01 -14.89 54.71
N ASN A 370 44.98 -15.92 53.86
CA ASN A 370 46.16 -16.75 53.66
C ASN A 370 47.29 -15.99 53.00
N LEU A 371 46.99 -14.95 52.23
CA LEU A 371 48.01 -14.12 51.60
C LEU A 371 48.65 -13.23 52.66
N ASN A 372 49.93 -13.46 52.95
CA ASN A 372 50.64 -12.72 54.01
C ASN A 372 50.96 -11.33 53.49
N SER A 373 49.96 -10.47 53.52
CA SER A 373 50.08 -9.07 53.10
C SER A 373 49.88 -8.14 54.31
N GLU A 374 49.81 -6.84 54.04
CA GLU A 374 49.61 -5.85 55.07
C GLU A 374 48.13 -5.58 55.33
N LEU A 375 47.24 -6.32 54.67
CA LEU A 375 45.81 -6.14 54.88
C LEU A 375 45.43 -6.46 56.32
N THR A 376 44.51 -5.66 56.87
CA THR A 376 43.97 -5.91 58.19
C THR A 376 42.65 -6.66 58.11
N GLN A 377 42.25 -7.28 59.22
CA GLN A 377 41.07 -8.12 59.23
C GLN A 377 39.81 -7.34 58.90
N GLU A 378 39.70 -6.12 59.45
CA GLU A 378 38.50 -5.32 59.21
C GLU A 378 38.40 -4.89 57.75
N GLU A 379 39.53 -4.63 57.10
CA GLU A 379 39.52 -4.19 55.71
C GLU A 379 39.20 -5.33 54.76
N ILE A 380 39.57 -6.57 55.11
CA ILE A 380 39.32 -7.71 54.24
C ILE A 380 37.83 -7.98 54.10
N GLU A 381 37.08 -7.82 55.18
CA GLU A 381 35.63 -8.04 55.12
C GLU A 381 34.98 -7.07 54.13
N GLN A 382 35.41 -5.80 54.16
CA GLN A 382 34.86 -4.83 53.22
C GLN A 382 35.32 -5.09 51.79
N ILE A 383 36.59 -5.44 51.60
CA ILE A 383 37.08 -5.65 50.24
C ILE A 383 36.45 -6.87 49.60
N SER A 384 36.04 -7.86 50.42
CA SER A 384 35.51 -9.09 49.88
C SER A 384 34.17 -8.91 49.18
N ASN A 385 33.48 -7.79 49.40
CA ASN A 385 32.15 -7.57 48.83
C ASN A 385 32.22 -6.76 47.54
N LEU A 386 33.37 -6.80 46.87
CA LEU A 386 33.55 -6.02 45.61
C LEU A 386 32.95 -6.83 44.48
N LYS A 387 32.50 -6.17 43.42
CA LYS A 387 31.78 -6.90 42.35
C LYS A 387 32.15 -6.36 40.98
N GLY A 388 31.76 -7.08 39.93
CA GLY A 388 31.98 -6.59 38.56
C GLY A 388 33.32 -7.03 38.03
N TYR A 389 34.11 -7.72 38.85
CA TYR A 389 35.39 -8.28 38.33
C TYR A 389 35.10 -9.63 37.68
N THR A 390 34.76 -9.65 36.38
CA THR A 390 34.34 -10.94 35.77
C THR A 390 35.05 -11.27 34.45
N GLY A 391 36.34 -10.98 34.30
CA GLY A 391 37.06 -11.39 33.08
C GLY A 391 38.11 -12.44 33.38
N THR A 392 38.05 -13.61 32.72
CA THR A 392 38.99 -14.69 33.08
C THR A 392 40.19 -14.79 32.13
N HIS A 393 39.98 -14.80 30.82
CA HIS A 393 41.13 -15.01 29.90
C HIS A 393 41.63 -13.66 29.37
N ASN A 394 42.87 -13.31 29.68
CA ASN A 394 43.47 -12.04 29.19
C ASN A 394 44.97 -12.26 29.01
N LEU A 395 45.65 -11.39 28.27
CA LEU A 395 47.10 -11.62 27.98
C LEU A 395 47.86 -11.95 29.26
N SER A 396 48.83 -12.86 29.17
CA SER A 396 49.63 -13.29 30.31
C SER A 396 50.35 -12.12 30.95
N LEU A 397 50.51 -12.21 32.28
CA LEU A 397 51.15 -11.14 33.04
C LEU A 397 52.61 -10.94 32.66
N LYS A 398 53.35 -12.02 32.39
CA LYS A 398 54.76 -11.89 32.04
C LYS A 398 54.91 -11.11 30.74
N ALA A 399 54.07 -11.39 29.75
CA ALA A 399 54.07 -10.59 28.52
C ALA A 399 53.51 -9.20 28.76
N ILE A 400 52.57 -9.05 29.69
CA ILE A 400 52.00 -7.73 29.98
C ILE A 400 53.09 -6.79 30.51
N ASN A 401 53.97 -7.29 31.37
CA ASN A 401 55.06 -6.47 31.88
C ASN A 401 55.99 -6.04 30.74
N LEU A 402 56.32 -6.96 29.84
CA LEU A 402 57.20 -6.63 28.72
C LEU A 402 56.57 -5.58 27.81
N ILE A 403 55.27 -5.70 27.54
CA ILE A 403 54.61 -4.68 26.72
C ILE A 403 54.53 -3.35 27.45
N LEU A 404 54.29 -3.37 28.76
CA LEU A 404 54.18 -2.13 29.53
C LEU A 404 55.51 -1.38 29.56
N ASP A 405 56.63 -2.12 29.68
CA ASP A 405 57.94 -1.48 29.67
C ASP A 405 58.19 -0.74 28.36
N GLU A 406 57.90 -1.38 27.23
CA GLU A 406 58.06 -0.72 25.94
C GLU A 406 57.10 0.43 25.77
N LEU A 407 55.87 0.29 26.27
CA LEU A 407 54.89 1.36 26.17
C LEU A 407 55.34 2.59 26.94
N TRP A 408 55.90 2.39 28.13
CA TRP A 408 56.32 3.54 28.97
C TRP A 408 57.43 4.29 28.23
N HIS A 409 58.46 3.57 27.81
CA HIS A 409 59.66 4.18 27.16
C HIS A 409 59.37 4.78 25.79
N THR A 410 58.53 4.14 24.97
CA THR A 410 58.31 4.61 23.57
C THR A 410 56.83 4.94 23.34
N ASN A 411 56.51 5.69 22.28
CA ASN A 411 55.10 6.16 22.07
C ASN A 411 54.33 5.19 21.17
N ASP A 412 54.85 3.98 20.95
CA ASP A 412 54.23 3.01 20.00
C ASP A 412 52.89 2.43 20.48
N ASN A 413 52.22 1.64 19.64
CA ASN A 413 50.95 0.99 19.96
C ASN A 413 51.15 -0.54 19.94
N GLN A 414 50.12 -1.27 20.37
CA GLN A 414 50.28 -2.71 20.61
C GLN A 414 50.64 -3.47 19.34
N ILE A 415 50.00 -3.13 18.22
CA ILE A 415 50.20 -3.89 16.99
C ILE A 415 51.66 -3.85 16.56
N ALA A 416 52.25 -2.66 16.56
CA ALA A 416 53.64 -2.53 16.16
C ALA A 416 54.61 -3.06 17.20
N ILE A 417 54.23 -3.05 18.48
CA ILE A 417 55.04 -3.75 19.48
C ILE A 417 55.07 -5.24 19.19
N PHE A 418 53.91 -5.82 18.83
CA PHE A 418 53.87 -7.23 18.48
C PHE A 418 54.71 -7.52 17.24
N ASN A 419 54.63 -6.65 16.23
CA ASN A 419 55.46 -6.84 15.04
C ASN A 419 56.94 -6.71 15.36
N ARG A 420 57.32 -5.74 16.19
CA ARG A 420 58.73 -5.53 16.51
C ARG A 420 59.30 -6.69 17.32
N LEU A 421 58.60 -7.08 18.40
CA LEU A 421 59.04 -8.21 19.21
C LEU A 421 58.88 -9.53 18.48
N LYS A 422 58.10 -9.56 17.39
CA LYS A 422 57.85 -10.77 16.61
C LYS A 422 57.31 -11.89 17.50
N LEU A 423 56.38 -11.56 18.38
CA LEU A 423 55.75 -12.56 19.23
C LEU A 423 54.95 -13.53 18.38
N VAL A 424 55.23 -14.82 18.56
CA VAL A 424 54.65 -15.86 17.72
C VAL A 424 53.94 -16.87 18.62
N PRO A 425 52.76 -17.34 18.26
CA PRO A 425 52.11 -18.40 19.05
C PRO A 425 53.01 -19.62 19.16
N LYS A 426 53.08 -20.18 20.36
CA LYS A 426 53.95 -21.31 20.65
C LYS A 426 53.22 -22.49 21.27
N LYS A 427 51.88 -22.44 21.32
CA LYS A 427 51.13 -23.58 21.83
C LYS A 427 51.31 -24.80 20.94
N VAL A 428 51.34 -24.60 19.63
CA VAL A 428 51.57 -25.65 18.65
C VAL A 428 52.78 -25.26 17.81
N ASP A 429 53.71 -26.19 17.63
CA ASP A 429 54.92 -25.94 16.85
C ASP A 429 54.54 -25.84 15.37
N LEU A 430 54.67 -24.64 14.81
CA LEU A 430 54.30 -24.43 13.41
C LEU A 430 55.26 -25.10 12.43
N SER A 431 56.47 -25.45 12.87
CA SER A 431 57.47 -26.00 11.96
C SER A 431 57.10 -27.41 11.51
N GLN A 432 56.67 -28.25 12.44
CA GLN A 432 56.43 -29.65 12.14
C GLN A 432 55.17 -29.85 11.30
N GLN A 433 54.19 -28.95 11.49
CA GLN A 433 52.86 -29.11 10.82
C GLN A 433 52.97 -28.94 9.30
N LYS A 434 52.48 -29.91 8.53
CA LYS A 434 52.45 -29.82 7.04
C LYS A 434 51.49 -28.73 6.57
N GLU A 435 50.33 -28.60 7.21
CA GLU A 435 49.29 -27.63 6.73
C GLU A 435 48.84 -26.73 7.88
N ILE A 436 48.22 -25.58 7.58
CA ILE A 436 47.87 -24.62 8.65
C ILE A 436 47.04 -25.37 9.68
N PRO A 437 47.34 -25.27 10.98
CA PRO A 437 46.64 -26.07 11.97
C PRO A 437 45.42 -25.39 12.59
N THR A 438 44.26 -26.07 12.54
CA THR A 438 43.06 -25.42 13.03
C THR A 438 43.02 -25.30 14.55
N THR A 439 44.03 -25.83 15.25
CA THR A 439 44.04 -25.78 16.70
C THR A 439 44.21 -24.36 17.22
N LEU A 440 45.01 -23.54 16.54
CA LEU A 440 45.32 -22.21 17.05
C LEU A 440 44.08 -21.33 17.15
N VAL A 441 43.09 -21.57 16.28
CA VAL A 441 41.89 -20.75 16.28
C VAL A 441 41.11 -20.92 17.58
N ASP A 442 41.26 -22.07 18.22
CA ASP A 442 40.58 -22.25 19.52
C ASP A 442 41.05 -21.20 20.54
N ASP A 443 42.35 -20.92 20.64
CA ASP A 443 42.85 -20.04 21.72
C ASP A 443 42.36 -18.59 21.66
N PHE A 444 42.39 -17.94 20.49
CA PHE A 444 42.04 -16.50 20.46
C PHE A 444 40.60 -16.36 20.94
N ILE A 445 40.29 -15.33 21.73
CA ILE A 445 38.89 -15.29 22.24
C ILE A 445 38.03 -14.66 21.13
N LEU A 446 37.35 -15.50 20.35
CA LEU A 446 36.52 -15.01 19.22
C LEU A 446 35.14 -15.64 19.38
N SER A 447 34.07 -14.93 19.02
CA SER A 447 32.69 -15.45 19.14
C SER A 447 32.53 -16.74 18.32
N PRO A 448 31.66 -17.71 18.67
CA PRO A 448 31.64 -19.01 17.97
C PRO A 448 31.38 -18.89 16.47
N VAL A 449 30.62 -17.88 16.04
CA VAL A 449 30.42 -17.66 14.61
C VAL A 449 31.75 -17.40 13.93
N VAL A 450 32.54 -16.48 14.49
CA VAL A 450 33.84 -16.15 13.90
C VAL A 450 34.78 -17.35 13.98
N LYS A 451 34.70 -18.12 15.07
CA LYS A 451 35.55 -19.30 15.19
C LYS A 451 35.25 -20.33 14.11
N ARG A 452 33.96 -20.62 13.88
CA ARG A 452 33.59 -21.55 12.83
C ARG A 452 34.00 -21.03 11.46
N SER A 453 33.79 -19.73 11.22
CA SER A 453 34.18 -19.16 9.93
C SER A 453 35.69 -19.26 9.72
N PHE A 454 36.47 -19.01 10.78
CA PHE A 454 37.92 -19.10 10.66
C PHE A 454 38.37 -20.53 10.38
N ILE A 455 37.76 -21.51 11.06
CA ILE A 455 38.14 -22.89 10.83
C ILE A 455 37.83 -23.29 9.39
N GLN A 456 36.63 -22.94 8.91
CA GLN A 456 36.26 -23.26 7.54
C GLN A 456 37.18 -22.57 6.54
N SER A 457 37.53 -21.31 6.80
CA SER A 457 38.41 -20.57 5.91
C SER A 457 39.80 -21.21 5.87
N ILE A 458 40.32 -21.63 7.02
CA ILE A 458 41.63 -22.27 7.05
C ILE A 458 41.61 -23.58 6.29
N LYS A 459 40.51 -24.34 6.42
CA LYS A 459 40.40 -25.57 5.63
C LYS A 459 40.33 -25.27 4.14
N VAL A 460 39.63 -24.22 3.75
CA VAL A 460 39.59 -23.83 2.34
C VAL A 460 40.99 -23.47 1.85
N ILE A 461 41.75 -22.73 2.66
CA ILE A 461 43.12 -22.39 2.29
C ILE A 461 43.96 -23.65 2.14
N ASN A 462 43.81 -24.60 3.05
CA ASN A 462 44.56 -25.85 2.97
C ASN A 462 44.23 -26.58 1.67
N ALA A 463 42.95 -26.67 1.33
CA ALA A 463 42.56 -27.37 0.11
C ALA A 463 43.10 -26.66 -1.13
N ILE A 464 43.02 -25.33 -1.17
CA ILE A 464 43.50 -24.60 -2.34
C ILE A 464 45.01 -24.73 -2.47
N ILE A 465 45.73 -24.69 -1.35
CA ILE A 465 47.18 -24.88 -1.38
C ILE A 465 47.52 -26.27 -1.90
N LYS A 466 46.80 -27.29 -1.43
CA LYS A 466 47.04 -28.65 -1.90
C LYS A 466 46.72 -28.82 -3.37
N LYS A 467 45.74 -28.10 -3.89
CA LYS A 467 45.32 -28.27 -5.28
C LYS A 467 46.12 -27.44 -6.27
N TYR A 468 46.17 -26.12 -6.11
CA TYR A 468 46.80 -25.23 -7.08
C TYR A 468 48.17 -24.74 -6.65
N GLY A 469 48.75 -25.32 -5.60
CA GLY A 469 50.07 -24.92 -5.18
C GLY A 469 50.07 -23.77 -4.19
N LEU A 470 51.26 -23.17 -3.98
CA LEU A 470 51.38 -22.11 -2.94
C LEU A 470 50.85 -20.76 -3.46
N PRO A 471 49.98 -20.07 -2.69
CA PRO A 471 49.40 -18.80 -3.13
C PRO A 471 50.40 -17.65 -2.94
N ASN A 472 50.66 -16.89 -4.00
CA ASN A 472 51.62 -15.76 -3.91
C ASN A 472 51.09 -14.72 -2.94
N ASP A 473 49.79 -14.43 -2.99
CA ASP A 473 49.19 -13.48 -2.03
C ASP A 473 47.82 -13.97 -1.56
N ILE A 474 47.44 -13.71 -0.32
CA ILE A 474 46.09 -14.07 0.17
C ILE A 474 45.42 -12.79 0.62
N ILE A 475 44.17 -12.51 0.27
CA ILE A 475 43.51 -11.29 0.83
C ILE A 475 42.31 -11.73 1.67
N ILE A 476 42.25 -11.34 2.93
CA ILE A 476 41.17 -11.86 3.81
C ILE A 476 40.25 -10.74 4.24
N GLU A 477 38.96 -10.86 3.96
CA GLU A 477 37.95 -9.90 4.42
C GLU A 477 37.06 -10.59 5.44
N LEU A 478 36.97 -10.03 6.64
CA LEU A 478 35.97 -10.57 7.58
C LEU A 478 34.78 -9.65 7.44
N ALA A 479 33.56 -10.16 7.33
CA ALA A 479 32.38 -9.29 7.07
C ALA A 479 32.02 -8.50 8.33
N ARG A 480 31.37 -7.35 8.14
CA ARG A 480 31.07 -6.46 9.28
C ARG A 480 30.11 -7.10 10.28
N GLU A 481 29.10 -7.82 9.81
CA GLU A 481 28.08 -8.34 10.76
C GLU A 481 28.71 -9.33 11.74
N LYS A 482 28.51 -9.12 13.04
CA LYS A 482 29.02 -10.09 14.06
C LYS A 482 28.21 -11.38 14.02
N ASN A 483 26.90 -11.30 13.90
CA ASN A 483 26.02 -12.49 13.93
C ASN A 483 24.70 -12.15 13.23
N SER A 484 23.83 -13.12 12.98
CA SER A 484 22.61 -12.80 12.21
C SER A 484 21.75 -11.78 12.95
N LYS A 485 21.62 -11.89 14.27
CA LYS A 485 20.70 -10.95 14.97
C LYS A 485 21.10 -9.53 14.60
N ASP A 486 22.37 -9.32 14.24
CA ASP A 486 22.81 -7.97 13.79
C ASP A 486 22.54 -7.78 12.32
N ALA A 487 22.60 -8.81 11.50
CA ALA A 487 22.33 -8.52 10.08
C ALA A 487 20.91 -8.00 9.94
N GLN A 488 19.94 -8.61 10.60
CA GLN A 488 18.56 -8.06 10.51
C GLN A 488 18.50 -6.66 11.14
N LYS A 489 19.05 -6.46 12.35
CA LYS A 489 18.89 -5.13 12.99
C LYS A 489 19.41 -4.10 11.99
N MET A 490 20.60 -4.35 11.45
CA MET A 490 21.20 -3.36 10.52
C MET A 490 20.29 -3.23 9.30
N ILE A 491 19.83 -4.33 8.72
CA ILE A 491 19.03 -4.16 7.48
C ILE A 491 17.80 -3.34 7.81
N ASN A 492 17.16 -3.60 8.95
CA ASN A 492 15.96 -2.83 9.33
C ASN A 492 16.33 -1.36 9.48
N GLU A 493 17.44 -1.05 10.17
CA GLU A 493 17.78 0.37 10.41
C GLU A 493 18.04 1.02 9.05
N MET A 494 18.75 0.32 8.17
CA MET A 494 19.10 0.92 6.86
C MET A 494 17.81 1.20 6.09
N GLN A 495 16.88 0.25 6.12
CA GLN A 495 15.58 0.45 5.44
C GLN A 495 14.92 1.71 6.00
N LYS A 496 14.93 1.88 7.32
CA LYS A 496 14.25 3.05 7.93
C LYS A 496 14.94 4.33 7.45
N ARG A 497 16.26 4.34 7.43
CA ARG A 497 17.02 5.53 6.98
C ARG A 497 16.68 5.80 5.51
N ASN A 498 16.61 4.73 4.71
CA ASN A 498 16.32 4.90 3.27
C ASN A 498 14.94 5.53 3.13
N ARG A 499 13.99 5.06 3.96
CA ARG A 499 12.61 5.60 3.93
C ARG A 499 12.63 7.09 4.29
N GLN A 500 13.36 7.48 5.33
CA GLN A 500 13.33 8.90 5.76
C GLN A 500 13.91 9.78 4.65
N THR A 501 15.01 9.34 4.02
CA THR A 501 15.61 10.12 2.91
C THR A 501 14.65 10.18 1.72
N ASN A 502 13.95 9.07 1.46
CA ASN A 502 12.95 9.06 0.35
C ASN A 502 11.87 10.08 0.68
N GLU A 503 11.44 10.15 1.93
CA GLU A 503 10.41 11.12 2.38
C GLU A 503 10.91 12.55 2.19
N ARG A 504 12.20 12.79 2.48
CA ARG A 504 12.77 14.14 2.21
C ARG A 504 12.73 14.40 0.69
N ILE A 505 13.26 13.46 -0.11
CA ILE A 505 13.34 13.64 -1.58
C ILE A 505 11.95 13.90 -2.18
N GLU A 506 10.96 13.05 -1.87
CA GLU A 506 9.62 13.18 -2.51
C GLU A 506 9.00 14.53 -2.14
N GLU A 507 9.14 14.94 -0.87
CA GLU A 507 8.59 16.25 -0.44
C GLU A 507 9.27 17.36 -1.24
N ILE A 508 10.60 17.26 -1.41
CA ILE A 508 11.37 18.29 -2.15
C ILE A 508 10.87 18.34 -3.59
N ILE A 509 10.60 17.18 -4.20
CA ILE A 509 10.20 17.17 -5.64
C ILE A 509 8.90 17.97 -5.76
N ARG A 510 7.95 17.73 -4.85
CA ARG A 510 6.66 18.45 -4.90
C ARG A 510 6.86 19.96 -4.64
N THR A 511 7.66 20.31 -3.63
CA THR A 511 7.83 21.75 -3.28
C THR A 511 8.54 22.50 -4.42
N THR A 512 9.61 21.92 -4.96
CA THR A 512 10.34 22.54 -6.10
C THR A 512 9.46 22.52 -7.34
N GLY A 513 8.68 21.45 -7.52
CA GLY A 513 7.87 21.30 -8.74
C GLY A 513 8.70 20.71 -9.86
N LYS A 514 9.93 20.29 -9.56
CA LYS A 514 10.83 19.73 -10.60
C LYS A 514 11.29 18.32 -10.21
N GLU A 515 11.69 17.52 -11.21
CA GLU A 515 12.12 16.11 -10.99
C GLU A 515 13.65 16.03 -10.90
N ASN A 516 14.32 17.19 -10.82
CA ASN A 516 15.81 17.22 -10.78
C ASN A 516 16.28 16.46 -9.55
N ALA A 517 15.47 16.43 -8.49
CA ALA A 517 15.87 15.79 -7.21
C ALA A 517 16.16 14.30 -7.44
N LYS A 518 15.57 13.70 -8.48
CA LYS A 518 15.73 12.23 -8.70
C LYS A 518 17.22 11.91 -8.86
N TYR A 519 17.98 12.73 -9.59
CA TYR A 519 19.43 12.50 -9.74
C TYR A 519 20.24 13.40 -8.78
N LEU A 520 19.58 14.17 -7.93
CA LEU A 520 20.31 15.14 -7.04
C LEU A 520 20.33 14.65 -5.59
N ILE A 521 20.07 13.36 -5.36
CA ILE A 521 19.98 12.84 -3.96
C ILE A 521 21.30 13.04 -3.23
N GLU A 522 22.44 12.81 -3.90
CA GLU A 522 23.74 12.90 -3.18
C GLU A 522 23.96 14.34 -2.68
N LYS A 523 23.65 15.33 -3.53
CA LYS A 523 23.94 16.75 -3.17
C LYS A 523 22.94 17.22 -2.12
N ILE A 524 21.66 16.87 -2.30
CA ILE A 524 20.62 17.32 -1.37
C ILE A 524 20.86 16.74 0.02
N LYS A 525 21.39 15.52 0.11
CA LYS A 525 21.83 15.00 1.41
C LYS A 525 22.93 15.86 2.00
N LEU A 526 23.86 16.32 1.18
CA LEU A 526 24.94 17.15 1.69
C LEU A 526 24.47 18.54 2.10
N HIS A 527 23.48 19.10 1.41
CA HIS A 527 23.06 20.48 1.63
C HIS A 527 22.57 20.71 3.04
N ASP A 528 21.60 19.90 3.50
CA ASP A 528 21.06 20.12 4.84
C ASP A 528 22.07 19.77 5.93
N MET A 529 22.96 18.80 5.66
CA MET A 529 24.03 18.51 6.61
C MET A 529 24.94 19.70 6.78
N GLN A 530 25.26 20.39 5.68
CA GLN A 530 25.99 21.66 5.77
C GLN A 530 25.07 22.84 6.03
N GLU A 531 23.75 22.61 6.12
CA GLU A 531 22.76 23.66 6.36
C GLU A 531 22.85 24.77 5.31
N GLY A 532 23.08 24.36 4.07
CA GLY A 532 23.20 25.32 2.98
C GLY A 532 24.32 26.31 3.16
N LYS A 533 25.46 25.86 3.66
CA LYS A 533 26.61 26.71 3.91
C LYS A 533 27.84 26.07 3.26
N CYS A 534 28.46 26.79 2.34
CA CYS A 534 29.73 26.33 1.77
C CYS A 534 30.79 26.28 2.88
N LEU A 535 31.23 25.08 3.25
CA LEU A 535 32.15 24.95 4.36
C LEU A 535 33.49 25.62 4.10
N TYR A 536 33.80 25.92 2.84
CA TYR A 536 35.09 26.52 2.48
C TYR A 536 35.05 28.03 2.43
N SER A 537 33.86 28.63 2.28
CA SER A 537 33.73 30.07 2.14
C SER A 537 32.62 30.67 2.99
N LEU A 538 31.83 29.85 3.69
CA LEU A 538 30.80 30.26 4.64
C LEU A 538 29.60 30.91 3.97
N GLU A 539 29.63 31.13 2.66
CA GLU A 539 28.50 31.76 1.98
C GLU A 539 27.28 30.84 1.99
N ALA A 540 26.11 31.44 2.21
CA ALA A 540 24.88 30.68 2.27
C ALA A 540 24.48 30.14 0.91
N ILE A 541 23.99 28.90 0.85
CA ILE A 541 23.65 28.26 -0.46
C ILE A 541 22.16 27.89 -0.47
N PRO A 542 21.35 28.38 -1.44
CA PRO A 542 19.94 27.97 -1.55
C PRO A 542 19.78 26.53 -2.07
N LEU A 543 18.88 25.75 -1.47
CA LEU A 543 18.59 24.37 -1.96
C LEU A 543 17.99 24.44 -3.36
N GLU A 544 17.12 25.41 -3.61
CA GLU A 544 16.46 25.53 -4.94
C GLU A 544 17.54 25.78 -5.98
N ASP A 545 18.55 26.60 -5.66
CA ASP A 545 19.62 26.92 -6.63
C ASP A 545 20.35 25.63 -7.00
N LEU A 546 20.53 24.72 -6.03
CA LEU A 546 21.20 23.42 -6.31
C LEU A 546 20.40 22.63 -7.34
N LEU A 547 19.06 22.63 -7.24
CA LEU A 547 18.22 21.91 -8.22
C LEU A 547 18.25 22.65 -9.57
N ASN A 548 18.08 23.97 -9.57
CA ASN A 548 18.08 24.77 -10.79
C ASN A 548 19.43 24.72 -11.50
N ASN A 549 20.52 24.88 -10.75
CA ASN A 549 21.87 24.92 -11.30
C ASN A 549 22.75 23.94 -10.54
N PRO A 550 22.62 22.64 -10.82
CA PRO A 550 23.48 21.65 -10.13
C PRO A 550 24.96 21.81 -10.43
N PHE A 551 25.32 22.42 -11.57
CA PHE A 551 26.72 22.57 -11.93
C PHE A 551 27.42 23.68 -11.14
N ASN A 552 26.69 24.54 -10.46
CA ASN A 552 27.32 25.56 -9.61
C ASN A 552 27.89 24.97 -8.33
N TYR A 553 27.56 23.72 -8.00
CA TYR A 553 28.06 23.07 -6.80
C TYR A 553 28.58 21.68 -7.16
N GLU A 554 29.63 21.26 -6.45
CA GLU A 554 30.29 19.98 -6.71
C GLU A 554 30.57 19.28 -5.40
N VAL A 555 30.67 17.95 -5.48
CA VAL A 555 30.97 17.10 -4.32
C VAL A 555 32.46 16.90 -4.22
N ASP A 556 33.12 17.73 -3.41
CA ASP A 556 34.56 17.67 -3.22
C ASP A 556 34.89 16.77 -2.05
N HIS A 557 36.11 16.24 -2.05
CA HIS A 557 36.60 15.38 -0.98
C HIS A 557 37.50 16.18 -0.05
N ILE A 558 37.25 16.05 1.26
CA ILE A 558 38.02 16.82 2.24
C ILE A 558 39.49 16.43 2.19
N ILE A 559 39.77 15.14 2.16
CA ILE A 559 41.14 14.63 2.10
C ILE A 559 41.35 13.98 0.73
N PRO A 560 42.51 14.15 0.10
CA PRO A 560 42.76 13.46 -1.17
C PRO A 560 42.66 11.96 -1.01
N ARG A 561 42.06 11.31 -2.01
CA ARG A 561 41.81 9.87 -1.94
C ARG A 561 43.06 9.05 -2.14
N SER A 562 44.17 9.66 -2.57
CA SER A 562 45.43 8.93 -2.66
C SER A 562 45.94 8.48 -1.30
N VAL A 563 45.53 9.16 -0.22
CA VAL A 563 45.92 8.82 1.13
C VAL A 563 44.72 8.44 2.00
N SER A 564 43.62 9.18 1.87
CA SER A 564 42.47 8.97 2.75
C SER A 564 41.85 7.60 2.56
N PHE A 565 41.79 7.17 1.29
CA PHE A 565 41.19 5.86 0.93
C PHE A 565 39.74 5.81 1.40
N ASP A 566 39.16 6.98 1.72
CA ASP A 566 37.76 7.01 2.24
C ASP A 566 36.88 7.66 1.18
N ASN A 567 35.78 6.99 0.83
CA ASN A 567 34.86 7.51 -0.20
C ASN A 567 33.45 7.64 0.38
N SER A 568 33.33 7.66 1.71
CA SER A 568 32.02 7.78 2.36
C SER A 568 31.52 9.23 2.32
N PHE A 569 30.24 9.46 2.60
CA PHE A 569 29.65 10.83 2.60
C PHE A 569 30.38 11.68 3.64
N ASN A 570 30.99 11.04 4.63
CA ASN A 570 31.77 11.77 5.65
C ASN A 570 32.91 12.52 4.96
N ASN A 571 33.48 11.95 3.91
CA ASN A 571 34.62 12.60 3.20
C ASN A 571 34.10 13.36 1.98
N LYS A 572 32.81 13.67 1.91
CA LYS A 572 32.25 14.46 0.79
C LYS A 572 31.66 15.79 1.27
N VAL A 573 31.70 16.85 0.43
CA VAL A 573 31.13 18.18 0.77
C VAL A 573 30.64 18.88 -0.51
N LEU A 574 29.70 19.81 -0.38
CA LEU A 574 29.22 20.59 -1.55
C LEU A 574 29.97 21.91 -1.57
N VAL A 575 30.72 22.20 -2.63
CA VAL A 575 31.57 23.43 -2.63
C VAL A 575 31.45 24.16 -3.97
N LYS A 576 31.89 25.42 -4.01
CA LYS A 576 31.89 26.19 -5.28
C LYS A 576 32.98 25.62 -6.20
N GLN A 577 32.68 25.41 -7.48
CA GLN A 577 33.64 24.92 -8.47
C GLN A 577 34.98 25.64 -8.32
N GLU A 578 34.96 26.96 -8.10
CA GLU A 578 36.20 27.69 -7.90
C GLU A 578 36.90 27.27 -6.62
N GLU A 579 36.12 27.00 -5.57
CA GLU A 579 36.70 26.55 -4.30
C GLU A 579 37.39 25.20 -4.49
N ASN A 580 36.74 24.27 -5.18
CA ASN A 580 37.34 22.96 -5.42
C ASN A 580 38.57 23.08 -6.30
N SER A 581 38.51 23.92 -7.34
CA SER A 581 39.66 24.09 -8.22
C SER A 581 40.85 24.67 -7.47
N LYS A 582 40.61 25.65 -6.60
CA LYS A 582 41.69 26.25 -5.84
C LYS A 582 42.24 25.30 -4.78
N LYS A 583 41.37 24.45 -4.22
CA LYS A 583 41.78 23.59 -3.12
C LYS A 583 42.81 22.55 -3.58
N GLY A 584 42.54 21.89 -4.70
CA GLY A 584 43.51 20.92 -5.20
C GLY A 584 43.58 19.66 -4.35
N ASN A 585 44.69 18.93 -4.53
CA ASN A 585 44.94 17.70 -3.78
C ASN A 585 45.72 18.02 -2.50
N ARG A 586 45.05 18.74 -1.61
CA ARG A 586 45.67 19.19 -0.36
C ARG A 586 44.67 19.03 0.77
N THR A 587 44.95 19.69 1.90
CA THR A 587 44.10 19.62 3.08
C THR A 587 43.44 20.98 3.35
N PRO A 588 42.26 20.99 3.97
CA PRO A 588 41.61 22.28 4.27
C PRO A 588 42.41 23.17 5.18
N PHE A 589 43.30 22.61 6.02
CA PHE A 589 44.07 23.41 6.95
C PHE A 589 44.93 24.44 6.21
N GLN A 590 45.85 23.95 5.38
CA GLN A 590 46.74 24.84 4.65
C GLN A 590 46.02 25.70 3.61
N TYR A 591 44.83 25.30 3.19
CA TYR A 591 44.08 26.07 2.19
C TYR A 591 43.35 27.24 2.84
N LEU A 592 42.71 27.00 3.99
CA LEU A 592 42.14 28.11 4.76
C LEU A 592 43.24 29.02 5.31
N SER A 593 44.41 28.43 5.61
CA SER A 593 45.57 29.26 5.94
C SER A 593 45.99 30.11 4.76
N SER A 594 45.90 29.55 3.55
CA SER A 594 46.23 30.31 2.35
C SER A 594 45.19 31.38 2.09
N SER A 595 45.58 32.39 1.29
CA SER A 595 44.71 33.52 1.02
C SER A 595 43.64 33.22 -0.02
N ASP A 596 43.67 32.04 -0.64
CA ASP A 596 42.67 31.72 -1.66
C ASP A 596 41.26 31.70 -1.09
N SER A 597 41.11 31.12 0.10
CA SER A 597 39.79 31.06 0.74
C SER A 597 39.36 32.45 1.18
N LYS A 598 38.05 32.70 1.11
CA LYS A 598 37.51 34.03 1.50
C LYS A 598 37.08 34.01 2.98
N ILE A 599 37.52 32.99 3.74
CA ILE A 599 37.27 32.96 5.22
C ILE A 599 38.55 32.53 5.94
N SER A 600 38.73 32.95 7.20
CA SER A 600 39.94 32.60 7.98
C SER A 600 39.82 31.20 8.58
N TYR A 601 40.96 30.55 8.84
CA TYR A 601 40.95 29.15 9.36
C TYR A 601 40.28 29.09 10.74
N GLU A 602 40.59 30.04 11.62
CA GLU A 602 40.05 29.97 13.00
C GLU A 602 38.52 30.12 12.96
N THR A 603 38.01 31.05 12.15
CA THR A 603 36.55 31.20 12.03
C THR A 603 35.96 29.91 11.46
N PHE A 604 36.64 29.34 10.46
CA PHE A 604 36.18 28.06 9.87
C PHE A 604 36.07 27.03 10.98
N LYS A 605 37.13 26.91 11.79
CA LYS A 605 37.14 25.90 12.89
C LYS A 605 35.99 26.21 13.83
N LYS A 606 35.79 27.49 14.16
CA LYS A 606 34.74 27.84 15.14
C LYS A 606 33.39 27.41 14.56
N HIS A 607 33.16 27.71 13.29
CA HIS A 607 31.87 27.37 12.65
C HIS A 607 31.75 25.85 12.63
N ILE A 608 32.83 25.16 12.28
CA ILE A 608 32.75 23.66 12.15
C ILE A 608 32.42 23.07 13.52
N LEU A 609 33.10 23.53 14.57
CA LEU A 609 32.88 22.90 15.90
C LEU A 609 31.43 23.11 16.33
N ASN A 610 30.93 24.35 16.20
CA ASN A 610 29.55 24.62 16.69
C ASN A 610 28.56 23.83 15.82
N LEU A 611 28.81 23.79 14.52
CA LEU A 611 27.90 23.06 13.59
C LEU A 611 27.90 21.58 13.96
N ALA A 612 29.06 21.04 14.33
CA ALA A 612 29.14 19.59 14.61
C ALA A 612 28.23 19.25 15.79
N LYS A 613 28.29 20.06 16.85
CA LYS A 613 27.43 19.81 18.03
C LYS A 613 25.96 20.03 17.66
N GLY A 614 25.65 21.02 16.82
CA GLY A 614 24.24 21.36 16.55
C GLY A 614 23.56 20.47 15.53
N LYS A 615 22.48 19.79 15.91
CA LYS A 615 21.66 18.97 14.98
C LYS A 615 22.36 17.65 14.61
N GLY A 616 23.52 17.38 15.21
CA GLY A 616 24.23 16.12 14.94
C GLY A 616 24.43 15.93 13.45
N ARG A 617 24.76 17.00 12.73
CA ARG A 617 24.85 16.91 11.25
C ARG A 617 26.31 16.66 10.83
N ILE A 618 27.26 16.95 11.72
CA ILE A 618 28.65 16.65 11.38
C ILE A 618 29.07 15.44 12.21
N SER A 619 29.54 14.39 11.53
CA SER A 619 29.97 13.19 12.22
C SER A 619 31.31 13.43 12.92
N LYS A 620 31.68 12.48 13.78
CA LYS A 620 32.92 12.60 14.54
C LYS A 620 34.14 12.61 13.61
N THR A 621 34.15 11.75 12.60
CA THR A 621 35.28 11.70 11.68
C THR A 621 35.29 12.86 10.71
N LYS A 622 34.13 13.47 10.44
CA LYS A 622 34.07 14.57 9.48
C LYS A 622 34.85 15.77 9.97
N LYS A 623 34.66 16.15 11.25
CA LYS A 623 35.40 17.30 11.78
C LYS A 623 36.88 16.99 11.92
N GLU A 624 37.23 15.74 12.21
CA GLU A 624 38.64 15.36 12.25
C GLU A 624 39.28 15.49 10.88
N TYR A 625 38.58 15.07 9.83
CA TYR A 625 39.10 15.23 8.47
C TYR A 625 39.20 16.70 8.10
N LEU A 626 38.19 17.50 8.46
CA LEU A 626 38.24 18.92 8.16
C LEU A 626 39.37 19.63 8.91
N LEU A 627 39.59 19.25 10.17
CA LEU A 627 40.58 19.89 11.02
C LEU A 627 41.88 19.10 11.13
N GLU A 628 42.23 18.34 10.09
CA GLU A 628 43.46 17.56 10.10
C GLU A 628 44.64 18.48 9.84
N GLU A 629 45.24 19.01 10.91
CA GLU A 629 46.37 19.92 10.78
C GLU A 629 47.67 19.21 10.43
N ARG A 630 47.82 17.96 10.84
CA ARG A 630 49.06 17.23 10.56
C ARG A 630 49.23 17.01 9.06
N ASP A 631 50.46 17.18 8.59
CA ASP A 631 50.73 17.09 7.16
C ASP A 631 50.57 15.66 6.67
N ILE A 632 49.88 15.50 5.53
CA ILE A 632 49.66 14.18 4.96
C ILE A 632 50.93 13.64 4.34
N ASN A 633 51.92 14.51 4.07
CA ASN A 633 53.15 14.06 3.44
C ASN A 633 53.94 13.14 4.35
N ARG A 634 53.73 13.24 5.66
CA ARG A 634 54.45 12.40 6.61
C ARG A 634 54.07 10.93 6.44
N PHE A 635 55.07 10.05 6.54
CA PHE A 635 54.83 8.63 6.35
C PHE A 635 53.91 8.07 7.43
N SER A 636 54.11 8.52 8.68
CA SER A 636 53.27 8.04 9.77
C SER A 636 51.81 8.44 9.57
N VAL A 637 51.57 9.62 9.02
CA VAL A 637 50.16 10.11 8.88
C VAL A 637 49.45 9.34 7.75
N GLN A 638 50.16 9.10 6.65
CA GLN A 638 49.56 8.31 5.54
C GLN A 638 49.26 6.91 6.08
N LYS A 639 50.19 6.36 6.86
CA LYS A 639 50.02 4.99 7.41
C LYS A 639 48.79 5.01 8.32
N ASP A 640 48.64 6.06 9.13
CA ASP A 640 47.48 6.13 10.04
C ASP A 640 46.19 6.15 9.23
N PHE A 641 46.17 6.94 8.15
CA PHE A 641 44.94 7.00 7.32
C PHE A 641 44.67 5.62 6.73
N ILE A 642 45.69 4.95 6.20
CA ILE A 642 45.51 3.60 5.60
C ILE A 642 44.91 2.69 6.66
N ASN A 643 45.44 2.71 7.87
CA ASN A 643 44.97 1.78 8.92
C ASN A 643 43.52 2.10 9.30
N ARG A 644 43.17 3.38 9.35
CA ARG A 644 41.80 3.70 9.82
C ARG A 644 40.80 3.45 8.70
N ASN A 645 41.25 3.44 7.45
CA ASN A 645 40.26 3.36 6.38
C ASN A 645 40.39 2.13 5.49
N LEU A 646 41.58 1.55 5.36
CA LEU A 646 41.79 0.42 4.47
C LEU A 646 42.15 -0.87 5.17
N VAL A 647 42.81 -0.83 6.32
CA VAL A 647 43.25 -2.02 7.05
C VAL A 647 42.27 -2.27 8.19
N ASP A 648 41.78 -3.50 8.28
CA ASP A 648 40.87 -3.85 9.35
C ASP A 648 41.58 -3.81 10.70
N THR A 649 40.87 -3.45 11.76
CA THR A 649 41.56 -3.29 13.06
C THR A 649 40.87 -4.13 14.13
N ARG A 650 39.77 -4.78 13.78
CA ARG A 650 39.01 -5.54 14.80
C ARG A 650 39.88 -6.70 15.26
N TYR A 651 39.70 -7.17 16.50
CA TYR A 651 40.61 -8.22 17.04
C TYR A 651 40.56 -9.47 16.17
N ALA A 652 39.37 -9.83 15.71
CA ALA A 652 39.27 -11.10 14.98
C ALA A 652 40.12 -11.07 13.72
N THR A 653 40.03 -10.04 12.90
CA THR A 653 40.79 -10.12 11.63
C THR A 653 42.27 -10.17 11.98
N ARG A 654 42.68 -9.36 12.95
CA ARG A 654 44.12 -9.28 13.28
C ARG A 654 44.59 -10.68 13.70
N GLY A 655 43.88 -11.32 14.63
CA GLY A 655 44.34 -12.62 15.09
C GLY A 655 44.53 -13.60 13.95
N LEU A 656 43.57 -13.65 13.02
CA LEU A 656 43.72 -14.55 11.88
C LEU A 656 44.92 -14.16 11.03
N MET A 657 45.10 -12.86 10.79
CA MET A 657 46.26 -12.39 10.03
C MET A 657 47.57 -12.77 10.72
N ASN A 658 47.64 -12.57 12.04
CA ASN A 658 48.85 -12.91 12.77
C ASN A 658 49.13 -14.41 12.71
N LEU A 659 48.09 -15.23 12.84
CA LEU A 659 48.27 -16.67 12.77
C LEU A 659 48.82 -17.09 11.40
N LEU A 660 48.20 -16.59 10.33
CA LEU A 660 48.67 -16.97 8.99
C LEU A 660 50.07 -16.45 8.73
N ARG A 661 50.38 -15.22 9.14
CA ARG A 661 51.71 -14.67 8.95
C ARG A 661 52.75 -15.48 9.71
N SER A 662 52.44 -15.86 10.95
CA SER A 662 53.37 -16.68 11.71
C SER A 662 53.59 -18.03 11.06
N TYR A 663 52.52 -18.66 10.57
CA TYR A 663 52.67 -19.95 9.91
C TYR A 663 53.54 -19.83 8.66
N PHE A 664 53.30 -18.81 7.85
CA PHE A 664 54.09 -18.66 6.63
C PHE A 664 55.54 -18.27 6.93
N ARG A 665 55.76 -17.52 8.01
CA ARG A 665 57.13 -17.11 8.35
C ARG A 665 57.93 -18.28 8.91
N VAL A 666 57.31 -19.10 9.76
CA VAL A 666 58.01 -20.23 10.37
C VAL A 666 58.47 -21.21 9.30
N ASN A 667 57.60 -21.51 8.34
CA ASN A 667 57.93 -22.42 7.26
C ASN A 667 58.73 -21.75 6.14
N ASN A 668 59.06 -20.48 6.29
CA ASN A 668 59.87 -19.75 5.31
C ASN A 668 59.22 -19.76 3.93
N LEU A 669 57.93 -19.47 3.88
CA LEU A 669 57.19 -19.39 2.62
C LEU A 669 56.91 -17.93 2.29
N ASP A 670 57.32 -17.51 1.09
CA ASP A 670 57.18 -16.12 0.65
C ASP A 670 55.73 -15.84 0.25
N VAL A 671 54.87 -15.81 1.26
CA VAL A 671 53.44 -15.61 1.07
C VAL A 671 53.05 -14.33 1.81
N LYS A 672 52.56 -13.35 1.06
CA LYS A 672 52.08 -12.10 1.64
C LYS A 672 50.57 -12.18 1.83
N VAL A 673 50.12 -11.92 3.05
CA VAL A 673 48.70 -11.96 3.40
C VAL A 673 48.30 -10.56 3.85
N LYS A 674 47.13 -10.11 3.40
CA LYS A 674 46.70 -8.73 3.61
C LYS A 674 45.19 -8.69 3.80
N SER A 675 44.72 -7.63 4.46
CA SER A 675 43.32 -7.49 4.83
C SER A 675 42.73 -6.25 4.17
N ILE A 676 41.41 -6.24 3.98
CA ILE A 676 40.70 -5.14 3.34
C ILE A 676 39.50 -4.78 4.19
N ASN A 677 39.27 -3.48 4.36
CA ASN A 677 38.15 -3.00 5.15
C ASN A 677 36.83 -3.34 4.47
N GLY A 678 35.76 -3.43 5.28
CA GLY A 678 34.46 -3.82 4.76
C GLY A 678 33.86 -2.81 3.79
N GLY A 679 34.10 -1.52 4.02
CA GLY A 679 33.54 -0.52 3.12
C GLY A 679 34.27 -0.42 1.79
N PHE A 680 35.53 -0.84 1.75
CA PHE A 680 36.30 -0.74 0.52
C PHE A 680 35.74 -1.66 -0.56
N THR A 681 35.36 -2.88 -0.19
CA THR A 681 34.77 -3.78 -1.18
C THR A 681 33.41 -3.28 -1.64
N SER A 682 32.64 -2.66 -0.75
CA SER A 682 31.35 -2.09 -1.16
C SER A 682 31.56 -0.97 -2.16
N PHE A 683 32.54 -0.09 -1.90
CA PHE A 683 32.86 0.96 -2.86
C PHE A 683 33.31 0.40 -4.20
N LEU A 684 34.19 -0.61 -4.18
CA LEU A 684 34.70 -1.15 -5.43
C LEU A 684 33.63 -1.93 -6.18
N ARG A 685 32.65 -2.47 -5.45
CA ARG A 685 31.45 -3.04 -6.09
C ARG A 685 30.63 -1.94 -6.76
N ARG A 686 30.43 -0.83 -6.06
CA ARG A 686 29.61 0.25 -6.61
C ARG A 686 30.25 0.86 -7.85
N LYS A 687 31.56 1.10 -7.82
CA LYS A 687 32.21 1.81 -8.95
C LYS A 687 32.42 0.91 -10.16
N TRP A 688 32.42 -0.41 -9.96
CA TRP A 688 32.51 -1.29 -11.15
C TRP A 688 31.09 -1.64 -11.59
N LYS A 689 30.07 -1.13 -10.90
CA LYS A 689 28.64 -1.34 -11.28
C LYS A 689 28.28 -2.83 -11.32
N PHE A 690 28.76 -3.62 -10.36
CA PHE A 690 28.38 -5.04 -10.29
C PHE A 690 27.14 -5.24 -9.42
N LYS A 691 26.66 -4.19 -8.75
CA LYS A 691 25.54 -4.40 -7.79
C LYS A 691 24.20 -4.38 -8.50
N LYS A 692 23.95 -5.33 -9.41
CA LYS A 692 22.62 -5.43 -10.06
C LYS A 692 21.56 -5.87 -9.05
N GLU A 693 21.86 -6.87 -8.22
CA GLU A 693 20.85 -7.45 -7.28
C GLU A 693 21.58 -8.18 -6.16
N ARG A 694 20.90 -8.50 -5.04
CA ARG A 694 21.52 -9.30 -3.96
C ARG A 694 20.78 -10.64 -3.77
N ASN A 695 19.94 -11.05 -4.72
CA ASN A 695 19.13 -12.27 -4.49
C ASN A 695 19.44 -13.35 -5.54
N LYS A 696 20.62 -13.31 -6.13
CA LYS A 696 20.94 -14.31 -7.18
C LYS A 696 21.38 -15.60 -6.49
N GLY A 697 21.27 -15.63 -5.18
CA GLY A 697 21.69 -16.80 -4.43
C GLY A 697 22.98 -16.61 -3.67
N TYR A 698 23.74 -17.69 -3.51
CA TYR A 698 25.00 -17.66 -2.80
C TYR A 698 26.16 -17.18 -3.65
N LYS A 699 25.95 -17.13 -4.96
CA LYS A 699 27.05 -16.73 -5.85
C LYS A 699 27.51 -15.32 -5.47
N HIS A 700 26.70 -14.58 -4.72
CA HIS A 700 27.13 -13.24 -4.26
C HIS A 700 28.38 -13.40 -3.38
N HIS A 701 28.37 -14.34 -2.44
CA HIS A 701 29.52 -14.47 -1.52
C HIS A 701 30.75 -14.86 -2.33
N ALA A 702 30.56 -15.47 -3.51
CA ALA A 702 31.74 -15.76 -4.31
C ALA A 702 32.22 -14.51 -5.04
N GLU A 703 31.29 -13.80 -5.70
CA GLU A 703 31.68 -12.67 -6.54
C GLU A 703 32.46 -11.63 -5.77
N ASP A 704 31.97 -11.23 -4.60
CA ASP A 704 32.69 -10.28 -3.77
C ASP A 704 34.12 -10.75 -3.53
N ALA A 705 34.28 -12.03 -3.17
CA ALA A 705 35.61 -12.57 -2.95
C ALA A 705 36.51 -12.34 -4.16
N LEU A 706 35.98 -12.60 -5.36
CA LEU A 706 36.74 -12.35 -6.57
C LEU A 706 37.23 -10.91 -6.61
N ILE A 707 36.33 -9.96 -6.37
CA ILE A 707 36.71 -8.55 -6.37
C ILE A 707 37.83 -8.32 -5.37
N ILE A 708 37.73 -8.95 -4.20
CA ILE A 708 38.77 -8.79 -3.19
C ILE A 708 40.13 -9.15 -3.76
N ALA A 709 40.24 -10.29 -4.43
CA ALA A 709 41.51 -10.67 -5.01
C ALA A 709 41.96 -9.65 -6.04
N ASN A 710 41.02 -9.15 -6.85
CA ASN A 710 41.37 -8.15 -7.85
C ASN A 710 42.02 -6.93 -7.23
N ALA A 711 41.68 -6.61 -5.98
CA ALA A 711 42.29 -5.46 -5.32
C ALA A 711 43.80 -5.59 -5.29
N ASP A 712 44.32 -6.79 -4.98
CA ASP A 712 45.76 -6.99 -4.99
C ASP A 712 46.36 -6.57 -6.32
N PHE A 713 45.71 -6.95 -7.42
CA PHE A 713 46.34 -6.71 -8.71
C PHE A 713 46.33 -5.23 -9.05
N ILE A 714 45.43 -4.46 -8.43
CA ILE A 714 45.43 -3.03 -8.67
C ILE A 714 46.25 -2.29 -7.62
N PHE A 715 46.89 -3.03 -6.70
CA PHE A 715 47.82 -2.44 -5.75
C PHE A 715 49.27 -2.76 -6.10
N LYS A 716 49.53 -3.35 -7.26
CA LYS A 716 50.89 -3.61 -7.72
C LYS A 716 51.15 -3.14 -9.14
N GLU A 717 50.12 -2.93 -9.96
CA GLU A 717 50.31 -2.37 -11.29
C GLU A 717 50.62 -0.89 -11.27
N TRP A 718 50.37 -0.22 -10.15
CA TRP A 718 50.61 1.22 -10.02
C TRP A 718 51.60 1.44 -8.88
N LYS A 719 52.73 2.06 -9.20
CA LYS A 719 53.72 2.35 -8.16
C LYS A 719 53.26 3.47 -7.22
N LYS A 720 52.32 4.30 -7.67
CA LYS A 720 51.87 5.42 -6.85
C LYS A 720 51.36 4.96 -5.48
N LEU A 721 50.66 3.83 -5.44
CA LEU A 721 50.19 3.25 -4.20
C LEU A 721 51.03 2.07 -3.73
N ASP A 722 52.12 1.77 -4.44
CA ASP A 722 52.89 0.56 -4.13
C ASP A 722 53.41 0.57 -2.70
N LYS A 723 53.96 1.70 -2.25
CA LYS A 723 54.42 1.80 -0.87
C LYS A 723 53.29 1.51 0.10
N ALA A 724 52.09 2.01 -0.19
CA ALA A 724 50.94 1.72 0.66
C ALA A 724 50.72 0.23 0.79
N LYS A 725 50.90 -0.53 -0.31
CA LYS A 725 50.80 -1.97 -0.24
C LYS A 725 51.78 -2.53 0.78
N LYS A 726 53.04 -2.06 0.74
CA LYS A 726 54.03 -2.53 1.70
C LYS A 726 53.61 -2.21 3.13
N VAL A 727 52.86 -1.11 3.31
CA VAL A 727 52.31 -0.80 4.62
C VAL A 727 51.20 -1.77 4.98
N MET A 728 50.30 -2.04 4.03
CA MET A 728 49.13 -2.93 4.31
C MET A 728 49.61 -4.36 4.56
N GLU A 729 50.46 -4.89 3.66
CA GLU A 729 50.94 -6.30 3.79
C GLU A 729 51.65 -6.48 5.14
N ASN A 730 52.40 -5.47 5.58
CA ASN A 730 53.14 -5.56 6.88
C ASN A 730 52.15 -5.36 8.02
N GLU A 743 53.06 9.32 -5.23
CA GLU A 743 52.94 10.31 -4.17
C GLU A 743 51.51 10.81 -4.05
N ILE A 744 51.35 12.07 -3.61
CA ILE A 744 50.03 12.66 -3.49
C ILE A 744 49.44 12.88 -4.86
N GLU A 745 48.20 12.41 -5.05
CA GLU A 745 47.54 12.48 -6.34
C GLU A 745 46.14 13.06 -6.18
N THR A 746 45.64 13.63 -7.26
CA THR A 746 44.31 14.22 -7.28
C THR A 746 43.24 13.12 -7.42
N GLU A 747 41.98 13.54 -7.32
CA GLU A 747 40.88 12.59 -7.33
C GLU A 747 40.62 11.99 -8.71
N GLN A 748 40.89 12.72 -9.79
CA GLN A 748 40.71 12.14 -11.12
C GLN A 748 41.76 11.07 -11.38
N GLU A 749 42.97 11.23 -10.82
CA GLU A 749 43.92 10.14 -10.85
C GLU A 749 43.41 8.92 -10.11
N TYR A 750 42.76 9.12 -8.96
CA TYR A 750 42.17 8.01 -8.21
C TYR A 750 41.10 7.30 -9.05
N LYS A 751 40.26 8.09 -9.74
CA LYS A 751 39.26 7.49 -10.63
C LYS A 751 39.91 6.71 -11.76
N GLU A 752 40.98 7.26 -12.33
CA GLU A 752 41.70 6.54 -13.39
C GLU A 752 42.26 5.22 -12.87
N ILE A 753 42.76 5.22 -11.63
CA ILE A 753 43.37 4.00 -11.08
C ILE A 753 42.32 2.94 -10.79
N PHE A 754 41.19 3.31 -10.18
CA PHE A 754 40.27 2.29 -9.67
C PHE A 754 39.03 2.07 -10.54
N ILE A 755 38.47 3.11 -11.15
CA ILE A 755 37.22 2.92 -11.89
C ILE A 755 37.40 1.99 -13.09
N THR A 756 38.60 1.96 -13.66
CA THR A 756 38.82 1.34 -14.97
C THR A 756 38.25 -0.08 -15.04
N PRO A 757 37.17 -0.31 -15.79
CA PRO A 757 36.56 -1.65 -15.82
C PRO A 757 37.11 -2.56 -16.91
N HIS A 758 38.43 -2.69 -17.03
CA HIS A 758 39.01 -3.56 -18.04
C HIS A 758 39.37 -4.90 -17.43
N GLN A 759 38.98 -5.97 -18.13
CA GLN A 759 39.17 -7.36 -17.68
C GLN A 759 38.42 -7.63 -16.38
N ILE A 760 37.43 -6.80 -16.07
CA ILE A 760 36.55 -7.04 -14.93
C ILE A 760 35.23 -7.66 -15.37
N LYS A 761 34.96 -7.70 -16.68
CA LYS A 761 33.76 -8.35 -17.19
C LYS A 761 33.83 -9.86 -16.98
N HIS A 762 35.03 -10.37 -16.66
CA HIS A 762 35.17 -11.80 -16.39
C HIS A 762 34.33 -12.21 -15.19
N ILE A 763 34.29 -11.38 -14.16
CA ILE A 763 33.45 -11.67 -13.00
C ILE A 763 31.98 -11.66 -13.41
N LYS A 764 31.61 -10.78 -14.34
CA LYS A 764 30.23 -10.75 -14.81
C LYS A 764 29.86 -12.04 -15.55
N ASP A 765 30.77 -12.52 -16.40
CA ASP A 765 30.46 -13.69 -17.26
C ASP A 765 30.73 -15.06 -16.61
N PHE A 766 31.62 -15.14 -15.61
CA PHE A 766 31.93 -16.50 -15.09
C PHE A 766 30.64 -17.12 -14.57
N LYS A 767 30.35 -18.36 -14.97
CA LYS A 767 29.08 -19.01 -14.57
C LYS A 767 29.35 -20.27 -13.75
N ASP A 768 30.55 -20.84 -13.84
CA ASP A 768 30.87 -22.13 -13.15
C ASP A 768 31.20 -21.89 -11.68
N TYR A 769 30.28 -21.30 -10.93
CA TYR A 769 30.59 -20.98 -9.52
C TYR A 769 30.31 -22.23 -8.70
N LYS A 770 31.35 -22.99 -8.38
CA LYS A 770 31.17 -24.23 -7.60
C LYS A 770 30.59 -23.85 -6.24
N TYR A 771 29.66 -24.63 -5.72
CA TYR A 771 29.18 -24.36 -4.35
C TYR A 771 29.43 -25.64 -3.56
N SER A 772 29.41 -25.58 -2.23
CA SER A 772 29.54 -26.81 -1.41
C SER A 772 28.78 -26.59 -0.12
N HIS A 773 28.33 -27.65 0.54
CA HIS A 773 27.68 -27.45 1.85
C HIS A 773 28.36 -28.35 2.87
N ARG A 774 28.21 -28.09 4.17
CA ARG A 774 28.95 -28.90 5.16
C ARG A 774 28.09 -30.07 5.59
N VAL A 775 28.51 -31.30 5.28
CA VAL A 775 27.74 -32.51 5.68
C VAL A 775 27.75 -32.58 7.20
N ASP A 776 26.70 -33.10 7.83
CA ASP A 776 26.67 -33.08 9.31
C ASP A 776 26.45 -34.50 9.82
N LYS A 777 27.47 -35.32 9.75
CA LYS A 777 27.34 -36.75 10.14
C LYS A 777 27.22 -36.88 11.65
N LYS A 778 27.52 -35.84 12.42
CA LYS A 778 27.57 -35.99 13.90
C LYS A 778 26.41 -36.86 14.39
N PRO A 779 26.63 -37.94 15.16
CA PRO A 779 25.51 -38.67 15.71
C PRO A 779 25.07 -38.03 17.04
N ASN A 780 24.04 -38.57 17.70
CA ASN A 780 23.58 -38.06 19.01
C ASN A 780 23.20 -36.59 18.91
N ARG A 781 22.83 -36.10 17.73
CA ARG A 781 22.58 -34.64 17.57
C ARG A 781 21.43 -34.20 18.46
N GLU A 782 20.30 -34.90 18.42
CA GLU A 782 19.16 -34.62 19.33
C GLU A 782 18.29 -35.84 19.12
N LEU A 783 17.39 -36.16 20.03
CA LEU A 783 16.59 -37.36 19.76
C LEU A 783 15.13 -36.97 19.65
N ILE A 784 14.49 -36.65 20.76
CA ILE A 784 13.04 -36.39 20.71
C ILE A 784 12.73 -35.03 21.32
N ASN A 785 11.94 -34.21 20.65
CA ASN A 785 11.48 -32.93 21.23
C ASN A 785 10.93 -33.23 22.62
N ASP A 786 11.26 -32.43 23.64
CA ASP A 786 10.87 -32.76 25.04
C ASP A 786 9.61 -32.06 25.53
N THR A 787 8.47 -32.76 25.57
CA THR A 787 7.21 -32.25 26.17
C THR A 787 6.42 -33.54 26.29
N LEU A 788 6.38 -34.12 27.47
CA LEU A 788 5.83 -35.47 27.61
C LEU A 788 4.31 -35.41 27.52
N TYR A 789 3.77 -35.13 26.34
CA TYR A 789 2.30 -35.08 26.14
C TYR A 789 1.65 -36.38 26.57
N SER A 790 0.56 -36.31 27.34
CA SER A 790 -0.19 -37.52 27.75
C SER A 790 -1.14 -37.91 26.63
N THR A 791 -1.77 -39.08 26.68
CA THR A 791 -2.75 -39.39 25.62
C THR A 791 -4.02 -40.03 26.18
N ARG A 792 -5.15 -39.90 25.47
CA ARG A 792 -6.39 -40.58 25.86
C ARG A 792 -6.88 -41.38 24.68
N LYS A 793 -7.86 -42.25 24.94
CA LYS A 793 -8.50 -43.05 23.90
C LYS A 793 -9.93 -42.58 23.72
N ASP A 794 -10.31 -42.35 22.46
CA ASP A 794 -11.64 -41.83 22.15
C ASP A 794 -12.60 -42.98 21.86
N ASP A 795 -13.82 -42.63 21.41
CA ASP A 795 -14.82 -43.66 21.14
C ASP A 795 -14.47 -44.49 19.91
N LYS A 796 -13.92 -43.86 18.88
CA LYS A 796 -13.65 -44.53 17.62
C LYS A 796 -12.43 -45.45 17.67
N GLY A 797 -11.82 -45.62 18.84
CA GLY A 797 -10.68 -46.51 18.99
C GLY A 797 -9.32 -45.88 18.74
N ASN A 798 -9.27 -44.62 18.31
CA ASN A 798 -8.01 -43.95 18.10
C ASN A 798 -7.42 -43.48 19.42
N THR A 799 -6.25 -42.85 19.33
CA THR A 799 -5.59 -42.25 20.49
C THR A 799 -5.30 -40.78 20.18
N LEU A 800 -5.69 -39.91 21.10
CA LEU A 800 -5.57 -38.48 20.93
C LEU A 800 -4.61 -37.89 21.95
N ILE A 801 -3.78 -36.96 21.50
CA ILE A 801 -2.88 -36.23 22.36
C ILE A 801 -3.67 -35.18 23.13
N VAL A 802 -3.37 -35.01 24.41
CA VAL A 802 -4.17 -34.09 25.27
C VAL A 802 -3.36 -32.84 25.58
N ASN A 803 -3.35 -31.87 24.68
CA ASN A 803 -2.66 -30.59 24.95
C ASN A 803 -3.41 -29.89 26.06
N ASN A 804 -2.74 -29.06 26.87
CA ASN A 804 -3.43 -28.43 28.03
C ASN A 804 -3.51 -26.91 27.87
N LEU A 805 -4.70 -26.31 28.03
CA LEU A 805 -4.85 -24.83 27.94
C LEU A 805 -4.27 -24.22 29.20
N ASN A 806 -3.40 -23.21 29.06
CA ASN A 806 -2.73 -22.63 30.26
C ASN A 806 -2.87 -21.11 30.22
N GLY A 807 -2.72 -20.45 31.38
CA GLY A 807 -2.88 -18.99 31.44
C GLY A 807 -4.24 -18.52 30.97
N LEU A 808 -5.29 -19.20 31.41
CA LEU A 808 -6.66 -18.84 30.97
C LEU A 808 -6.97 -17.43 31.44
N TYR A 809 -6.60 -17.09 32.67
CA TYR A 809 -7.00 -15.77 33.21
C TYR A 809 -6.24 -14.62 32.55
N ASP A 810 -5.17 -14.88 31.79
CA ASP A 810 -4.36 -13.77 31.21
C ASP A 810 -5.22 -12.96 30.23
N LYS A 811 -4.97 -11.66 30.09
CA LYS A 811 -5.82 -10.77 29.25
C LYS A 811 -5.81 -11.12 27.76
N ASP A 812 -4.67 -11.49 27.18
CA ASP A 812 -4.62 -11.65 25.69
C ASP A 812 -4.91 -13.07 25.19
N ASN A 813 -4.93 -14.08 26.05
CA ASN A 813 -5.08 -15.48 25.56
C ASN A 813 -6.55 -15.83 25.35
N ASP A 814 -7.01 -15.87 24.10
CA ASP A 814 -8.45 -16.12 23.86
C ASP A 814 -8.71 -17.56 23.41
N LYS A 815 -7.78 -18.47 23.66
CA LYS A 815 -7.99 -19.81 23.11
C LYS A 815 -9.28 -20.39 23.66
N LEU A 816 -9.51 -20.29 24.96
CA LEU A 816 -10.71 -20.97 25.52
C LEU A 816 -11.90 -20.46 24.72
N LYS A 817 -11.95 -19.15 24.49
CA LYS A 817 -13.15 -18.62 23.82
C LYS A 817 -13.29 -19.31 22.48
N LYS A 818 -12.26 -19.25 21.65
CA LYS A 818 -12.43 -19.78 20.27
C LYS A 818 -12.88 -21.23 20.35
N LEU A 819 -12.27 -22.02 21.23
CA LEU A 819 -12.61 -23.45 21.25
C LEU A 819 -14.05 -23.56 21.70
N ILE A 820 -14.43 -22.86 22.77
CA ILE A 820 -15.80 -23.06 23.32
C ILE A 820 -16.81 -22.90 22.18
N ASN A 821 -16.79 -21.75 21.50
CA ASN A 821 -17.83 -21.51 20.47
C ASN A 821 -17.70 -22.52 19.32
N LYS A 822 -16.48 -22.74 18.80
CA LYS A 822 -16.33 -23.62 17.61
C LYS A 822 -16.56 -25.11 17.92
N SER A 823 -15.94 -25.64 18.97
CA SER A 823 -16.03 -27.10 19.26
C SER A 823 -15.94 -27.38 20.76
N PRO A 824 -17.06 -27.33 21.50
CA PRO A 824 -17.04 -27.60 22.92
C PRO A 824 -16.63 -29.03 23.23
N GLU A 825 -17.04 -29.98 22.40
CA GLU A 825 -16.78 -31.40 22.71
C GLU A 825 -15.28 -31.71 22.82
N LYS A 826 -14.40 -30.75 22.54
CA LYS A 826 -12.95 -31.05 22.55
C LYS A 826 -12.43 -30.87 23.97
N LEU A 827 -12.97 -29.94 24.74
CA LEU A 827 -12.52 -29.84 26.15
C LEU A 827 -12.86 -31.15 26.84
N LEU A 828 -11.93 -31.68 27.62
CA LEU A 828 -12.16 -32.99 28.27
C LEU A 828 -13.35 -32.78 29.18
N MET A 829 -13.58 -31.54 29.60
CA MET A 829 -14.65 -31.30 30.59
C MET A 829 -16.01 -31.69 30.00
N TYR A 830 -16.24 -31.37 28.74
CA TYR A 830 -17.58 -31.57 28.13
C TYR A 830 -18.18 -32.91 28.57
N HIS A 831 -17.39 -33.99 28.57
CA HIS A 831 -18.04 -35.29 28.86
C HIS A 831 -17.73 -35.78 30.28
N HIS A 832 -16.46 -35.73 30.67
CA HIS A 832 -16.05 -36.30 31.99
C HIS A 832 -16.66 -35.50 33.15
N ASP A 833 -16.77 -34.17 33.05
CA ASP A 833 -17.45 -33.37 34.12
C ASP A 833 -18.40 -32.34 33.51
N PRO A 834 -19.69 -32.65 33.19
CA PRO A 834 -20.53 -31.66 32.50
C PRO A 834 -20.89 -30.36 33.21
N GLN A 835 -21.27 -30.42 34.48
CA GLN A 835 -21.77 -29.20 35.16
C GLN A 835 -20.77 -28.05 34.96
N THR A 836 -19.49 -28.30 35.16
CA THR A 836 -18.50 -27.18 35.11
C THR A 836 -18.48 -26.58 33.71
N TYR A 837 -18.73 -27.41 32.70
CA TYR A 837 -18.80 -26.80 31.36
C TYR A 837 -19.96 -25.81 31.38
N GLN A 838 -21.07 -26.11 32.06
CA GLN A 838 -22.23 -25.19 32.00
C GLN A 838 -21.82 -23.85 32.61
N LYS A 839 -21.09 -23.87 33.72
CA LYS A 839 -20.65 -22.62 34.37
C LYS A 839 -19.75 -21.88 33.38
N LEU A 840 -18.81 -22.59 32.75
CA LEU A 840 -17.88 -21.84 31.88
C LEU A 840 -18.71 -21.20 30.75
N LYS A 841 -19.67 -21.94 30.20
CA LYS A 841 -20.44 -21.42 29.04
C LYS A 841 -21.24 -20.20 29.46
N LEU A 842 -21.90 -20.26 30.61
CA LEU A 842 -22.74 -19.11 31.01
C LEU A 842 -21.78 -17.94 31.11
N ILE A 843 -20.55 -18.18 31.60
CA ILE A 843 -19.66 -16.99 31.72
C ILE A 843 -19.28 -16.50 30.33
N MET A 844 -18.95 -17.40 29.40
CA MET A 844 -18.50 -16.98 28.06
C MET A 844 -19.62 -16.22 27.35
N GLU A 845 -20.87 -16.65 27.47
CA GLU A 845 -21.94 -15.94 26.71
C GLU A 845 -22.12 -14.51 27.24
N GLN A 846 -22.17 -14.33 28.57
CA GLN A 846 -22.45 -12.98 29.14
C GLN A 846 -21.37 -11.98 28.79
N TYR A 847 -20.09 -12.37 28.89
CA TYR A 847 -19.00 -11.38 28.68
C TYR A 847 -18.30 -11.69 27.36
N GLY A 848 -19.02 -12.24 26.40
CA GLY A 848 -18.41 -12.69 25.13
C GLY A 848 -17.74 -11.58 24.35
N ASP A 849 -18.18 -10.34 24.51
CA ASP A 849 -17.64 -9.27 23.67
C ASP A 849 -16.12 -9.16 23.88
N GLU A 850 -15.66 -9.26 25.13
CA GLU A 850 -14.22 -9.05 25.39
C GLU A 850 -13.39 -10.13 24.70
N LYS A 851 -12.17 -9.80 24.27
CA LYS A 851 -11.26 -10.82 23.67
C LYS A 851 -11.14 -12.00 24.64
N ASN A 852 -11.05 -11.73 25.94
CA ASN A 852 -10.89 -12.80 26.93
C ASN A 852 -12.00 -12.66 27.97
N PRO A 853 -13.10 -13.40 27.85
CA PRO A 853 -14.20 -13.25 28.82
C PRO A 853 -13.80 -13.57 30.25
N LEU A 854 -12.85 -14.47 30.46
CA LEU A 854 -12.43 -14.81 31.82
C LEU A 854 -11.75 -13.63 32.50
N TYR A 855 -10.91 -12.89 31.76
CA TYR A 855 -10.26 -11.72 32.34
C TYR A 855 -11.29 -10.66 32.73
N LYS A 856 -12.29 -10.44 31.87
CA LYS A 856 -13.33 -9.48 32.19
C LYS A 856 -14.16 -9.93 33.39
N TYR A 857 -14.40 -11.25 33.50
CA TYR A 857 -15.07 -11.80 34.68
C TYR A 857 -14.26 -11.53 35.95
N TYR A 858 -12.95 -11.72 35.87
CA TYR A 858 -12.08 -11.43 37.02
C TYR A 858 -12.11 -9.95 37.37
N GLU A 859 -12.14 -9.09 36.36
CA GLU A 859 -12.15 -7.64 36.59
C GLU A 859 -13.45 -7.13 37.21
N GLU A 860 -14.52 -7.91 37.29
CA GLU A 860 -15.77 -7.42 37.86
C GLU A 860 -16.17 -8.21 39.10
N THR A 861 -15.78 -9.49 39.15
CA THR A 861 -16.24 -10.35 40.29
C THR A 861 -15.06 -10.64 41.22
N GLY A 862 -13.83 -10.62 40.69
CA GLY A 862 -12.64 -10.86 41.52
C GLY A 862 -12.48 -12.32 41.90
N ASN A 863 -13.17 -13.22 41.20
CA ASN A 863 -13.08 -14.67 41.51
C ASN A 863 -12.64 -15.41 40.26
N TYR A 864 -11.73 -16.36 40.39
CA TYR A 864 -11.35 -17.19 39.23
C TYR A 864 -12.48 -18.18 38.99
N LEU A 865 -12.53 -18.83 37.82
CA LEU A 865 -13.71 -19.71 37.52
C LEU A 865 -13.55 -21.00 38.32
N THR A 866 -14.24 -21.10 39.43
CA THR A 866 -14.05 -22.29 40.30
C THR A 866 -14.79 -23.48 39.70
N LYS A 867 -14.39 -24.69 40.05
CA LYS A 867 -15.09 -25.91 39.60
C LYS A 867 -16.48 -25.90 40.24
N TYR A 868 -17.47 -26.46 39.56
CA TYR A 868 -18.84 -26.39 40.10
C TYR A 868 -18.89 -27.17 41.39
N SER A 869 -19.51 -26.62 42.43
CA SER A 869 -19.67 -27.37 43.69
C SER A 869 -21.01 -27.01 44.32
N LYS A 870 -21.61 -27.94 45.06
CA LYS A 870 -22.87 -27.63 45.78
C LYS A 870 -22.57 -26.65 46.92
N LYS A 871 -21.40 -26.79 47.56
CA LYS A 871 -21.08 -25.93 48.73
C LYS A 871 -20.28 -24.69 48.29
N ASP A 872 -19.99 -24.58 47.00
CA ASP A 872 -19.17 -23.44 46.48
C ASP A 872 -17.81 -23.42 47.17
N ASN A 873 -17.25 -24.60 47.46
CA ASN A 873 -15.90 -24.69 48.09
C ASN A 873 -14.94 -25.25 47.03
N GLY A 874 -15.34 -25.21 45.77
CA GLY A 874 -14.52 -25.83 44.70
C GLY A 874 -13.17 -25.19 44.51
N PRO A 875 -12.16 -25.93 44.04
CA PRO A 875 -10.84 -25.37 43.77
C PRO A 875 -10.84 -24.46 42.53
N VAL A 876 -9.79 -23.66 42.35
CA VAL A 876 -9.68 -22.76 41.16
C VAL A 876 -9.51 -23.60 39.90
N ILE A 877 -9.59 -23.01 38.72
CA ILE A 877 -9.31 -23.76 37.47
C ILE A 877 -8.34 -22.93 36.66
N LYS A 878 -7.11 -23.38 36.54
CA LYS A 878 -6.09 -22.63 35.81
C LYS A 878 -5.61 -23.42 34.60
N LYS A 879 -5.77 -24.74 34.56
CA LYS A 879 -5.45 -25.49 33.32
C LYS A 879 -6.64 -26.36 32.92
N ILE A 880 -7.17 -26.21 31.71
CA ILE A 880 -8.32 -27.02 31.24
C ILE A 880 -7.74 -27.88 30.13
N LYS A 881 -7.91 -29.20 30.14
CA LYS A 881 -7.21 -30.06 29.17
C LYS A 881 -8.10 -30.37 27.99
N TYR A 882 -7.55 -30.50 26.79
CA TYR A 882 -8.43 -30.70 25.65
C TYR A 882 -7.76 -31.59 24.61
N TYR A 883 -8.58 -32.37 23.89
CA TYR A 883 -8.11 -33.47 23.02
C TYR A 883 -7.20 -33.18 21.84
N GLY A 884 -7.01 -31.96 21.39
CA GLY A 884 -6.00 -31.75 20.34
C GLY A 884 -6.13 -32.66 19.12
N ASN A 885 -5.06 -33.35 18.71
CA ASN A 885 -5.09 -34.14 17.44
C ASN A 885 -4.81 -35.63 17.66
N LYS A 886 -4.66 -36.41 16.59
CA LYS A 886 -4.41 -37.87 16.70
C LYS A 886 -2.91 -38.15 16.76
N LEU A 887 -2.51 -39.40 17.05
CA LEU A 887 -1.06 -39.72 17.26
C LEU A 887 -0.54 -40.53 16.07
N ASN A 888 0.52 -40.06 15.41
CA ASN A 888 1.07 -40.76 14.21
C ASN A 888 2.48 -41.30 14.48
N ALA A 889 3.39 -40.46 14.96
CA ALA A 889 4.78 -40.88 15.27
C ALA A 889 5.06 -40.63 16.75
N HIS A 890 5.61 -41.63 17.45
CA HIS A 890 5.75 -41.41 18.91
C HIS A 890 6.86 -42.28 19.51
N LEU A 891 7.71 -41.71 20.37
CA LEU A 891 8.70 -42.54 21.09
C LEU A 891 7.96 -42.93 22.36
N ASP A 892 7.46 -44.15 22.43
CA ASP A 892 6.60 -44.49 23.59
C ASP A 892 7.48 -44.70 24.82
N ILE A 893 7.31 -43.85 25.83
CA ILE A 893 8.13 -43.95 27.05
C ILE A 893 7.23 -44.48 28.15
N THR A 894 6.11 -45.11 27.78
CA THR A 894 5.13 -45.53 28.81
C THR A 894 5.75 -46.52 29.79
N ASP A 895 6.76 -47.27 29.37
CA ASP A 895 7.37 -48.30 30.24
C ASP A 895 7.97 -47.64 31.48
N ASP A 896 8.55 -46.45 31.34
CA ASP A 896 9.21 -45.76 32.48
C ASP A 896 8.17 -45.40 33.55
N TYR A 897 6.98 -44.97 33.13
CA TYR A 897 5.93 -44.57 34.10
C TYR A 897 5.11 -45.81 34.44
N PRO A 898 5.21 -46.35 35.66
CA PRO A 898 4.56 -47.61 35.99
C PRO A 898 3.04 -47.67 36.04
N ASN A 899 2.45 -48.77 35.58
CA ASN A 899 0.98 -48.98 35.69
C ASN A 899 0.19 -47.83 35.09
N SER A 900 0.58 -47.32 33.93
CA SER A 900 -0.12 -46.13 33.39
C SER A 900 -1.38 -46.58 32.66
N ARG A 901 -2.55 -46.09 33.09
CA ARG A 901 -3.83 -46.48 32.46
C ARG A 901 -3.84 -45.97 31.02
N ASN A 902 -3.25 -44.80 30.76
CA ASN A 902 -3.24 -44.21 29.41
C ASN A 902 -1.80 -44.14 28.94
N LYS A 903 -1.58 -44.10 27.63
CA LYS A 903 -0.20 -44.14 27.10
C LYS A 903 0.48 -42.79 27.33
N VAL A 904 1.81 -42.75 27.41
CA VAL A 904 2.58 -41.52 27.50
C VAL A 904 3.59 -41.51 26.37
N VAL A 905 3.55 -40.48 25.54
CA VAL A 905 4.30 -40.46 24.29
C VAL A 905 5.08 -39.16 24.15
N LYS A 906 6.04 -39.19 23.24
CA LYS A 906 6.76 -38.02 22.78
C LYS A 906 6.73 -37.99 21.26
N LEU A 907 6.89 -36.80 20.68
CA LEU A 907 6.67 -36.59 19.26
C LEU A 907 7.95 -36.14 18.57
N SER A 908 7.87 -36.11 17.23
CA SER A 908 8.90 -35.55 16.37
C SER A 908 10.25 -36.26 16.56
N LEU A 909 10.25 -37.54 16.19
CA LEU A 909 11.50 -38.31 16.18
C LEU A 909 12.45 -37.72 15.15
N LYS A 910 13.57 -37.21 15.63
CA LYS A 910 14.43 -36.48 14.71
C LYS A 910 15.23 -37.47 13.89
N PRO A 911 15.15 -37.47 12.55
CA PRO A 911 15.84 -38.48 11.73
C PRO A 911 17.34 -38.22 11.66
N TYR A 912 18.11 -39.30 11.75
CA TYR A 912 19.56 -39.24 11.64
C TYR A 912 20.04 -39.36 10.19
N ARG A 913 19.59 -40.41 9.49
CA ARG A 913 19.97 -40.58 8.10
C ARG A 913 18.91 -41.46 7.43
N PHE A 914 19.03 -41.62 6.12
CA PHE A 914 18.15 -42.55 5.42
C PHE A 914 18.90 -43.28 4.32
N ASP A 915 18.66 -44.58 4.22
CA ASP A 915 19.34 -45.45 3.28
C ASP A 915 18.37 -45.86 2.18
N VAL A 916 18.80 -45.75 0.92
CA VAL A 916 17.94 -46.04 -0.21
C VAL A 916 18.27 -47.42 -0.77
N TYR A 917 17.23 -48.22 -1.01
CA TYR A 917 17.35 -49.55 -1.57
C TYR A 917 16.58 -49.64 -2.88
N LEU A 918 17.11 -50.42 -3.81
CA LEU A 918 16.46 -50.70 -5.09
C LEU A 918 15.99 -52.14 -5.08
N ASP A 919 14.69 -52.35 -4.85
CA ASP A 919 14.11 -53.69 -4.76
C ASP A 919 13.14 -53.88 -5.92
N ASN A 920 13.36 -54.94 -6.70
CA ASN A 920 12.47 -55.31 -7.80
C ASN A 920 12.23 -54.14 -8.76
N GLY A 921 13.25 -53.29 -8.91
CA GLY A 921 13.18 -52.18 -9.83
C GLY A 921 12.56 -50.90 -9.29
N VAL A 922 12.10 -50.90 -8.03
CA VAL A 922 11.51 -49.71 -7.43
C VAL A 922 12.39 -49.26 -6.27
N TYR A 923 12.48 -47.95 -6.08
CA TYR A 923 13.33 -47.37 -5.05
C TYR A 923 12.51 -47.12 -3.79
N LYS A 924 12.95 -47.68 -2.67
CA LYS A 924 12.42 -47.36 -1.36
C LYS A 924 13.54 -46.85 -0.47
N PHE A 925 13.21 -46.42 0.74
CA PHE A 925 14.24 -46.03 1.67
C PHE A 925 13.79 -46.32 3.10
N VAL A 926 14.76 -46.65 3.94
CA VAL A 926 14.54 -46.87 5.36
C VAL A 926 15.22 -45.76 6.13
N THR A 927 14.51 -45.17 7.08
CA THR A 927 15.00 -44.04 7.85
C THR A 927 15.67 -44.54 9.12
N VAL A 928 16.99 -44.40 9.20
CA VAL A 928 17.73 -44.68 10.43
C VAL A 928 17.52 -43.44 11.31
N LYS A 929 16.57 -43.58 12.24
CA LYS A 929 16.27 -42.48 13.17
C LYS A 929 17.40 -42.34 14.18
N ASN A 930 17.52 -41.14 14.75
CA ASN A 930 18.58 -40.88 15.72
C ASN A 930 18.41 -41.71 16.98
N LEU A 931 17.19 -42.16 17.28
CA LEU A 931 16.96 -42.99 18.46
C LEU A 931 17.59 -44.37 18.33
N ASP A 932 17.97 -44.77 17.12
CA ASP A 932 18.51 -46.11 16.87
C ASP A 932 20.03 -46.14 16.86
N VAL A 933 20.66 -45.01 17.22
CA VAL A 933 22.16 -44.95 17.28
C VAL A 933 22.59 -44.98 18.74
N ILE A 934 22.69 -46.18 19.35
CA ILE A 934 23.04 -46.30 20.80
C ILE A 934 24.52 -46.02 20.97
N LYS A 935 24.92 -45.55 22.15
CA LYS A 935 26.34 -45.15 22.34
C LYS A 935 27.06 -46.11 23.28
N LYS A 936 28.08 -46.78 22.78
CA LYS A 936 28.88 -47.63 23.69
C LYS A 936 30.29 -47.03 23.68
N GLU A 937 30.71 -46.42 24.79
CA GLU A 937 32.08 -45.84 24.90
C GLU A 937 32.34 -44.87 23.75
N ASN A 938 33.52 -45.00 23.12
CA ASN A 938 33.89 -44.11 21.98
C ASN A 938 33.02 -44.34 20.75
N TYR A 939 32.76 -45.59 20.37
CA TYR A 939 32.05 -45.86 19.09
C TYR A 939 30.55 -45.57 19.17
N TYR A 940 29.93 -45.17 18.06
CA TYR A 940 28.46 -44.99 18.00
C TYR A 940 27.97 -46.06 17.02
N GLU A 941 27.02 -46.91 17.40
CA GLU A 941 26.64 -48.08 16.55
C GLU A 941 25.13 -48.10 16.31
N VAL A 942 24.69 -48.43 15.10
CA VAL A 942 23.23 -48.46 14.76
C VAL A 942 22.57 -49.70 15.35
N ASN A 943 21.58 -49.53 16.22
CA ASN A 943 20.89 -50.63 16.88
C ASN A 943 20.41 -51.62 15.81
N SER A 944 20.97 -52.83 15.82
CA SER A 944 20.68 -53.81 14.79
C SER A 944 19.20 -54.23 14.81
N LYS A 945 18.65 -54.44 16.01
CA LYS A 945 17.27 -54.90 16.10
C LYS A 945 16.29 -53.85 15.58
N CYS A 946 16.45 -52.59 16.01
CA CYS A 946 15.56 -51.54 15.54
C CYS A 946 15.74 -51.28 14.05
N TYR A 947 16.98 -51.34 13.55
CA TYR A 947 17.21 -51.17 12.13
C TYR A 947 16.53 -52.28 11.32
N GLU A 948 16.62 -53.52 11.80
CA GLU A 948 15.95 -54.62 11.11
C GLU A 948 14.44 -54.45 11.14
N GLU A 949 13.89 -54.01 12.28
CA GLU A 949 12.45 -53.78 12.36
C GLU A 949 12.01 -52.70 11.38
N ALA A 950 12.78 -51.61 11.30
CA ALA A 950 12.44 -50.55 10.35
C ALA A 950 12.58 -51.02 8.91
N LYS A 951 13.58 -51.86 8.62
CA LYS A 951 13.75 -52.39 7.28
C LYS A 951 12.57 -53.28 6.89
N LYS A 952 12.11 -54.12 7.81
CA LYS A 952 10.97 -54.98 7.53
C LYS A 952 9.68 -54.18 7.42
N LEU A 953 9.56 -53.09 8.18
CA LEU A 953 8.35 -52.26 8.12
C LEU A 953 8.16 -51.62 6.75
N LYS A 954 9.23 -51.47 5.98
CA LYS A 954 9.15 -50.88 4.65
C LYS A 954 8.92 -51.91 3.55
N LYS A 955 8.73 -53.18 3.92
CA LYS A 955 8.53 -54.26 2.95
C LYS A 955 9.72 -54.37 2.00
N ILE A 956 10.89 -54.60 2.60
CA ILE A 956 12.15 -54.73 1.87
C ILE A 956 12.59 -56.18 1.92
N SER A 957 12.86 -56.76 0.75
CA SER A 957 13.34 -58.13 0.69
C SER A 957 14.79 -58.20 1.15
N ASN A 958 15.24 -59.43 1.43
CA ASN A 958 16.58 -59.64 1.95
C ASN A 958 17.65 -59.59 0.89
N GLN A 959 17.29 -59.64 -0.39
CA GLN A 959 18.26 -59.54 -1.48
C GLN A 959 18.27 -58.16 -2.14
N ALA A 960 17.58 -57.19 -1.54
CA ALA A 960 17.51 -55.86 -2.13
C ALA A 960 18.89 -55.23 -2.21
N GLU A 961 19.21 -54.71 -3.39
CA GLU A 961 20.53 -54.10 -3.60
C GLU A 961 20.60 -52.74 -2.91
N PHE A 962 21.74 -52.44 -2.32
CA PHE A 962 21.96 -51.20 -1.59
C PHE A 962 22.57 -50.16 -2.51
N ILE A 963 22.00 -48.96 -2.51
CA ILE A 963 22.42 -47.92 -3.43
C ILE A 963 23.29 -46.91 -2.71
N ALA A 964 22.74 -46.27 -1.67
CA ALA A 964 23.47 -45.22 -0.96
C ALA A 964 22.81 -44.97 0.39
N SER A 965 23.52 -44.24 1.23
CA SER A 965 23.02 -43.76 2.51
C SER A 965 23.27 -42.26 2.58
N PHE A 966 22.22 -41.50 2.90
CA PHE A 966 22.28 -40.04 2.90
C PHE A 966 22.14 -39.52 4.32
N TYR A 967 23.12 -38.72 4.74
CA TYR A 967 23.04 -37.91 5.94
C TYR A 967 22.48 -36.55 5.57
N ASN A 968 22.56 -35.58 6.48
CA ASN A 968 22.16 -34.22 6.16
C ASN A 968 23.12 -33.60 5.15
N ASN A 969 22.56 -32.90 4.17
CA ASN A 969 23.27 -32.08 3.19
C ASN A 969 24.11 -32.87 2.21
N ASP A 970 24.07 -34.20 2.25
CA ASP A 970 24.65 -34.98 1.17
C ASP A 970 23.85 -34.78 -0.11
N LEU A 971 24.55 -34.61 -1.23
CA LEU A 971 23.87 -34.25 -2.47
C LEU A 971 23.18 -35.48 -3.03
N ILE A 972 21.92 -35.32 -3.43
CA ILE A 972 21.13 -36.38 -4.03
C ILE A 972 20.79 -35.97 -5.46
N LYS A 973 20.66 -36.97 -6.34
CA LYS A 973 20.29 -36.75 -7.72
C LYS A 973 19.08 -37.62 -8.02
N ILE A 974 17.90 -36.98 -8.02
CA ILE A 974 16.62 -37.71 -8.20
C ILE A 974 16.10 -37.39 -9.60
N ASN A 975 16.05 -38.38 -10.49
CA ASN A 975 15.48 -38.19 -11.85
C ASN A 975 16.28 -37.11 -12.58
N GLY A 976 17.54 -36.89 -12.20
CA GLY A 976 18.39 -35.94 -12.93
C GLY A 976 18.47 -34.53 -12.35
N GLU A 977 17.64 -34.19 -11.36
CA GLU A 977 17.76 -32.85 -10.74
C GLU A 977 18.49 -32.95 -9.41
N LEU A 978 19.64 -32.28 -9.27
CA LEU A 978 20.46 -32.34 -8.03
C LEU A 978 19.75 -31.56 -6.91
N TYR A 979 19.87 -32.03 -5.66
CA TYR A 979 19.25 -31.35 -4.50
C TYR A 979 20.09 -31.66 -3.27
N ARG A 980 19.90 -30.95 -2.15
CA ARG A 980 20.64 -31.26 -0.91
C ARG A 980 19.63 -31.67 0.16
N VAL A 981 19.78 -32.86 0.75
CA VAL A 981 18.78 -33.34 1.68
C VAL A 981 18.86 -32.54 2.97
N ILE A 982 17.70 -32.13 3.49
CA ILE A 982 17.64 -31.45 4.78
C ILE A 982 17.23 -32.48 5.83
N GLY A 983 16.55 -33.52 5.39
CA GLY A 983 16.06 -34.58 6.25
C GLY A 983 14.71 -35.06 5.76
N VAL A 984 14.41 -36.31 6.10
CA VAL A 984 13.15 -36.90 5.66
C VAL A 984 12.00 -36.23 6.38
N ASN A 985 10.94 -35.89 5.64
CA ASN A 985 9.77 -35.22 6.27
C ASN A 985 8.92 -36.30 6.94
N ASN A 986 8.25 -37.15 6.16
CA ASN A 986 7.50 -38.26 6.79
C ASN A 986 7.98 -39.57 6.19
N ASP A 987 8.46 -40.48 7.03
CA ASP A 987 8.94 -41.80 6.56
C ASP A 987 7.80 -42.67 6.05
N LEU A 988 6.64 -42.65 6.72
CA LEU A 988 5.54 -43.57 6.33
C LEU A 988 5.10 -43.26 4.91
N LEU A 989 5.04 -41.99 4.54
CA LEU A 989 4.55 -41.60 3.20
C LEU A 989 5.73 -41.51 2.23
N ASN A 990 6.93 -41.86 2.70
CA ASN A 990 8.13 -41.86 1.81
C ASN A 990 8.40 -40.47 1.22
N ARG A 991 8.34 -39.41 2.04
CA ARG A 991 8.64 -38.04 1.56
C ARG A 991 9.97 -37.54 2.13
N ILE A 992 10.90 -37.07 1.29
CA ILE A 992 12.19 -36.49 1.79
C ILE A 992 12.17 -34.98 1.51
N GLU A 993 13.00 -34.18 2.18
CA GLU A 993 12.96 -32.71 1.99
C GLU A 993 14.27 -32.23 1.41
N VAL A 994 14.21 -31.50 0.29
CA VAL A 994 15.45 -31.04 -0.38
C VAL A 994 15.37 -29.55 -0.64
N ASN A 995 16.44 -28.78 -0.39
CA ASN A 995 16.48 -27.33 -0.75
C ASN A 995 17.52 -27.23 -1.85
N MET A 996 17.32 -26.40 -2.85
CA MET A 996 18.24 -26.41 -4.01
C MET A 996 19.69 -26.11 -3.61
N ILE A 997 20.66 -26.59 -4.40
CA ILE A 997 22.11 -26.41 -4.08
C ILE A 997 22.53 -24.95 -4.23
N ASP A 998 22.08 -24.26 -5.27
CA ASP A 998 22.59 -22.88 -5.54
C ASP A 998 21.89 -21.83 -4.70
N ILE A 999 20.57 -21.73 -4.76
CA ILE A 999 19.89 -20.62 -4.06
C ILE A 999 18.83 -21.20 -3.13
N THR A 1000 18.73 -20.70 -1.91
CA THR A 1000 17.73 -21.33 -1.03
C THR A 1000 16.36 -21.16 -1.68
N TYR A 1001 15.51 -22.20 -1.70
CA TYR A 1001 14.21 -22.14 -2.42
C TYR A 1001 13.47 -20.85 -2.08
N ARG A 1002 13.44 -20.46 -0.81
CA ARG A 1002 12.67 -19.27 -0.43
C ARG A 1002 13.05 -18.15 -1.37
N GLU A 1003 14.34 -17.98 -1.63
CA GLU A 1003 14.77 -16.95 -2.60
C GLU A 1003 14.32 -17.31 -4.01
N TYR A 1004 14.35 -18.59 -4.38
CA TYR A 1004 14.01 -18.95 -5.78
C TYR A 1004 12.57 -18.52 -6.03
N LEU A 1005 11.72 -18.59 -5.00
CA LEU A 1005 10.31 -18.16 -5.13
C LEU A 1005 10.20 -16.65 -5.32
N GLU A 1006 11.07 -15.84 -4.70
CA GLU A 1006 10.89 -14.39 -4.77
C GLU A 1006 11.34 -13.83 -6.11
N ASN A 1007 12.34 -14.49 -6.70
CA ASN A 1007 12.86 -14.03 -8.00
C ASN A 1007 11.86 -14.47 -9.06
N MET A 1008 10.80 -15.16 -8.65
CA MET A 1008 9.73 -15.48 -9.63
C MET A 1008 8.41 -14.95 -9.08
N ASN A 1009 8.45 -14.39 -7.87
CA ASN A 1009 7.23 -13.81 -7.23
C ASN A 1009 6.16 -14.89 -7.05
N ASP A 1010 6.55 -16.16 -7.09
CA ASP A 1010 5.58 -17.27 -6.86
C ASP A 1010 5.23 -17.32 -5.37
N LYS A 1011 4.09 -17.92 -5.03
CA LYS A 1011 3.65 -18.00 -3.62
C LYS A 1011 3.53 -19.47 -3.16
N ARG A 1012 4.21 -20.39 -3.85
CA ARG A 1012 4.18 -21.82 -3.47
C ARG A 1012 4.83 -21.97 -2.09
N PRO A 1013 4.60 -23.05 -1.32
CA PRO A 1013 5.12 -23.15 0.04
C PRO A 1013 6.65 -23.21 0.04
N PRO A 1014 7.37 -22.75 1.10
CA PRO A 1014 8.84 -22.65 1.03
C PRO A 1014 9.76 -23.87 1.08
N ARG A 1015 9.26 -25.08 1.32
CA ARG A 1015 10.19 -26.24 1.44
C ARG A 1015 9.92 -27.24 0.31
N ILE A 1016 10.83 -27.39 -0.65
CA ILE A 1016 10.57 -28.43 -1.68
C ILE A 1016 10.48 -29.75 -0.93
N ILE A 1017 9.43 -30.54 -1.16
CA ILE A 1017 9.38 -31.90 -0.56
C ILE A 1017 9.22 -32.88 -1.71
N LYS A 1018 10.12 -33.85 -1.85
CA LYS A 1018 10.05 -34.76 -3.02
C LYS A 1018 9.74 -36.16 -2.52
N THR A 1019 9.18 -37.03 -3.37
CA THR A 1019 8.75 -38.38 -2.93
C THR A 1019 9.55 -39.46 -3.66
N ILE A 1020 10.12 -40.41 -2.93
CA ILE A 1020 10.98 -41.46 -3.55
C ILE A 1020 10.18 -42.74 -3.73
N ALA A 1021 8.93 -42.80 -3.27
CA ALA A 1021 8.18 -44.09 -3.25
C ALA A 1021 8.00 -44.71 -4.64
N SER A 1022 7.62 -43.94 -5.64
CA SER A 1022 7.36 -44.55 -6.96
C SER A 1022 7.55 -43.50 -8.05
N LYS A 1023 7.78 -43.94 -9.29
CA LYS A 1023 8.03 -43.00 -10.41
C LYS A 1023 9.38 -42.32 -10.18
N THR A 1024 10.20 -42.88 -9.29
CA THR A 1024 11.56 -42.32 -9.07
C THR A 1024 12.52 -43.15 -9.91
N GLN A 1025 12.87 -42.67 -11.10
CA GLN A 1025 13.75 -43.44 -12.01
C GLN A 1025 15.16 -43.60 -11.44
N SER A 1026 15.72 -42.56 -10.81
CA SER A 1026 17.13 -42.65 -10.34
C SER A 1026 17.36 -41.94 -9.01
N ILE A 1027 18.14 -42.51 -8.10
CA ILE A 1027 18.49 -41.84 -6.82
C ILE A 1027 19.99 -42.04 -6.63
N LYS A 1028 20.80 -41.19 -7.25
CA LYS A 1028 22.25 -41.31 -7.11
C LYS A 1028 22.74 -40.34 -6.04
N LYS A 1029 23.97 -40.58 -5.56
CA LYS A 1029 24.57 -39.75 -4.52
C LYS A 1029 25.74 -38.96 -5.09
N TYR A 1030 25.70 -37.64 -4.94
CA TYR A 1030 26.86 -36.85 -5.39
C TYR A 1030 27.46 -36.24 -4.13
N SER A 1031 28.77 -35.99 -4.10
CA SER A 1031 29.41 -35.34 -2.93
C SER A 1031 30.35 -34.25 -3.41
N THR A 1032 30.62 -33.25 -2.57
CA THR A 1032 31.47 -32.12 -3.01
C THR A 1032 32.54 -31.84 -1.97
N ASP A 1033 33.80 -31.60 -2.38
CA ASP A 1033 34.94 -31.37 -1.45
C ASP A 1033 34.86 -29.96 -0.88
N ILE A 1034 35.72 -29.63 0.08
CA ILE A 1034 35.56 -28.30 0.75
C ILE A 1034 35.63 -27.23 -0.33
N LEU A 1035 36.50 -27.38 -1.31
CA LEU A 1035 36.50 -26.37 -2.39
C LEU A 1035 35.14 -26.37 -3.11
N GLY A 1036 34.60 -27.53 -3.47
CA GLY A 1036 33.36 -27.49 -4.26
C GLY A 1036 33.33 -28.29 -5.54
N ASN A 1037 34.36 -29.09 -5.84
CA ASN A 1037 34.28 -29.97 -7.04
C ASN A 1037 33.15 -30.97 -6.78
N LEU A 1038 32.40 -31.38 -7.82
CA LEU A 1038 31.26 -32.34 -7.67
C LEU A 1038 31.66 -33.71 -8.22
N TYR A 1039 31.87 -34.70 -7.35
CA TYR A 1039 32.36 -36.03 -7.77
C TYR A 1039 31.30 -37.07 -7.40
N GLU A 1040 30.82 -37.84 -8.37
CA GLU A 1040 29.74 -38.82 -8.06
C GLU A 1040 30.34 -39.82 -7.08
N VAL A 1041 29.64 -40.15 -6.00
CA VAL A 1041 30.27 -41.02 -4.97
C VAL A 1041 29.76 -42.45 -5.12
N LYS A 1042 30.68 -43.40 -5.29
CA LYS A 1042 30.31 -44.83 -5.35
C LYS A 1042 30.46 -45.37 -3.94
N SER A 1043 29.36 -45.64 -3.24
CA SER A 1043 29.48 -46.04 -1.81
C SER A 1043 29.74 -47.54 -1.61
N LYS A 1044 29.86 -47.95 -0.35
CA LYS A 1044 30.16 -49.37 -0.01
C LYS A 1044 28.87 -50.20 -0.11
N LYS A 1045 28.98 -51.53 -0.13
CA LYS A 1045 27.78 -52.39 -0.33
C LYS A 1045 27.04 -52.75 0.96
N HIS A 1046 27.56 -52.39 2.14
CA HIS A 1046 26.80 -52.63 3.40
C HIS A 1046 26.63 -51.30 4.13
N PRO A 1047 25.41 -50.93 4.61
CA PRO A 1047 25.22 -49.61 5.20
C PRO A 1047 26.11 -49.47 6.44
N GLN A 1048 26.65 -48.28 6.69
CA GLN A 1048 27.65 -48.11 7.79
C GLN A 1048 27.00 -48.44 9.14
N ILE A 1049 27.67 -49.25 9.94
CA ILE A 1049 27.13 -49.65 11.27
C ILE A 1049 27.90 -48.92 12.38
N ILE A 1050 29.22 -48.82 12.27
CA ILE A 1050 30.01 -48.20 13.39
C ILE A 1050 30.68 -46.90 12.94
N LYS A 1051 30.30 -45.77 13.53
CA LYS A 1051 30.93 -44.46 13.22
C LYS A 1051 31.87 -44.21 14.38
N LYS A 1052 33.13 -43.85 14.14
CA LYS A 1052 34.11 -43.77 15.27
C LYS A 1052 33.67 -42.76 16.30
N GLY A 1053 33.19 -41.61 15.86
CA GLY A 1053 32.83 -40.56 16.82
C GLY A 1053 33.88 -40.46 17.91
N MET C 1 -30.79 17.95 -61.25
CA MET C 1 -31.00 17.00 -62.34
C MET C 1 -30.23 15.70 -62.09
N LYS C 2 -29.79 15.07 -63.18
CA LYS C 2 -29.02 13.82 -63.10
C LYS C 2 -27.55 14.17 -63.24
N ARG C 3 -26.83 14.15 -62.12
CA ARG C 3 -25.40 14.44 -62.09
C ARG C 3 -24.72 13.50 -61.12
N ASN C 4 -23.74 12.74 -61.62
CA ASN C 4 -22.99 11.84 -60.76
C ASN C 4 -22.25 12.64 -59.70
N TYR C 5 -22.36 12.20 -58.45
CA TYR C 5 -21.75 12.93 -57.35
C TYR C 5 -21.43 11.99 -56.19
N ILE C 6 -20.42 12.36 -55.41
CA ILE C 6 -20.04 11.65 -54.20
C ILE C 6 -20.51 12.50 -53.03
N LEU C 7 -21.17 11.85 -52.06
CA LEU C 7 -21.68 12.56 -50.90
C LEU C 7 -20.84 12.21 -49.67
N GLY C 8 -20.48 13.24 -48.90
CA GLY C 8 -19.72 13.06 -47.69
C GLY C 8 -20.46 13.63 -46.49
N LEU C 9 -20.36 12.93 -45.37
CA LEU C 9 -21.00 13.34 -44.13
C LEU C 9 -19.98 13.44 -43.01
N ASP C 10 -20.14 14.48 -42.19
CA ASP C 10 -19.43 14.64 -40.93
C ASP C 10 -20.50 14.68 -39.86
N ILE C 11 -20.73 13.54 -39.21
CA ILE C 11 -21.80 13.40 -38.22
C ILE C 11 -21.20 13.68 -36.85
N GLY C 12 -21.25 14.92 -36.41
CA GLY C 12 -20.77 15.31 -35.10
C GLY C 12 -21.74 14.92 -34.00
N ILE C 13 -21.69 15.68 -32.91
CA ILE C 13 -22.60 15.48 -31.79
C ILE C 13 -23.61 16.61 -31.75
N THR C 14 -23.24 17.76 -32.31
CA THR C 14 -24.12 18.93 -32.36
C THR C 14 -24.31 19.45 -33.77
N SER C 15 -23.97 18.66 -34.78
CA SER C 15 -24.08 19.10 -36.17
C SER C 15 -23.93 17.91 -37.08
N VAL C 16 -24.43 18.06 -38.31
CA VAL C 16 -24.31 17.04 -39.35
C VAL C 16 -23.95 17.80 -40.63
N GLY C 17 -22.69 17.75 -41.02
CA GLY C 17 -22.27 18.43 -42.23
C GLY C 17 -22.33 17.53 -43.45
N TYR C 18 -22.77 18.10 -44.56
CA TYR C 18 -22.90 17.37 -45.81
C TYR C 18 -22.11 18.09 -46.90
N GLY C 19 -21.50 17.32 -47.78
CA GLY C 19 -20.78 17.88 -48.90
C GLY C 19 -20.98 17.05 -50.15
N ILE C 20 -21.00 17.74 -51.30
CA ILE C 20 -21.20 17.12 -52.61
C ILE C 20 -19.97 17.37 -53.45
N ILE C 21 -19.44 16.32 -54.08
CA ILE C 21 -18.27 16.42 -54.94
C ILE C 21 -18.61 15.83 -56.30
N ASP C 22 -18.22 16.51 -57.36
CA ASP C 22 -18.36 15.96 -58.71
C ASP C 22 -17.53 14.69 -58.83
N TYR C 23 -18.13 13.65 -59.43
CA TYR C 23 -17.42 12.39 -59.64
C TYR C 23 -16.24 12.60 -60.59
N GLU C 24 -16.37 13.52 -61.53
CA GLU C 24 -15.36 13.67 -62.57
C GLU C 24 -14.33 14.74 -62.23
N THR C 25 -14.78 15.97 -61.99
CA THR C 25 -13.90 17.13 -61.98
C THR C 25 -13.51 17.60 -60.58
N ARG C 26 -13.78 16.81 -59.54
CA ARG C 26 -13.46 17.20 -58.15
C ARG C 26 -14.16 18.49 -57.75
N ASP C 27 -15.29 18.78 -58.39
CA ASP C 27 -15.97 20.05 -58.19
C ASP C 27 -16.78 19.99 -56.90
N VAL C 28 -17.43 21.09 -56.52
CA VAL C 28 -18.25 21.15 -55.32
C VAL C 28 -19.62 21.69 -55.69
N ILE C 29 -20.59 20.80 -55.87
CA ILE C 29 -21.94 21.22 -56.22
C ILE C 29 -22.57 22.01 -55.08
N ASP C 30 -22.52 21.47 -53.86
CA ASP C 30 -23.12 22.14 -52.73
C ASP C 30 -22.57 21.56 -51.44
N ALA C 31 -22.42 22.43 -50.45
CA ALA C 31 -21.96 22.06 -49.12
C ALA C 31 -22.93 22.65 -48.11
N GLY C 32 -22.83 22.19 -46.88
CA GLY C 32 -23.63 22.77 -45.83
C GLY C 32 -23.52 21.96 -44.55
N VAL C 33 -24.27 22.40 -43.55
CA VAL C 33 -24.31 21.73 -42.25
C VAL C 33 -25.67 21.97 -41.61
N ARG C 34 -26.31 20.89 -41.18
CA ARG C 34 -27.52 20.96 -40.38
C ARG C 34 -27.14 21.02 -38.91
N LEU C 35 -27.85 21.84 -38.15
CA LEU C 35 -27.55 22.02 -36.74
C LEU C 35 -28.74 21.60 -35.89
N PHE C 36 -28.45 21.38 -34.60
CA PHE C 36 -29.47 21.00 -33.64
C PHE C 36 -28.87 21.16 -32.24
N LYS C 37 -29.72 21.57 -31.30
CA LYS C 37 -29.29 21.64 -29.91
C LYS C 37 -28.86 20.26 -29.43
N GLU C 38 -27.77 20.22 -28.67
CA GLU C 38 -27.18 18.96 -28.24
C GLU C 38 -28.19 18.12 -27.48
N ALA C 39 -28.40 16.89 -27.90
CA ALA C 39 -29.32 16.06 -27.10
C ALA C 39 -28.61 15.71 -25.79
N ASN C 40 -29.36 15.61 -24.71
CA ASN C 40 -28.75 15.25 -23.41
C ASN C 40 -29.65 14.21 -22.77
N VAL C 41 -29.07 13.22 -22.10
CA VAL C 41 -29.91 12.23 -21.37
C VAL C 41 -30.66 12.98 -20.28
N GLU C 42 -30.04 13.96 -19.63
CA GLU C 42 -30.67 14.65 -18.49
C GLU C 42 -32.13 15.04 -18.77
N ASN C 43 -32.44 15.74 -19.85
CA ASN C 43 -33.81 16.18 -20.06
C ASN C 43 -34.81 15.04 -19.86
N ASN C 44 -34.55 13.90 -20.51
CA ASN C 44 -35.45 12.76 -20.39
C ASN C 44 -35.43 12.20 -18.98
N GLU C 45 -34.30 12.38 -18.33
CA GLU C 45 -34.27 11.94 -16.93
C GLU C 45 -35.19 12.92 -16.24
N GLY C 46 -35.25 14.13 -16.72
CA GLY C 46 -36.20 15.06 -16.10
C GLY C 46 -37.63 14.63 -16.27
N ARG C 47 -38.07 14.43 -17.49
CA ARG C 47 -39.48 14.15 -17.61
C ARG C 47 -39.70 12.90 -16.79
N ARG C 48 -38.84 11.90 -16.88
CA ARG C 48 -39.15 10.62 -16.18
C ARG C 48 -39.16 10.81 -14.68
N SER C 49 -38.19 11.52 -14.12
CA SER C 49 -38.26 11.59 -12.65
C SER C 49 -39.51 12.36 -12.29
N LYS C 50 -39.86 13.35 -13.07
CA LYS C 50 -41.02 14.08 -12.57
C LYS C 50 -42.22 13.16 -12.69
N ARG C 51 -42.34 12.44 -13.78
CA ARG C 51 -43.57 11.65 -14.00
C ARG C 51 -43.62 10.76 -12.79
N GLY C 52 -42.47 10.28 -12.41
CA GLY C 52 -42.41 9.38 -11.26
C GLY C 52 -42.93 10.09 -10.05
N ALA C 53 -42.65 11.37 -9.94
CA ALA C 53 -43.25 12.07 -8.78
C ALA C 53 -44.74 12.24 -8.96
N ARG C 54 -45.19 12.88 -10.02
CA ARG C 54 -46.61 13.18 -10.11
C ARG C 54 -47.32 11.91 -9.70
N ARG C 55 -46.77 10.79 -10.11
CA ARG C 55 -47.51 9.56 -9.82
C ARG C 55 -47.54 9.28 -8.32
N LEU C 56 -46.43 9.50 -7.63
CA LEU C 56 -46.41 9.30 -6.19
C LEU C 56 -47.39 10.25 -5.49
N LYS C 57 -47.39 11.52 -5.89
CA LYS C 57 -48.34 12.47 -5.32
C LYS C 57 -49.78 12.06 -5.60
N ARG C 58 -50.06 11.63 -6.83
CA ARG C 58 -51.41 11.21 -7.19
C ARG C 58 -51.86 10.01 -6.37
N ARG C 59 -50.96 9.03 -6.19
CA ARG C 59 -51.31 7.84 -5.42
C ARG C 59 -51.52 8.18 -3.95
N ARG C 60 -50.71 9.08 -3.39
CA ARG C 60 -50.92 9.48 -2.01
C ARG C 60 -52.27 10.19 -1.85
N ARG C 61 -52.58 11.11 -2.76
CA ARG C 61 -53.86 11.81 -2.69
C ARG C 61 -55.02 10.84 -2.87
N HIS C 62 -54.88 9.87 -3.77
CA HIS C 62 -55.95 8.91 -4.00
C HIS C 62 -56.15 8.00 -2.79
N ARG C 63 -55.07 7.58 -2.14
CA ARG C 63 -55.22 6.77 -0.93
C ARG C 63 -55.89 7.57 0.17
N ILE C 64 -55.52 8.85 0.33
CA ILE C 64 -56.16 9.69 1.33
C ILE C 64 -57.65 9.82 1.03
N GLN C 65 -57.99 10.07 -0.24
CA GLN C 65 -59.37 10.23 -0.65
C GLN C 65 -60.18 8.95 -0.43
N ARG C 66 -59.59 7.80 -0.75
CA ARG C 66 -60.28 6.53 -0.58
C ARG C 66 -60.50 6.23 0.90
N VAL C 67 -59.51 6.52 1.75
CA VAL C 67 -59.70 6.31 3.19
C VAL C 67 -60.78 7.25 3.71
N LYS C 68 -60.78 8.50 3.25
CA LYS C 68 -61.80 9.45 3.68
C LYS C 68 -63.19 8.99 3.25
N LYS C 69 -63.32 8.48 2.03
CA LYS C 69 -64.61 7.97 1.57
C LYS C 69 -65.05 6.75 2.38
N LEU C 70 -64.10 5.87 2.69
CA LEU C 70 -64.42 4.69 3.49
C LEU C 70 -64.92 5.08 4.88
N LEU C 71 -64.29 6.11 5.48
CA LEU C 71 -64.66 6.47 6.87
C LEU C 71 -66.01 7.20 6.85
N PHE C 72 -66.41 7.76 5.70
CA PHE C 72 -67.75 8.36 5.61
C PHE C 72 -68.74 7.21 5.66
N ASP C 73 -68.33 6.09 5.07
CA ASP C 73 -69.26 4.93 4.98
C ASP C 73 -69.62 4.45 6.39
N TYR C 74 -68.64 4.42 7.29
CA TYR C 74 -68.92 3.86 8.64
C TYR C 74 -69.36 4.99 9.57
N ASN C 75 -69.44 6.23 9.06
CA ASN C 75 -69.96 7.39 9.85
C ASN C 75 -68.91 7.87 10.84
N LEU C 76 -67.72 7.25 10.84
CA LEU C 76 -66.62 7.71 11.71
C LEU C 76 -66.17 9.11 11.29
N LEU C 77 -66.09 9.39 10.00
CA LEU C 77 -65.75 10.77 9.56
C LEU C 77 -66.95 11.39 8.84
N THR C 78 -67.34 12.61 9.21
CA THR C 78 -68.46 13.31 8.53
C THR C 78 -67.98 14.73 8.18
N ASP C 79 -68.62 15.40 7.23
CA ASP C 79 -68.14 16.73 6.77
C ASP C 79 -68.17 17.73 7.94
N HIS C 80 -69.18 17.65 8.80
CA HIS C 80 -69.31 18.59 9.95
C HIS C 80 -68.14 18.43 10.92
N SER C 81 -67.62 17.22 11.11
CA SER C 81 -66.55 16.99 12.11
C SER C 81 -65.30 17.82 11.80
N GLU C 82 -64.64 18.33 12.84
CA GLU C 82 -63.44 19.19 12.67
C GLU C 82 -62.19 18.40 13.04
N LEU C 83 -61.32 18.12 12.06
CA LEU C 83 -60.08 17.34 12.31
C LEU C 83 -58.91 18.31 12.50
N SER C 84 -59.18 19.61 12.55
CA SER C 84 -58.08 20.62 12.61
C SER C 84 -57.22 20.52 13.87
N GLY C 85 -57.83 20.39 15.05
CA GLY C 85 -57.04 20.47 16.30
C GLY C 85 -56.42 19.15 16.74
N ILE C 86 -56.93 18.03 16.27
CA ILE C 86 -56.43 16.71 16.76
C ILE C 86 -54.95 16.56 16.39
N ASN C 87 -54.14 16.09 17.34
CA ASN C 87 -52.71 15.84 17.02
C ASN C 87 -52.59 14.37 16.60
N PRO C 88 -51.96 14.02 15.47
CA PRO C 88 -51.94 12.64 15.03
C PRO C 88 -51.14 11.74 15.97
N TYR C 89 -49.93 12.16 16.32
CA TYR C 89 -49.07 11.24 17.10
C TYR C 89 -49.72 10.95 18.45
N GLU C 90 -50.25 11.96 19.12
CA GLU C 90 -50.79 11.73 20.49
C GLU C 90 -52.02 10.81 20.42
N ALA C 91 -52.85 10.95 19.39
CA ALA C 91 -54.04 10.08 19.21
C ALA C 91 -53.61 8.65 18.92
N ARG C 92 -52.62 8.41 18.07
CA ARG C 92 -52.27 6.99 17.79
C ARG C 92 -51.82 6.36 19.11
N VAL C 93 -51.00 7.07 19.89
CA VAL C 93 -50.54 6.38 21.13
C VAL C 93 -51.74 6.12 22.03
N LYS C 94 -52.67 7.08 22.15
CA LYS C 94 -53.79 6.89 23.10
C LYS C 94 -54.59 5.69 22.61
N GLY C 95 -54.91 5.66 21.32
CA GLY C 95 -55.77 4.60 20.76
C GLY C 95 -55.13 3.23 20.77
N LEU C 96 -53.81 3.16 20.95
CA LEU C 96 -53.21 1.81 21.11
C LEU C 96 -53.81 1.24 22.39
N SER C 97 -54.65 2.03 23.05
CA SER C 97 -55.32 1.60 24.31
C SER C 97 -56.52 2.52 24.53
N GLN C 98 -57.17 2.42 25.68
CA GLN C 98 -58.27 3.39 25.99
C GLN C 98 -59.29 3.42 24.86
N LYS C 99 -59.68 4.62 24.46
CA LYS C 99 -60.66 4.77 23.34
C LYS C 99 -60.28 6.03 22.56
N LEU C 100 -60.64 6.10 21.28
CA LEU C 100 -60.41 7.34 20.50
C LEU C 100 -61.77 7.96 20.19
N SER C 101 -61.88 9.28 20.23
CA SER C 101 -63.13 9.94 19.82
C SER C 101 -63.25 9.81 18.31
N GLU C 102 -64.43 10.01 17.73
CA GLU C 102 -64.61 9.74 16.28
C GLU C 102 -63.62 10.56 15.46
N GLU C 103 -63.41 11.82 15.84
CA GLU C 103 -62.44 12.66 15.11
C GLU C 103 -61.04 12.09 15.30
N GLU C 104 -60.55 12.01 16.54
CA GLU C 104 -59.16 11.55 16.75
C GLU C 104 -58.88 10.28 15.96
N PHE C 105 -59.83 9.37 15.94
CA PHE C 105 -59.64 8.09 15.22
C PHE C 105 -59.48 8.38 13.74
N SER C 106 -60.30 9.28 13.23
CA SER C 106 -60.22 9.52 11.78
C SER C 106 -58.86 10.09 11.53
N ALA C 107 -58.43 10.98 12.40
CA ALA C 107 -57.17 11.66 12.12
C ALA C 107 -56.10 10.60 12.07
N ALA C 108 -56.12 9.70 13.04
CA ALA C 108 -55.04 8.70 13.08
C ALA C 108 -55.07 7.81 11.84
N LEU C 109 -56.23 7.34 11.42
CA LEU C 109 -56.17 6.44 10.25
C LEU C 109 -55.65 7.25 9.06
N LEU C 110 -56.25 8.40 8.83
CA LEU C 110 -55.84 9.16 7.65
C LEU C 110 -54.35 9.34 7.85
N HIS C 111 -53.93 9.52 9.09
CA HIS C 111 -52.49 9.83 9.23
C HIS C 111 -51.62 8.66 8.79
N LEU C 112 -51.92 7.43 9.19
CA LEU C 112 -50.97 6.34 8.84
C LEU C 112 -50.99 6.27 7.34
N ALA C 113 -52.16 6.43 6.76
CA ALA C 113 -52.28 6.25 5.31
C ALA C 113 -51.41 7.25 4.57
N LYS C 114 -51.33 8.45 5.09
CA LYS C 114 -50.57 9.45 4.32
C LYS C 114 -49.18 8.87 4.24
N ARG C 115 -48.75 8.17 5.29
CA ARG C 115 -47.35 7.67 5.27
C ARG C 115 -47.24 6.16 5.59
N ARG C 116 -47.29 5.28 4.59
CA ARG C 116 -47.17 3.82 4.76
C ARG C 116 -45.74 3.38 5.02
N GLY C 117 -44.74 4.03 4.45
CA GLY C 117 -43.36 3.54 4.62
C GLY C 117 -42.93 2.53 3.55
N VAL C 118 -41.63 2.18 3.51
CA VAL C 118 -41.10 1.29 2.44
C VAL C 118 -41.48 -0.16 2.68
N HIS C 119 -41.50 -0.98 1.64
CA HIS C 119 -41.89 -2.42 1.75
C HIS C 119 -40.69 -3.32 1.48
N ASN C 120 -40.17 -3.30 0.26
CA ASN C 120 -38.94 -4.07 -0.02
C ASN C 120 -37.78 -3.20 0.46
N VAL C 121 -37.01 -3.67 1.42
CA VAL C 121 -36.01 -2.75 2.04
C VAL C 121 -35.03 -2.22 1.00
N ASN C 122 -34.56 -3.04 0.08
CA ASN C 122 -33.52 -2.57 -0.87
C ASN C 122 -34.18 -1.92 -2.08
N GLU C 123 -35.50 -1.96 -2.14
CA GLU C 123 -36.20 -1.47 -3.37
C GLU C 123 -35.90 0.01 -3.56
N VAL C 124 -35.51 0.72 -2.50
CA VAL C 124 -35.33 2.19 -2.60
C VAL C 124 -34.28 2.55 -3.65
N GLU C 125 -34.52 3.63 -4.40
CA GLU C 125 -33.56 4.12 -5.42
C GLU C 125 -33.19 5.57 -5.10
N GLU C 126 -32.10 5.81 -4.34
CA GLU C 126 -31.77 7.17 -3.94
C GLU C 126 -30.30 7.23 -3.55
N ASP C 127 -29.77 8.45 -3.54
CA ASP C 127 -28.37 8.68 -3.21
C ASP C 127 -28.19 8.73 -1.69
N THR C 128 -26.93 8.50 -1.26
CA THR C 128 -26.57 8.49 0.14
C THR C 128 -26.12 9.85 0.65
N GLY C 129 -26.62 10.94 0.05
CA GLY C 129 -26.22 12.27 0.49
C GLY C 129 -26.65 12.57 1.92
N ASN C 130 -27.68 11.86 2.40
CA ASN C 130 -28.15 12.07 3.76
C ASN C 130 -27.18 11.55 4.80
N GLU C 131 -26.14 10.83 4.38
CA GLU C 131 -25.07 10.22 5.17
C GLU C 131 -25.56 8.98 5.92
N LEU C 132 -26.83 8.62 5.80
CA LEU C 132 -27.36 7.40 6.39
C LEU C 132 -28.13 6.65 5.31
N SER C 133 -27.69 5.43 5.01
CA SER C 133 -28.33 4.64 3.97
C SER C 133 -29.71 4.17 4.44
N THR C 134 -30.57 3.88 3.46
CA THR C 134 -31.94 3.45 3.77
C THR C 134 -31.94 2.16 4.57
N LYS C 135 -31.17 1.15 4.13
CA LYS C 135 -31.16 -0.13 4.80
C LYS C 135 -30.63 -0.01 6.23
N GLU C 136 -29.55 0.76 6.42
CA GLU C 136 -29.01 0.95 7.76
C GLU C 136 -30.01 1.69 8.65
N GLN C 137 -30.73 2.66 8.08
CA GLN C 137 -31.73 3.39 8.85
C GLN C 137 -32.85 2.46 9.31
N ILE C 138 -33.36 1.61 8.42
CA ILE C 138 -34.39 0.66 8.83
C ILE C 138 -33.83 -0.33 9.84
N SER C 139 -32.57 -0.72 9.69
CA SER C 139 -31.97 -1.66 10.64
C SER C 139 -31.92 -1.05 12.04
N ARG C 140 -31.45 0.20 12.14
CA ARG C 140 -31.39 0.87 13.44
C ARG C 140 -32.79 1.06 14.02
N ASN C 141 -33.76 1.44 13.19
CA ASN C 141 -35.12 1.64 13.68
C ASN C 141 -35.71 0.33 14.20
N SER C 142 -35.52 -0.76 13.44
CA SER C 142 -36.02 -2.07 13.89
C SER C 142 -35.33 -2.50 15.18
N LYS C 143 -34.01 -2.26 15.28
CA LYS C 143 -33.31 -2.56 16.52
C LYS C 143 -33.87 -1.75 17.68
N ALA C 144 -34.37 -0.55 17.40
CA ALA C 144 -35.01 0.26 18.43
C ALA C 144 -36.48 -0.10 18.64
N LEU C 145 -37.11 -0.80 17.68
CA LEU C 145 -38.58 -1.02 17.76
C LEU C 145 -38.92 -2.42 18.27
N GLU C 146 -38.05 -3.03 19.07
CA GLU C 146 -38.29 -4.43 19.47
C GLU C 146 -39.59 -4.56 20.28
N GLU C 147 -39.81 -3.66 21.25
CA GLU C 147 -41.00 -3.80 22.14
C GLU C 147 -41.92 -2.59 21.98
N LYS C 148 -41.51 -1.60 21.18
CA LYS C 148 -42.31 -0.36 21.05
C LYS C 148 -42.85 -0.28 19.62
N TYR C 149 -44.11 0.10 19.47
CA TYR C 149 -44.66 0.29 18.10
C TYR C 149 -44.16 1.61 17.53
N VAL C 150 -44.51 1.91 16.29
CA VAL C 150 -44.04 3.10 15.58
C VAL C 150 -44.45 4.37 16.31
N ALA C 151 -45.75 4.48 16.60
CA ALA C 151 -46.23 5.73 17.23
C ALA C 151 -45.41 5.99 18.47
N GLU C 152 -45.14 4.95 19.25
CA GLU C 152 -44.44 5.25 20.52
C GLU C 152 -43.10 5.87 20.16
N LEU C 153 -42.38 5.28 19.21
CA LEU C 153 -41.03 5.83 18.93
C LEU C 153 -41.18 7.26 18.41
N GLN C 154 -42.13 7.51 17.52
CA GLN C 154 -42.19 8.88 16.96
C GLN C 154 -42.52 9.88 18.07
N LEU C 155 -43.45 9.54 18.98
CA LEU C 155 -43.84 10.50 20.04
C LEU C 155 -42.65 10.74 20.95
N GLU C 156 -41.90 9.67 21.25
CA GLU C 156 -40.76 9.84 22.17
C GLU C 156 -39.77 10.78 21.49
N ARG C 157 -39.62 10.65 20.17
CA ARG C 157 -38.61 11.51 19.49
C ARG C 157 -39.09 12.96 19.54
N LEU C 158 -40.40 13.20 19.41
CA LEU C 158 -40.94 14.59 19.38
C LEU C 158 -40.76 15.24 20.76
N LYS C 159 -40.93 14.46 21.82
CA LYS C 159 -40.85 15.05 23.18
C LYS C 159 -39.39 15.21 23.61
N LYS C 160 -38.50 14.31 23.18
CA LYS C 160 -37.12 14.42 23.63
C LYS C 160 -36.26 15.25 22.68
N ASP C 161 -36.20 14.89 21.40
CA ASP C 161 -35.43 15.65 20.43
C ASP C 161 -36.15 16.89 19.93
N GLY C 162 -37.47 16.97 20.10
CA GLY C 162 -38.24 18.09 19.61
C GLY C 162 -38.63 18.01 18.15
N GLU C 163 -38.23 16.96 17.43
CA GLU C 163 -38.53 16.81 16.02
C GLU C 163 -38.98 15.38 15.72
N VAL C 164 -39.75 15.24 14.66
CA VAL C 164 -40.15 13.94 14.11
C VAL C 164 -39.72 13.80 12.66
N ARG C 165 -39.99 14.82 11.84
CA ARG C 165 -39.65 14.76 10.43
C ARG C 165 -38.13 14.82 10.24
N GLY C 166 -37.71 14.49 9.03
CA GLY C 166 -36.31 14.47 8.65
C GLY C 166 -35.95 13.12 8.08
N SER C 167 -34.65 12.84 8.04
CA SER C 167 -34.17 11.57 7.53
C SER C 167 -34.20 10.46 8.56
N ILE C 168 -34.61 10.76 9.80
CA ILE C 168 -34.68 9.74 10.85
C ILE C 168 -36.01 9.00 10.86
N ASN C 169 -37.01 9.49 10.11
CA ASN C 169 -38.35 8.92 10.13
C ASN C 169 -38.63 8.05 8.92
N ARG C 170 -37.64 7.28 8.48
CA ARG C 170 -37.82 6.32 7.39
C ARG C 170 -38.01 4.94 8.00
N PHE C 171 -39.18 4.35 7.80
CA PHE C 171 -39.57 3.11 8.47
C PHE C 171 -39.87 2.04 7.43
N LYS C 172 -40.40 0.91 7.92
CA LYS C 172 -40.83 -0.19 7.06
C LYS C 172 -42.32 -0.44 7.23
N THR C 173 -42.95 -0.86 6.13
CA THR C 173 -44.42 -0.94 6.09
C THR C 173 -44.96 -1.95 7.09
N SER C 174 -44.17 -2.99 7.41
CA SER C 174 -44.66 -4.03 8.31
C SER C 174 -44.99 -3.48 9.69
N ASP C 175 -44.14 -2.59 10.21
CA ASP C 175 -44.42 -1.99 11.52
C ASP C 175 -45.66 -1.11 11.48
N TYR C 176 -45.85 -0.37 10.38
CA TYR C 176 -47.06 0.42 10.24
C TYR C 176 -48.30 -0.47 10.22
N VAL C 177 -48.23 -1.59 9.52
CA VAL C 177 -49.36 -2.53 9.49
C VAL C 177 -49.63 -3.08 10.87
N LYS C 178 -48.57 -3.43 11.61
CA LYS C 178 -48.73 -3.95 12.97
C LYS C 178 -49.40 -2.91 13.87
N GLU C 179 -48.94 -1.67 13.80
CA GLU C 179 -49.55 -0.61 14.60
C GLU C 179 -51.01 -0.40 14.22
N ALA C 180 -51.30 -0.39 12.92
CA ALA C 180 -52.68 -0.17 12.49
C ALA C 180 -53.60 -1.26 12.99
N LYS C 181 -53.20 -2.52 12.84
CA LYS C 181 -54.06 -3.60 13.30
C LYS C 181 -54.16 -3.64 14.82
N GLN C 182 -53.08 -3.29 15.52
CA GLN C 182 -53.13 -3.26 16.98
C GLN C 182 -54.10 -2.19 17.48
N LEU C 183 -54.05 -0.99 16.90
CA LEU C 183 -54.97 0.06 17.32
C LEU C 183 -56.40 -0.28 16.92
N LEU C 184 -56.57 -0.87 15.74
CA LEU C 184 -57.91 -1.21 15.25
C LEU C 184 -58.56 -2.30 16.11
N LYS C 185 -57.78 -3.29 16.56
CA LYS C 185 -58.34 -4.35 17.39
C LYS C 185 -58.91 -3.79 18.68
N VAL C 186 -58.34 -2.70 19.20
CA VAL C 186 -58.85 -2.07 20.40
C VAL C 186 -60.02 -1.14 20.08
N GLN C 187 -59.90 -0.33 19.03
CA GLN C 187 -60.92 0.67 18.74
C GLN C 187 -62.18 0.07 18.12
N LYS C 188 -62.13 -1.18 17.65
CA LYS C 188 -63.34 -1.80 17.11
C LYS C 188 -64.30 -2.25 18.20
N ALA C 189 -63.82 -2.36 19.44
CA ALA C 189 -64.68 -2.79 20.55
C ALA C 189 -65.63 -1.69 21.00
N TYR C 190 -65.37 -0.43 20.65
CA TYR C 190 -66.21 0.68 21.07
C TYR C 190 -67.04 1.27 19.94
N HIS C 191 -66.60 1.16 18.69
CA HIS C 191 -67.31 1.73 17.55
C HIS C 191 -67.80 0.61 16.64
N GLN C 192 -68.74 0.98 15.76
CA GLN C 192 -69.35 0.00 14.86
C GLN C 192 -68.42 -0.34 13.71
N LEU C 193 -67.65 -1.42 13.85
CA LEU C 193 -66.73 -1.89 12.82
C LEU C 193 -67.01 -3.34 12.48
N ASP C 194 -66.59 -3.73 11.29
CA ASP C 194 -66.71 -5.10 10.81
C ASP C 194 -65.37 -5.54 10.25
N GLN C 195 -65.17 -6.87 10.22
CA GLN C 195 -63.91 -7.41 9.72
C GLN C 195 -63.66 -7.02 8.27
N SER C 196 -64.73 -6.82 7.49
CA SER C 196 -64.56 -6.35 6.12
C SER C 196 -63.91 -4.98 6.09
N PHE C 197 -64.35 -4.07 6.97
CA PHE C 197 -63.73 -2.76 7.06
C PHE C 197 -62.27 -2.87 7.49
N ILE C 198 -62.00 -3.77 8.43
CA ILE C 198 -60.63 -3.95 8.92
C ILE C 198 -59.72 -4.38 7.77
N ASP C 199 -60.16 -5.40 7.02
CA ASP C 199 -59.37 -5.89 5.90
C ASP C 199 -59.21 -4.83 4.83
N THR C 200 -60.28 -4.06 4.55
CA THR C 200 -60.19 -3.01 3.55
C THR C 200 -59.17 -1.96 3.95
N TYR C 201 -59.18 -1.55 5.22
CA TYR C 201 -58.26 -0.51 5.67
C TYR C 201 -56.82 -1.02 5.65
N ILE C 202 -56.59 -2.26 6.11
CA ILE C 202 -55.24 -2.80 6.07
C ILE C 202 -54.74 -2.91 4.64
N ASP C 203 -55.62 -3.36 3.73
CA ASP C 203 -55.26 -3.42 2.32
C ASP C 203 -54.88 -2.05 1.78
N LEU C 204 -55.73 -1.05 2.02
CA LEU C 204 -55.41 0.31 1.57
C LEU C 204 -54.11 0.80 2.15
N LEU C 205 -53.79 0.41 3.38
CA LEU C 205 -52.55 0.87 4.01
C LEU C 205 -51.33 0.21 3.38
N GLU C 206 -51.38 -1.08 3.06
CA GLU C 206 -50.13 -1.75 2.58
C GLU C 206 -50.16 -1.98 1.06
N THR C 207 -51.24 -1.59 0.40
CA THR C 207 -51.34 -1.87 -1.06
C THR C 207 -50.28 -1.08 -1.79
N ARG C 208 -49.80 -1.61 -2.91
CA ARG C 208 -48.79 -0.89 -3.70
C ARG C 208 -48.67 -1.61 -5.03
N ARG C 209 -48.39 -0.88 -6.09
CA ARG C 209 -48.27 -1.45 -7.41
C ARG C 209 -46.86 -2.01 -7.59
N THR C 210 -46.76 -3.28 -7.94
CA THR C 210 -45.47 -3.88 -8.18
C THR C 210 -44.89 -3.35 -9.49
N TYR C 211 -43.58 -3.50 -9.64
CA TYR C 211 -42.89 -2.98 -10.82
C TYR C 211 -43.34 -3.68 -12.10
N TYR C 212 -43.97 -4.86 -11.99
CA TYR C 212 -44.44 -5.59 -13.15
C TYR C 212 -45.94 -5.46 -13.37
N GLU C 213 -46.60 -4.51 -12.70
CA GLU C 213 -48.01 -4.23 -12.94
C GLU C 213 -48.25 -2.91 -13.65
N GLY C 214 -47.41 -1.92 -13.40
CA GLY C 214 -47.46 -0.66 -14.12
C GLY C 214 -48.67 0.18 -13.76
N PRO C 215 -48.92 1.21 -14.55
CA PRO C 215 -50.10 2.07 -14.31
C PRO C 215 -51.39 1.33 -14.63
N GLY C 216 -52.50 1.96 -14.26
CA GLY C 216 -53.80 1.38 -14.44
C GLY C 216 -54.30 1.41 -15.87
N GLU C 217 -55.62 1.32 -16.04
CA GLU C 217 -56.20 1.26 -17.38
C GLU C 217 -56.13 2.62 -18.05
N GLY C 218 -55.92 2.62 -19.37
CA GLY C 218 -55.90 3.83 -20.15
C GLY C 218 -54.59 4.57 -20.18
N SER C 219 -53.50 3.96 -19.72
CA SER C 219 -52.28 4.75 -19.71
C SER C 219 -51.43 4.43 -20.93
N PRO C 220 -50.88 5.46 -21.57
CA PRO C 220 -49.98 5.21 -22.71
C PRO C 220 -48.72 4.45 -22.35
N PHE C 221 -48.32 4.46 -21.07
CA PHE C 221 -47.12 3.77 -20.61
C PHE C 221 -47.47 2.56 -19.75
N GLY C 222 -48.54 1.83 -20.13
CA GLY C 222 -48.99 0.69 -19.38
C GLY C 222 -49.04 -0.58 -20.21
N TRP C 223 -49.44 -1.66 -19.55
CA TRP C 223 -49.55 -2.96 -20.19
C TRP C 223 -50.66 -3.76 -19.52
N LYS C 224 -51.29 -4.64 -20.30
CA LYS C 224 -52.47 -5.35 -19.82
C LYS C 224 -52.11 -6.38 -18.75
N ASP C 225 -51.08 -7.19 -18.99
CA ASP C 225 -50.74 -8.27 -18.09
C ASP C 225 -49.25 -8.56 -18.18
N ILE C 226 -48.78 -9.71 -17.65
CA ILE C 226 -47.30 -9.96 -17.56
C ILE C 226 -46.68 -10.42 -18.87
N LYS C 227 -47.44 -11.05 -19.76
CA LYS C 227 -46.83 -11.44 -21.05
C LYS C 227 -46.53 -10.16 -21.81
N GLU C 228 -47.47 -9.24 -21.73
CA GLU C 228 -47.24 -7.96 -22.40
C GLU C 228 -46.11 -7.28 -21.67
N TRP C 229 -45.97 -7.53 -20.36
CA TRP C 229 -44.83 -6.95 -19.64
C TRP C 229 -43.53 -7.47 -20.23
N TYR C 230 -43.42 -8.77 -20.50
CA TYR C 230 -42.17 -9.24 -21.13
C TYR C 230 -42.03 -8.53 -22.48
N GLU C 231 -43.12 -8.44 -23.22
CA GLU C 231 -42.92 -7.87 -24.55
C GLU C 231 -42.38 -6.46 -24.41
N MET C 232 -42.94 -5.67 -23.52
CA MET C 232 -42.53 -4.26 -23.43
C MET C 232 -41.10 -4.16 -22.91
N LEU C 233 -40.78 -4.94 -21.88
CA LEU C 233 -39.43 -4.79 -21.30
C LEU C 233 -38.42 -5.34 -22.30
N MET C 234 -38.76 -6.38 -23.07
CA MET C 234 -37.71 -6.94 -23.92
C MET C 234 -37.73 -6.35 -25.31
N GLY C 235 -38.89 -6.31 -25.95
CA GLY C 235 -39.00 -5.79 -27.30
C GLY C 235 -38.73 -6.86 -28.35
N HIS C 236 -39.31 -6.65 -29.52
CA HIS C 236 -39.16 -7.59 -30.62
C HIS C 236 -37.79 -7.46 -31.25
N CYS C 237 -37.12 -8.58 -31.55
CA CYS C 237 -35.73 -8.50 -32.08
C CYS C 237 -35.74 -8.01 -33.51
N THR C 238 -34.87 -7.05 -33.84
CA THR C 238 -34.90 -6.46 -35.20
C THR C 238 -34.51 -7.52 -36.22
N TYR C 239 -33.64 -8.47 -35.84
CA TYR C 239 -33.16 -9.48 -36.82
C TYR C 239 -34.26 -10.50 -37.10
N PHE C 240 -34.89 -11.04 -36.07
CA PHE C 240 -36.05 -11.93 -36.34
C PHE C 240 -37.25 -11.26 -35.68
N PRO C 241 -38.24 -10.76 -36.44
CA PRO C 241 -39.31 -9.96 -35.83
C PRO C 241 -40.18 -10.60 -34.76
N GLU C 242 -40.56 -11.87 -34.91
CA GLU C 242 -41.55 -12.45 -33.95
C GLU C 242 -40.89 -12.86 -32.64
N GLU C 243 -39.58 -12.97 -32.61
CA GLU C 243 -38.86 -13.44 -31.44
C GLU C 243 -38.44 -12.24 -30.60
N LEU C 244 -38.49 -12.39 -29.28
CA LEU C 244 -38.19 -11.30 -28.36
C LEU C 244 -36.72 -11.33 -27.97
N ARG C 245 -36.16 -10.14 -27.75
CA ARG C 245 -34.75 -10.04 -27.36
C ARG C 245 -34.53 -10.67 -25.99
N SER C 246 -33.36 -11.28 -25.82
CA SER C 246 -33.02 -11.94 -24.57
C SER C 246 -32.11 -11.05 -23.73
N VAL C 247 -31.84 -11.48 -22.50
CA VAL C 247 -31.01 -10.71 -21.60
C VAL C 247 -29.54 -10.88 -21.98
N LYS C 248 -28.70 -9.97 -21.45
CA LYS C 248 -27.26 -9.98 -21.82
C LYS C 248 -26.41 -10.87 -20.90
N TYR C 249 -26.75 -10.99 -19.63
CA TYR C 249 -25.84 -11.78 -18.77
C TYR C 249 -26.17 -13.26 -18.92
N ALA C 250 -27.13 -13.58 -19.77
CA ALA C 250 -27.55 -14.98 -19.93
C ALA C 250 -26.37 -15.79 -20.42
N TYR C 251 -26.28 -17.09 -20.09
CA TYR C 251 -25.09 -17.93 -20.44
C TYR C 251 -24.83 -18.00 -21.93
N ASN C 252 -25.87 -18.22 -22.74
CA ASN C 252 -25.58 -18.40 -24.18
C ASN C 252 -24.93 -17.14 -24.74
N ALA C 253 -25.41 -15.95 -24.35
CA ALA C 253 -24.83 -14.71 -24.93
C ALA C 253 -23.43 -14.50 -24.34
N ASP C 254 -23.22 -14.97 -23.12
CA ASP C 254 -21.87 -14.88 -22.52
C ASP C 254 -20.96 -15.75 -23.37
N LEU C 255 -21.44 -16.93 -23.77
CA LEU C 255 -20.59 -17.83 -24.56
C LEU C 255 -20.27 -17.12 -25.86
N TYR C 256 -21.24 -16.43 -26.46
CA TYR C 256 -21.02 -15.74 -27.74
C TYR C 256 -19.94 -14.69 -27.57
N ASN C 257 -20.02 -13.87 -26.51
CA ASN C 257 -18.99 -12.82 -26.40
C ASN C 257 -17.63 -13.48 -26.18
N ALA C 258 -17.60 -14.52 -25.35
CA ALA C 258 -16.30 -15.11 -25.02
C ALA C 258 -15.69 -15.73 -26.27
N LEU C 259 -16.51 -16.34 -27.10
CA LEU C 259 -16.03 -16.99 -28.35
C LEU C 259 -15.56 -15.92 -29.33
N ASN C 260 -16.20 -14.76 -29.31
CA ASN C 260 -15.69 -13.65 -30.15
C ASN C 260 -14.25 -13.44 -29.72
N ASP C 261 -14.00 -13.24 -28.44
CA ASP C 261 -12.62 -12.92 -27.99
C ASP C 261 -11.71 -14.07 -28.41
N LEU C 262 -12.14 -15.30 -28.16
CA LEU C 262 -11.27 -16.47 -28.43
C LEU C 262 -10.93 -16.53 -29.93
N ASN C 263 -11.92 -16.30 -30.78
CA ASN C 263 -11.67 -16.32 -32.25
C ASN C 263 -10.70 -15.21 -32.62
N ASN C 264 -10.86 -14.02 -32.02
CA ASN C 264 -9.99 -12.85 -32.37
C ASN C 264 -8.52 -13.14 -32.01
N LEU C 265 -8.25 -13.87 -30.93
CA LEU C 265 -6.86 -14.06 -30.47
C LEU C 265 -5.99 -14.68 -31.57
N VAL C 266 -4.77 -14.17 -31.73
CA VAL C 266 -3.82 -14.76 -32.72
C VAL C 266 -2.64 -15.34 -31.94
N ILE C 267 -2.35 -16.64 -32.12
CA ILE C 267 -1.25 -17.29 -31.36
C ILE C 267 -0.21 -17.78 -32.37
N THR C 268 1.04 -17.34 -32.23
CA THR C 268 2.09 -17.74 -33.20
C THR C 268 2.51 -19.17 -32.88
N ARG C 269 2.05 -20.13 -33.68
CA ARG C 269 2.38 -21.52 -33.44
C ARG C 269 2.45 -22.25 -34.78
N ASP C 270 2.94 -23.50 -34.73
CA ASP C 270 3.03 -24.29 -35.94
C ASP C 270 1.65 -24.59 -36.52
N GLU C 271 0.63 -24.60 -35.68
CA GLU C 271 -0.74 -24.73 -36.15
C GLU C 271 -1.23 -23.40 -36.73
N ASN C 272 -2.52 -23.36 -37.08
CA ASN C 272 -3.12 -22.12 -37.54
C ASN C 272 -3.13 -21.09 -36.42
N GLU C 273 -2.97 -19.81 -36.79
CA GLU C 273 -2.97 -18.75 -35.79
C GLU C 273 -4.33 -18.67 -35.09
N LYS C 274 -5.41 -18.90 -35.81
CA LYS C 274 -6.73 -18.92 -35.19
C LYS C 274 -7.04 -20.32 -34.69
N LEU C 275 -7.56 -20.40 -33.47
CA LEU C 275 -7.85 -21.68 -32.85
C LEU C 275 -9.04 -22.36 -33.53
N GLU C 276 -9.00 -23.68 -33.56
CA GLU C 276 -9.99 -24.49 -34.24
C GLU C 276 -10.93 -25.14 -33.21
N TYR C 277 -11.97 -25.80 -33.71
CA TYR C 277 -13.12 -26.21 -32.91
C TYR C 277 -12.70 -26.97 -31.65
N TYR C 278 -11.84 -27.98 -31.80
CA TYR C 278 -11.57 -28.87 -30.67
C TYR C 278 -10.78 -28.17 -29.57
N GLU C 279 -9.71 -27.46 -29.92
CA GLU C 279 -8.96 -26.77 -28.87
C GLU C 279 -9.72 -25.56 -28.36
N LYS C 280 -10.61 -24.99 -29.18
CA LYS C 280 -11.51 -23.96 -28.68
C LYS C 280 -12.44 -24.51 -27.61
N PHE C 281 -12.98 -25.71 -27.83
CA PHE C 281 -13.80 -26.35 -26.80
C PHE C 281 -12.98 -26.62 -25.54
N GLN C 282 -11.75 -27.10 -25.73
CA GLN C 282 -10.89 -27.39 -24.58
C GLN C 282 -10.60 -26.13 -23.77
N ILE C 283 -10.23 -25.04 -24.45
CA ILE C 283 -9.91 -23.79 -23.76
C ILE C 283 -11.15 -23.23 -23.08
N ILE C 284 -12.30 -23.24 -23.76
CA ILE C 284 -13.48 -22.64 -23.15
C ILE C 284 -13.86 -23.43 -21.89
N GLU C 285 -13.91 -24.76 -22.00
CA GLU C 285 -14.22 -25.57 -20.83
C GLU C 285 -13.25 -25.27 -19.69
N ASN C 286 -11.97 -25.59 -19.89
CA ASN C 286 -11.01 -25.45 -18.79
C ASN C 286 -11.00 -24.02 -18.24
N VAL C 287 -10.61 -23.05 -19.06
CA VAL C 287 -10.38 -21.70 -18.56
C VAL C 287 -11.66 -21.09 -18.03
N PHE C 288 -12.74 -21.12 -18.82
CA PHE C 288 -13.91 -20.34 -18.47
C PHE C 288 -14.90 -21.12 -17.61
N LYS C 289 -14.53 -22.33 -17.17
CA LYS C 289 -15.36 -23.06 -16.21
C LYS C 289 -14.62 -23.47 -14.95
N GLN C 290 -13.29 -23.32 -14.90
CA GLN C 290 -12.55 -23.64 -13.69
C GLN C 290 -12.05 -22.40 -12.95
N LYS C 291 -11.94 -21.25 -13.62
CA LYS C 291 -11.44 -20.04 -13.00
C LYS C 291 -12.43 -18.89 -13.21
N LYS C 292 -12.63 -18.09 -12.17
CA LYS C 292 -13.65 -17.05 -12.21
C LYS C 292 -13.31 -15.96 -13.23
N LYS C 293 -12.10 -15.42 -13.16
CA LYS C 293 -11.68 -14.33 -14.04
C LYS C 293 -10.51 -14.81 -14.90
N PRO C 294 -10.74 -15.13 -16.17
CA PRO C 294 -9.66 -15.63 -17.01
C PRO C 294 -8.59 -14.58 -17.27
N THR C 295 -7.34 -15.02 -17.34
CA THR C 295 -6.20 -14.18 -17.67
C THR C 295 -5.43 -14.79 -18.83
N LEU C 296 -4.58 -13.97 -19.45
CA LEU C 296 -3.82 -14.43 -20.61
C LEU C 296 -2.81 -15.50 -20.21
N LYS C 297 -2.22 -15.37 -19.02
CA LYS C 297 -1.24 -16.35 -18.56
C LYS C 297 -1.85 -17.74 -18.43
N GLN C 298 -3.10 -17.81 -17.96
CA GLN C 298 -3.77 -19.10 -17.84
C GLN C 298 -3.96 -19.75 -19.21
N ILE C 299 -4.32 -18.95 -20.22
CA ILE C 299 -4.43 -19.46 -21.58
C ILE C 299 -3.08 -20.00 -22.06
N ALA C 300 -2.03 -19.22 -21.85
CA ALA C 300 -0.70 -19.64 -22.30
C ALA C 300 -0.27 -20.93 -21.61
N LYS C 301 -0.58 -21.06 -20.33
CA LYS C 301 -0.24 -22.29 -19.61
C LYS C 301 -1.04 -23.49 -20.12
N GLU C 302 -2.34 -23.31 -20.39
CA GLU C 302 -3.14 -24.45 -20.79
C GLU C 302 -2.81 -24.92 -22.20
N ILE C 303 -2.52 -24.00 -23.12
CA ILE C 303 -2.05 -24.42 -24.45
C ILE C 303 -0.54 -24.64 -24.49
N LEU C 304 0.16 -24.41 -23.37
CA LEU C 304 1.56 -24.77 -23.21
C LEU C 304 2.43 -24.12 -24.29
N VAL C 305 2.17 -22.85 -24.57
CA VAL C 305 2.98 -22.05 -25.47
C VAL C 305 3.37 -20.75 -24.76
N ASN C 306 4.13 -19.92 -25.47
CA ASN C 306 4.57 -18.65 -24.92
C ASN C 306 3.46 -17.62 -24.99
N GLU C 307 3.26 -16.90 -23.87
CA GLU C 307 2.31 -15.81 -23.85
C GLU C 307 2.77 -14.66 -24.75
N GLU C 308 4.06 -14.64 -25.10
CA GLU C 308 4.59 -13.62 -25.98
C GLU C 308 4.03 -13.70 -27.39
N ASP C 309 3.50 -14.85 -27.79
CA ASP C 309 2.99 -15.05 -29.14
C ASP C 309 1.51 -14.72 -29.30
N ILE C 310 0.83 -14.30 -28.23
CA ILE C 310 -0.60 -14.03 -28.27
C ILE C 310 -0.80 -12.54 -28.51
N LYS C 311 -1.50 -12.21 -29.60
CA LYS C 311 -1.78 -10.83 -29.96
C LYS C 311 -3.21 -10.71 -30.45
N GLY C 312 -3.74 -9.50 -30.39
CA GLY C 312 -5.07 -9.23 -30.90
C GLY C 312 -6.20 -9.49 -29.91
N TYR C 313 -6.13 -8.86 -28.75
CA TYR C 313 -7.17 -9.01 -27.73
C TYR C 313 -7.52 -7.65 -27.15
N ARG C 314 -8.76 -7.53 -26.67
CA ARG C 314 -9.20 -6.30 -26.03
C ARG C 314 -8.44 -6.09 -24.73
N VAL C 315 -8.17 -4.83 -24.42
CA VAL C 315 -7.40 -4.45 -23.24
C VAL C 315 -8.19 -3.41 -22.46
N THR C 316 -8.04 -3.42 -21.14
CA THR C 316 -8.72 -2.46 -20.28
C THR C 316 -8.04 -1.10 -20.38
N SER C 317 -8.56 -0.11 -19.65
CA SER C 317 -7.95 1.22 -19.67
C SER C 317 -6.65 1.25 -18.90
N THR C 318 -6.44 0.30 -17.98
CA THR C 318 -5.23 0.25 -17.17
C THR C 318 -4.15 -0.63 -17.78
N GLY C 319 -4.38 -1.18 -18.97
CA GLY C 319 -3.41 -2.05 -19.62
C GLY C 319 -3.51 -3.51 -19.27
N LYS C 320 -4.35 -3.87 -18.31
CA LYS C 320 -4.54 -5.28 -17.95
C LYS C 320 -5.28 -5.99 -19.07
N PRO C 321 -4.85 -7.18 -19.51
CA PRO C 321 -5.61 -7.91 -20.52
C PRO C 321 -7.02 -8.22 -20.03
N GLU C 322 -7.98 -8.12 -20.94
CA GLU C 322 -9.39 -8.28 -20.62
C GLU C 322 -9.97 -9.47 -21.37
N PHE C 323 -10.63 -10.36 -20.65
CA PHE C 323 -11.37 -11.46 -21.23
C PHE C 323 -12.74 -11.55 -20.56
N THR C 324 -13.79 -11.55 -21.39
CA THR C 324 -15.14 -11.64 -20.86
C THR C 324 -15.37 -13.02 -20.26
N ASN C 325 -15.88 -13.04 -19.04
CA ASN C 325 -16.00 -14.26 -18.26
C ASN C 325 -17.45 -14.71 -18.19
N LEU C 326 -17.65 -16.02 -18.06
CA LEU C 326 -18.99 -16.58 -17.86
C LEU C 326 -19.42 -16.31 -16.43
N LYS C 327 -19.88 -15.07 -16.21
CA LYS C 327 -20.19 -14.63 -14.86
C LYS C 327 -21.33 -15.46 -14.25
N VAL C 328 -22.39 -15.71 -15.01
CA VAL C 328 -23.53 -16.44 -14.47
C VAL C 328 -23.13 -17.87 -14.13
N TYR C 329 -22.25 -18.46 -14.93
CA TYR C 329 -21.87 -19.86 -14.70
C TYR C 329 -21.02 -20.00 -13.45
N HIS C 330 -20.06 -19.10 -13.26
CA HIS C 330 -19.26 -19.10 -12.04
C HIS C 330 -20.11 -18.77 -10.83
N ASP C 331 -21.08 -17.85 -10.98
CA ASP C 331 -21.98 -17.55 -9.88
C ASP C 331 -22.80 -18.78 -9.49
N ILE C 332 -23.21 -19.56 -10.48
CA ILE C 332 -23.87 -20.83 -10.18
C ILE C 332 -22.94 -21.76 -9.41
N LYS C 333 -21.71 -21.92 -9.91
CA LYS C 333 -20.78 -22.85 -9.27
C LYS C 333 -20.41 -22.41 -7.86
N ASP C 334 -20.50 -21.11 -7.56
CA ASP C 334 -20.15 -20.63 -6.23
C ASP C 334 -21.06 -21.24 -5.16
N ILE C 335 -22.35 -21.34 -5.45
CA ILE C 335 -23.30 -21.85 -4.45
C ILE C 335 -23.46 -23.36 -4.59
N THR C 336 -23.81 -23.82 -5.79
CA THR C 336 -24.01 -25.25 -6.03
C THR C 336 -23.19 -25.69 -7.23
N ALA C 337 -22.63 -26.90 -7.16
CA ALA C 337 -21.74 -27.40 -8.19
C ALA C 337 -22.20 -28.73 -8.79
N ARG C 338 -23.47 -29.07 -8.64
CA ARG C 338 -23.96 -30.34 -9.18
C ARG C 338 -23.96 -30.30 -10.71
N LYS C 339 -23.82 -31.49 -11.32
CA LYS C 339 -23.75 -31.60 -12.77
C LYS C 339 -25.07 -31.25 -13.44
N GLU C 340 -26.18 -31.59 -12.79
CA GLU C 340 -27.50 -31.44 -13.42
C GLU C 340 -27.85 -30.00 -13.73
N ILE C 341 -27.22 -29.03 -13.06
CA ILE C 341 -27.57 -27.62 -13.22
C ILE C 341 -26.62 -26.92 -14.19
N ILE C 342 -25.33 -27.25 -14.16
CA ILE C 342 -24.35 -26.43 -14.87
C ILE C 342 -24.26 -26.78 -16.35
N GLU C 343 -24.64 -28.00 -16.74
CA GLU C 343 -24.62 -28.39 -18.15
C GLU C 343 -26.00 -28.36 -18.80
N ASN C 344 -26.85 -27.41 -18.41
CA ASN C 344 -28.17 -27.24 -19.04
C ASN C 344 -28.28 -25.78 -19.48
N ALA C 345 -28.11 -25.55 -20.79
CA ALA C 345 -28.06 -24.17 -21.29
C ALA C 345 -29.37 -23.45 -21.09
N GLU C 346 -30.47 -24.15 -21.35
CA GLU C 346 -31.81 -23.53 -21.22
C GLU C 346 -32.05 -23.16 -19.76
N LEU C 347 -31.69 -24.04 -18.82
CA LEU C 347 -31.97 -23.75 -17.40
C LEU C 347 -31.15 -22.52 -17.02
N LEU C 348 -29.88 -22.49 -17.42
CA LEU C 348 -29.03 -21.35 -17.02
C LEU C 348 -29.58 -20.07 -17.64
N ASP C 349 -30.00 -20.12 -18.91
CA ASP C 349 -30.59 -18.94 -19.56
C ASP C 349 -31.80 -18.45 -18.75
N GLN C 350 -32.77 -19.34 -18.50
CA GLN C 350 -34.02 -18.92 -17.80
C GLN C 350 -33.63 -18.30 -16.46
N ILE C 351 -32.65 -18.89 -15.77
CA ILE C 351 -32.23 -18.37 -14.44
C ILE C 351 -31.76 -16.93 -14.66
N ALA C 352 -30.96 -16.74 -15.71
CA ALA C 352 -30.42 -15.38 -15.98
C ALA C 352 -31.56 -14.41 -16.28
N LYS C 353 -32.52 -14.82 -17.10
CA LYS C 353 -33.59 -13.87 -17.49
C LYS C 353 -34.32 -13.50 -16.22
N ILE C 354 -34.61 -14.49 -15.37
CA ILE C 354 -35.42 -14.15 -14.17
C ILE C 354 -34.61 -13.17 -13.34
N LEU C 355 -33.33 -13.45 -13.12
CA LEU C 355 -32.55 -12.56 -12.21
C LEU C 355 -32.52 -11.15 -12.79
N THR C 356 -32.35 -11.02 -14.10
CA THR C 356 -32.28 -9.69 -14.74
C THR C 356 -33.61 -8.93 -14.70
N ILE C 357 -34.75 -9.57 -14.97
CA ILE C 357 -36.01 -8.76 -15.09
C ILE C 357 -36.67 -8.59 -13.72
N TYR C 358 -36.69 -9.63 -12.90
CA TYR C 358 -37.35 -9.57 -11.59
C TYR C 358 -36.36 -8.96 -10.59
N GLN C 359 -36.65 -7.73 -10.18
CA GLN C 359 -35.76 -7.06 -9.22
C GLN C 359 -35.93 -7.64 -7.81
N SER C 360 -37.17 -7.84 -7.38
CA SER C 360 -37.41 -8.33 -6.03
C SER C 360 -37.01 -9.79 -5.89
N SER C 361 -36.32 -10.10 -4.79
CA SER C 361 -35.85 -11.47 -4.57
C SER C 361 -37.02 -12.43 -4.32
N GLU C 362 -38.07 -11.94 -3.66
CA GLU C 362 -39.23 -12.77 -3.39
C GLU C 362 -39.88 -13.24 -4.68
N ASP C 363 -39.93 -12.36 -5.69
CA ASP C 363 -40.45 -12.77 -6.99
C ASP C 363 -39.50 -13.75 -7.68
N ILE C 364 -38.18 -13.55 -7.53
CA ILE C 364 -37.21 -14.42 -8.18
C ILE C 364 -37.34 -15.85 -7.66
N GLN C 365 -37.38 -16.00 -6.33
CA GLN C 365 -37.47 -17.34 -5.76
C GLN C 365 -38.77 -18.01 -6.17
N GLU C 366 -39.87 -17.26 -6.22
CA GLU C 366 -41.14 -17.84 -6.65
C GLU C 366 -41.07 -18.28 -8.11
N GLU C 367 -40.45 -17.47 -8.97
CA GLU C 367 -40.39 -17.82 -10.39
C GLU C 367 -39.51 -19.05 -10.63
N LEU C 368 -38.38 -19.17 -9.92
CA LEU C 368 -37.63 -20.41 -10.00
C LEU C 368 -38.40 -21.59 -9.41
N THR C 369 -39.21 -21.35 -8.37
CA THR C 369 -40.02 -22.42 -7.81
C THR C 369 -41.04 -22.93 -8.83
N ASN C 370 -41.68 -22.02 -9.55
CA ASN C 370 -42.62 -22.42 -10.59
C ASN C 370 -41.93 -23.14 -11.74
N LEU C 371 -40.65 -22.87 -11.98
CA LEU C 371 -39.89 -23.55 -13.01
C LEU C 371 -39.57 -24.96 -12.55
N ASN C 372 -40.14 -25.96 -13.22
CA ASN C 372 -39.97 -27.36 -12.83
C ASN C 372 -38.58 -27.82 -13.26
N SER C 373 -37.58 -27.46 -12.45
CA SER C 373 -36.20 -27.82 -12.67
C SER C 373 -35.72 -28.74 -11.54
N GLU C 374 -34.43 -29.03 -11.52
CA GLU C 374 -33.82 -29.87 -10.50
C GLU C 374 -33.37 -29.06 -9.29
N LEU C 375 -33.62 -27.76 -9.27
CA LEU C 375 -33.23 -26.92 -8.15
C LEU C 375 -33.93 -27.38 -6.87
N THR C 376 -33.22 -27.33 -5.76
CA THR C 376 -33.79 -27.65 -4.46
C THR C 376 -34.17 -26.35 -3.74
N GLN C 377 -35.04 -26.50 -2.73
CA GLN C 377 -35.57 -25.33 -2.04
C GLN C 377 -34.48 -24.54 -1.33
N GLU C 378 -33.53 -25.24 -0.70
CA GLU C 378 -32.47 -24.55 0.02
C GLU C 378 -31.55 -23.79 -0.93
N GLU C 379 -31.33 -24.31 -2.14
CA GLU C 379 -30.45 -23.65 -3.09
C GLU C 379 -31.10 -22.42 -3.72
N ILE C 380 -32.43 -22.43 -3.85
CA ILE C 380 -33.12 -21.31 -4.48
C ILE C 380 -33.01 -20.06 -3.62
N GLU C 381 -33.09 -20.21 -2.29
CA GLU C 381 -32.96 -19.07 -1.41
C GLU C 381 -31.61 -18.39 -1.57
N GLN C 382 -30.55 -19.19 -1.68
CA GLN C 382 -29.22 -18.61 -1.88
C GLN C 382 -29.06 -18.00 -3.28
N ILE C 383 -29.58 -18.66 -4.31
CA ILE C 383 -29.40 -18.15 -5.66
C ILE C 383 -30.18 -16.85 -5.85
N SER C 384 -31.27 -16.67 -5.10
CA SER C 384 -32.12 -15.50 -5.30
C SER C 384 -31.44 -14.20 -4.90
N ASN C 385 -30.35 -14.26 -4.13
CA ASN C 385 -29.66 -13.06 -3.64
C ASN C 385 -28.49 -12.66 -4.53
N LEU C 386 -28.54 -13.08 -5.80
CA LEU C 386 -27.43 -12.77 -6.73
C LEU C 386 -27.65 -11.36 -7.26
N LYS C 387 -26.60 -10.67 -7.67
CA LYS C 387 -26.76 -9.25 -8.06
C LYS C 387 -25.86 -8.91 -9.24
N GLY C 388 -26.08 -7.74 -9.84
CA GLY C 388 -25.22 -7.28 -10.94
C GLY C 388 -25.71 -7.77 -12.28
N TYR C 389 -26.80 -8.55 -12.29
CA TYR C 389 -27.39 -8.96 -13.60
C TYR C 389 -28.34 -7.84 -14.04
N THR C 390 -27.85 -6.84 -14.78
CA THR C 390 -28.72 -5.68 -15.10
C THR C 390 -28.74 -5.29 -16.58
N GLY C 391 -28.68 -6.23 -17.52
CA GLY C 391 -28.78 -5.88 -18.95
C GLY C 391 -30.06 -6.41 -19.57
N THR C 392 -30.89 -5.53 -20.14
CA THR C 392 -32.21 -6.00 -20.64
C THR C 392 -32.22 -6.26 -22.15
N HIS C 393 -31.73 -5.34 -22.99
CA HIS C 393 -31.85 -5.56 -24.45
C HIS C 393 -30.54 -6.11 -25.00
N ASN C 394 -30.57 -7.32 -25.57
CA ASN C 394 -29.35 -7.93 -26.17
C ASN C 394 -29.81 -8.82 -27.33
N LEU C 395 -28.91 -9.21 -28.22
CA LEU C 395 -29.31 -9.98 -29.42
C LEU C 395 -30.21 -11.16 -29.04
N SER C 396 -31.21 -11.45 -29.86
CA SER C 396 -32.16 -12.52 -29.62
C SER C 396 -31.46 -13.87 -29.48
N LEU C 397 -32.02 -14.72 -28.62
CA LEU C 397 -31.43 -16.03 -28.35
C LEU C 397 -31.42 -16.92 -29.59
N LYS C 398 -32.47 -16.89 -30.40
CA LYS C 398 -32.52 -17.74 -31.59
C LYS C 398 -31.39 -17.39 -32.56
N ALA C 399 -31.14 -16.09 -32.76
CA ALA C 399 -29.99 -15.68 -33.55
C ALA C 399 -28.66 -15.95 -32.84
N ILE C 400 -28.66 -15.87 -31.50
CA ILE C 400 -27.44 -16.15 -30.75
C ILE C 400 -26.98 -17.58 -30.97
N ASN C 401 -27.92 -18.53 -30.98
CA ASN C 401 -27.56 -19.92 -31.25
C ASN C 401 -26.97 -20.09 -32.64
N LEU C 402 -27.58 -19.43 -33.64
CA LEU C 402 -27.05 -19.53 -35.00
C LEU C 402 -25.66 -18.95 -35.11
N ILE C 403 -25.41 -17.81 -34.47
CA ILE C 403 -24.06 -17.24 -34.50
C ILE C 403 -23.07 -18.13 -33.74
N LEU C 404 -23.49 -18.72 -32.62
CA LEU C 404 -22.59 -19.56 -31.84
C LEU C 404 -22.20 -20.81 -32.62
N ASP C 405 -23.14 -21.39 -33.37
CA ASP C 405 -22.82 -22.58 -34.16
C ASP C 405 -21.74 -22.27 -35.19
N GLU C 406 -21.90 -21.16 -35.92
CA GLU C 406 -20.88 -20.77 -36.89
C GLU C 406 -19.56 -20.42 -36.22
N LEU C 407 -19.61 -19.77 -35.05
CA LEU C 407 -18.39 -19.42 -34.34
C LEU C 407 -17.62 -20.66 -33.92
N TRP C 408 -18.33 -21.68 -33.44
CA TRP C 408 -17.65 -22.91 -32.97
C TRP C 408 -16.94 -23.57 -34.16
N HIS C 409 -17.66 -23.78 -35.25
CA HIS C 409 -17.13 -24.49 -36.45
C HIS C 409 -16.05 -23.69 -37.18
N THR C 410 -16.18 -22.38 -37.31
CA THR C 410 -15.22 -21.58 -38.13
C THR C 410 -14.54 -20.51 -37.26
N ASN C 411 -13.43 -19.94 -37.73
CA ASN C 411 -12.64 -19.00 -36.89
C ASN C 411 -13.07 -17.54 -37.16
N ASP C 412 -14.20 -17.33 -37.82
CA ASP C 412 -14.63 -15.95 -38.22
C ASP C 412 -15.05 -15.06 -37.05
N ASN C 413 -15.36 -13.78 -37.31
CA ASN C 413 -15.81 -12.82 -36.31
C ASN C 413 -17.23 -12.37 -36.65
N GLN C 414 -17.84 -11.60 -35.74
CA GLN C 414 -19.27 -11.31 -35.84
C GLN C 414 -19.60 -10.54 -37.12
N ILE C 415 -18.78 -9.56 -37.46
CA ILE C 415 -19.11 -8.68 -38.59
C ILE C 415 -19.21 -9.49 -39.88
N ALA C 416 -18.24 -10.37 -40.13
CA ALA C 416 -18.27 -11.17 -41.34
C ALA C 416 -19.31 -12.28 -41.28
N ILE C 417 -19.66 -12.77 -40.09
CA ILE C 417 -20.82 -13.66 -39.98
C ILE C 417 -22.09 -12.94 -40.40
N PHE C 418 -22.26 -11.69 -39.97
CA PHE C 418 -23.42 -10.92 -40.37
C PHE C 418 -23.44 -10.67 -41.88
N ASN C 419 -22.27 -10.36 -42.46
CA ASN C 419 -22.21 -10.18 -43.90
C ASN C 419 -22.52 -11.48 -44.65
N ARG C 420 -21.98 -12.61 -44.18
CA ARG C 420 -22.19 -13.89 -44.85
C ARG C 420 -23.65 -14.31 -44.78
N LEU C 421 -24.23 -14.31 -43.57
CA LEU C 421 -25.63 -14.67 -43.41
C LEU C 421 -26.56 -13.63 -44.01
N LYS C 422 -26.05 -12.43 -44.28
CA LYS C 422 -26.85 -11.32 -44.83
C LYS C 422 -28.07 -11.03 -43.97
N LEU C 423 -27.86 -11.01 -42.65
CA LEU C 423 -28.95 -10.69 -41.74
C LEU C 423 -29.38 -9.24 -41.95
N VAL C 424 -30.68 -9.06 -42.17
CA VAL C 424 -31.23 -7.75 -42.53
C VAL C 424 -32.31 -7.40 -41.52
N PRO C 425 -32.39 -6.14 -41.05
CA PRO C 425 -33.50 -5.75 -40.17
C PRO C 425 -34.84 -5.99 -40.84
N LYS C 426 -35.77 -6.54 -40.06
CA LYS C 426 -37.08 -6.91 -40.58
C LYS C 426 -38.23 -6.28 -39.80
N LYS C 427 -37.93 -5.39 -38.85
CA LYS C 427 -39.00 -4.71 -38.12
C LYS C 427 -39.85 -3.86 -39.05
N VAL C 428 -39.21 -3.18 -40.00
CA VAL C 428 -39.89 -2.38 -41.00
C VAL C 428 -39.49 -2.89 -42.38
N ASP C 429 -40.47 -3.11 -43.24
CA ASP C 429 -40.22 -3.61 -44.59
C ASP C 429 -39.55 -2.51 -45.41
N LEU C 430 -38.29 -2.71 -45.77
CA LEU C 430 -37.54 -1.71 -46.52
C LEU C 430 -38.02 -1.57 -47.96
N SER C 431 -38.74 -2.57 -48.50
CA SER C 431 -39.13 -2.53 -49.90
C SER C 431 -40.19 -1.48 -50.16
N GLN C 432 -41.20 -1.40 -49.28
CA GLN C 432 -42.33 -0.51 -49.53
C GLN C 432 -41.95 0.96 -49.31
N GLN C 433 -41.00 1.22 -48.41
CA GLN C 433 -40.64 2.61 -48.04
C GLN C 433 -39.98 3.36 -49.21
N LYS C 434 -40.52 4.54 -49.56
CA LYS C 434 -39.92 5.38 -50.63
C LYS C 434 -38.55 5.94 -50.19
N GLU C 435 -38.42 6.34 -48.93
CA GLU C 435 -37.15 7.00 -48.47
C GLU C 435 -36.63 6.30 -47.22
N ILE C 436 -35.35 6.49 -46.88
CA ILE C 436 -34.75 5.75 -45.74
C ILE C 436 -35.63 6.02 -44.53
N PRO C 437 -36.05 5.01 -43.76
CA PRO C 437 -36.98 5.23 -42.66
C PRO C 437 -36.31 5.49 -41.31
N THR C 438 -36.68 6.59 -40.65
CA THR C 438 -36.01 6.93 -39.41
C THR C 438 -36.41 6.02 -38.26
N THR C 439 -37.34 5.08 -38.49
CA THR C 439 -37.80 4.20 -37.42
C THR C 439 -36.71 3.24 -36.97
N LEU C 440 -35.88 2.76 -37.91
CA LEU C 440 -34.90 1.73 -37.58
C LEU C 440 -33.88 2.23 -36.56
N VAL C 441 -33.59 3.53 -36.57
CA VAL C 441 -32.60 4.08 -35.66
C VAL C 441 -33.04 3.94 -34.20
N ASP C 442 -34.34 3.89 -33.99
CA ASP C 442 -34.81 3.68 -32.60
C ASP C 442 -34.30 2.35 -32.03
N ASP C 443 -34.35 1.26 -32.80
CA ASP C 443 -34.01 -0.07 -32.22
C ASP C 443 -32.55 -0.24 -31.77
N PHE C 444 -31.57 0.18 -32.57
CA PHE C 444 -30.16 -0.10 -32.17
C PHE C 444 -29.91 0.59 -30.84
N ILE C 445 -29.17 -0.03 -29.93
CA ILE C 445 -29.02 0.65 -28.61
C ILE C 445 -27.89 1.67 -28.77
N LEU C 446 -28.25 2.94 -28.99
CA LEU C 446 -27.24 4.01 -29.21
C LEU C 446 -27.59 5.14 -28.24
N SER C 447 -26.59 5.85 -27.72
CA SER C 447 -26.82 6.96 -26.76
C SER C 447 -27.70 8.05 -27.41
N PRO C 448 -28.53 8.84 -26.70
CA PRO C 448 -29.47 9.76 -27.36
C PRO C 448 -28.80 10.78 -28.27
N VAL C 449 -27.57 11.19 -27.95
CA VAL C 449 -26.83 12.08 -28.84
C VAL C 449 -26.64 11.43 -30.20
N VAL C 450 -26.15 10.19 -30.21
CA VAL C 450 -25.91 9.49 -31.46
C VAL C 450 -27.23 9.22 -32.18
N LYS C 451 -28.29 8.94 -31.42
CA LYS C 451 -29.59 8.70 -32.05
C LYS C 451 -30.10 9.94 -32.77
N ARG C 452 -30.03 11.10 -32.11
CA ARG C 452 -30.44 12.34 -32.75
C ARG C 452 -29.58 12.65 -33.96
N SER C 453 -28.26 12.45 -33.84
CA SER C 453 -27.38 12.71 -34.98
C SER C 453 -27.71 11.79 -36.15
N PHE C 454 -28.00 10.52 -35.87
CA PHE C 454 -28.35 9.59 -36.93
C PHE C 454 -29.65 9.98 -37.61
N ILE C 455 -30.65 10.37 -36.83
CA ILE C 455 -31.92 10.77 -37.43
C ILE C 455 -31.73 11.99 -38.32
N GLN C 456 -31.00 12.99 -37.83
CA GLN C 456 -30.75 14.18 -38.64
C GLN C 456 -29.96 13.84 -39.89
N SER C 457 -28.96 12.97 -39.78
CA SER C 457 -28.16 12.58 -40.93
C SER C 457 -29.01 11.85 -41.97
N ILE C 458 -29.91 10.97 -41.52
CA ILE C 458 -30.77 10.25 -42.45
C ILE C 458 -31.71 11.21 -43.15
N LYS C 459 -32.23 12.21 -42.43
CA LYS C 459 -33.06 13.22 -43.08
C LYS C 459 -32.27 14.04 -44.10
N VAL C 460 -31.01 14.37 -43.78
CA VAL C 460 -30.16 15.07 -44.74
C VAL C 460 -29.96 14.22 -45.99
N ILE C 461 -29.71 12.92 -45.81
CA ILE C 461 -29.56 12.02 -46.96
C ILE C 461 -30.83 12.00 -47.79
N ASN C 462 -31.99 11.92 -47.12
CA ASN C 462 -33.25 11.92 -47.85
C ASN C 462 -33.42 13.19 -48.68
N ALA C 463 -33.11 14.34 -48.08
CA ALA C 463 -33.25 15.60 -48.80
C ALA C 463 -32.30 15.68 -49.98
N ILE C 464 -31.05 15.25 -49.80
CA ILE C 464 -30.07 15.31 -50.88
C ILE C 464 -30.46 14.36 -52.01
N ILE C 465 -30.97 13.17 -51.65
CA ILE C 465 -31.42 12.22 -52.67
C ILE C 465 -32.58 12.81 -53.45
N LYS C 466 -33.53 13.44 -52.75
CA LYS C 466 -34.67 14.06 -53.42
C LYS C 466 -34.26 15.22 -54.32
N LYS C 467 -33.21 15.96 -53.95
CA LYS C 467 -32.80 17.14 -54.70
C LYS C 467 -31.88 16.81 -55.87
N TYR C 468 -30.72 16.18 -55.62
CA TYR C 468 -29.71 15.98 -56.63
C TYR C 468 -29.69 14.56 -57.18
N GLY C 469 -30.70 13.74 -56.88
CA GLY C 469 -30.75 12.41 -57.40
C GLY C 469 -30.03 11.39 -56.54
N LEU C 470 -29.80 10.18 -57.08
CA LEU C 470 -29.20 9.09 -56.27
C LEU C 470 -27.70 9.26 -56.13
N PRO C 471 -27.13 9.17 -54.90
CA PRO C 471 -25.71 9.36 -54.69
C PRO C 471 -24.92 8.09 -55.07
N ASN C 472 -23.91 8.24 -55.93
CA ASN C 472 -23.10 7.07 -56.36
C ASN C 472 -22.38 6.49 -55.15
N ASP C 473 -21.83 7.34 -54.29
CA ASP C 473 -21.16 6.84 -53.07
C ASP C 473 -21.49 7.74 -51.87
N ILE C 474 -21.59 7.16 -50.68
CA ILE C 474 -21.83 7.99 -49.46
C ILE C 474 -20.65 7.71 -48.52
N ILE C 475 -20.02 8.71 -47.91
CA ILE C 475 -18.96 8.40 -46.91
C ILE C 475 -19.41 8.93 -45.54
N ILE C 476 -19.47 8.08 -44.53
CA ILE C 476 -20.03 8.52 -43.23
C ILE C 476 -18.96 8.52 -42.16
N GLU C 477 -18.70 9.64 -41.52
CA GLU C 477 -17.77 9.72 -40.38
C GLU C 477 -18.58 10.03 -39.13
N LEU C 478 -18.46 9.18 -38.12
CA LEU C 478 -19.08 9.55 -36.83
C LEU C 478 -17.92 10.13 -36.01
N ALA C 479 -18.11 11.27 -35.35
CA ALA C 479 -16.98 11.92 -34.64
C ALA C 479 -16.62 11.15 -33.38
N ARG C 480 -15.36 11.28 -32.94
CA ARG C 480 -14.87 10.48 -31.79
C ARG C 480 -15.61 10.84 -30.51
N GLU C 481 -15.90 12.11 -30.25
CA GLU C 481 -16.49 12.48 -28.94
C GLU C 481 -17.87 11.84 -28.77
N LYS C 482 -18.08 11.13 -27.66
CA LYS C 482 -19.41 10.53 -27.37
C LYS C 482 -20.42 11.63 -27.02
N ASN C 483 -20.03 12.61 -26.21
CA ASN C 483 -20.96 13.67 -25.75
C ASN C 483 -20.13 14.88 -25.34
N SER C 484 -20.76 16.04 -25.08
CA SER C 484 -19.95 17.24 -24.79
C SER C 484 -19.09 17.04 -23.53
N LYS C 485 -19.61 16.39 -22.49
CA LYS C 485 -18.81 16.28 -21.25
C LYS C 485 -17.46 15.66 -21.62
N ASP C 486 -17.40 14.89 -22.70
CA ASP C 486 -16.12 14.33 -23.15
C ASP C 486 -15.36 15.32 -24.03
N ALA C 487 -16.05 16.14 -24.80
CA ALA C 487 -15.24 17.06 -25.62
C ALA C 487 -14.41 17.96 -24.72
N GLN C 488 -15.01 18.50 -23.66
CA GLN C 488 -14.19 19.33 -22.74
C GLN C 488 -13.12 18.47 -22.06
N LYS C 489 -13.46 17.30 -21.52
CA LYS C 489 -12.41 16.53 -20.77
C LYS C 489 -11.25 16.35 -21.72
N MET C 490 -11.53 15.91 -22.94
CA MET C 490 -10.43 15.64 -23.90
C MET C 490 -9.70 16.96 -24.17
N ILE C 491 -10.42 18.06 -24.43
CA ILE C 491 -9.68 19.29 -24.79
C ILE C 491 -8.77 19.67 -23.62
N ASN C 492 -9.28 19.55 -22.39
CA ASN C 492 -8.45 19.90 -21.21
C ASN C 492 -7.24 18.98 -21.17
N GLU C 493 -7.41 17.67 -21.36
CA GLU C 493 -6.26 16.75 -21.23
C GLU C 493 -5.26 17.10 -22.32
N MET C 494 -5.75 17.39 -23.53
CA MET C 494 -4.82 17.67 -24.65
C MET C 494 -4.04 18.94 -24.32
N GLN C 495 -4.73 19.96 -23.80
CA GLN C 495 -4.04 21.20 -23.40
C GLN C 495 -2.94 20.87 -22.40
N LYS C 496 -3.24 20.02 -21.41
CA LYS C 496 -2.24 19.70 -20.36
C LYS C 496 -1.04 19.01 -21.02
N ARG C 497 -1.30 18.07 -21.92
CA ARG C 497 -0.21 17.34 -22.60
C ARG C 497 0.62 18.34 -23.42
N ASN C 498 -0.08 19.26 -24.09
CA ASN C 498 0.63 20.25 -24.94
C ASN C 498 1.54 21.08 -24.03
N ARG C 499 1.02 21.46 -22.86
CA ARG C 499 1.82 22.26 -21.90
C ARG C 499 3.04 21.46 -21.46
N GLN C 500 2.90 20.18 -21.13
CA GLN C 500 4.07 19.41 -20.62
C GLN C 500 5.13 19.32 -21.71
N THR C 501 4.72 19.06 -22.95
CA THR C 501 5.69 18.99 -24.08
C THR C 501 6.34 20.35 -24.30
N ASN C 502 5.56 21.44 -24.17
CA ASN C 502 6.14 22.80 -24.32
C ASN C 502 7.18 23.00 -23.22
N GLU C 503 6.91 22.53 -22.00
CA GLU C 503 7.85 22.64 -20.86
C GLU C 503 9.13 21.85 -21.17
N ARG C 504 8.99 20.65 -21.74
CA ARG C 504 10.17 19.85 -22.09
C ARG C 504 10.98 20.65 -23.11
N ILE C 505 10.31 21.24 -24.09
CA ILE C 505 11.02 22.00 -25.16
C ILE C 505 11.77 23.14 -24.49
N GLU C 506 11.12 23.85 -23.57
CA GLU C 506 11.75 25.04 -22.93
C GLU C 506 12.96 24.60 -22.11
N GLU C 507 12.86 23.48 -21.38
CA GLU C 507 13.99 22.99 -20.55
C GLU C 507 15.16 22.64 -21.48
N ILE C 508 14.86 22.00 -22.61
CA ILE C 508 15.93 21.62 -23.56
C ILE C 508 16.57 22.91 -24.09
N ILE C 509 15.75 23.88 -24.50
CA ILE C 509 16.28 25.15 -25.08
C ILE C 509 17.35 25.72 -24.15
N ARG C 510 17.05 25.82 -22.84
CA ARG C 510 18.03 26.47 -21.92
C ARG C 510 19.33 25.66 -21.88
N THR C 511 19.22 24.34 -21.76
CA THR C 511 20.43 23.48 -21.69
C THR C 511 21.20 23.52 -23.01
N THR C 512 20.50 23.35 -24.15
CA THR C 512 21.17 23.30 -25.47
C THR C 512 21.77 24.65 -25.86
N GLY C 513 21.05 25.74 -25.59
CA GLY C 513 21.53 27.07 -26.04
C GLY C 513 21.29 27.28 -27.52
N LYS C 514 20.42 26.47 -28.13
CA LYS C 514 20.09 26.67 -29.57
C LYS C 514 18.57 26.69 -29.78
N GLU C 515 18.12 27.26 -30.90
CA GLU C 515 16.66 27.37 -31.20
C GLU C 515 16.25 26.26 -32.16
N ASN C 516 17.14 25.29 -32.40
CA ASN C 516 16.84 24.19 -33.37
C ASN C 516 15.62 23.42 -32.87
N ALA C 517 15.41 23.38 -31.56
CA ALA C 517 14.29 22.59 -30.97
C ALA C 517 12.95 23.09 -31.52
N LYS C 518 12.88 24.35 -31.96
CA LYS C 518 11.58 24.92 -32.42
C LYS C 518 11.02 24.07 -33.56
N TYR C 519 11.87 23.64 -34.50
CA TYR C 519 11.41 22.77 -35.61
C TYR C 519 11.75 21.30 -35.34
N LEU C 520 12.30 20.97 -34.17
CA LEU C 520 12.73 19.58 -33.89
C LEU C 520 11.78 18.89 -32.90
N ILE C 521 10.58 19.43 -32.72
CA ILE C 521 9.64 18.87 -31.70
C ILE C 521 9.29 17.41 -32.03
N GLU C 522 9.08 17.08 -33.29
CA GLU C 522 8.65 15.69 -33.62
C GLU C 522 9.75 14.70 -33.24
N LYS C 523 11.01 15.04 -33.53
CA LYS C 523 12.13 14.09 -33.28
C LYS C 523 12.43 14.01 -31.78
N ILE C 524 12.41 15.15 -31.10
CA ILE C 524 12.72 15.18 -29.68
C ILE C 524 11.66 14.42 -28.88
N LYS C 525 10.40 14.45 -29.33
CA LYS C 525 9.40 13.58 -28.73
C LYS C 525 9.75 12.11 -28.91
N LEU C 526 10.26 11.75 -30.09
CA LEU C 526 10.63 10.36 -30.34
C LEU C 526 11.87 9.92 -29.55
N HIS C 527 12.82 10.83 -29.33
CA HIS C 527 14.10 10.48 -28.71
C HIS C 527 13.92 9.92 -27.31
N ASP C 528 13.22 10.64 -26.42
CA ASP C 528 13.07 10.16 -25.06
C ASP C 528 12.17 8.94 -24.99
N MET C 529 11.19 8.83 -25.90
CA MET C 529 10.38 7.62 -25.95
C MET C 529 11.23 6.40 -26.29
N GLN C 530 12.17 6.56 -27.20
CA GLN C 530 13.15 5.52 -27.48
C GLN C 530 14.34 5.57 -26.52
N GLU C 531 14.36 6.54 -25.60
CA GLU C 531 15.44 6.70 -24.63
C GLU C 531 16.80 6.84 -25.33
N GLY C 532 16.80 7.56 -26.45
CA GLY C 532 18.03 7.76 -27.20
C GLY C 532 18.65 6.47 -27.69
N LYS C 533 17.83 5.53 -28.14
CA LYS C 533 18.29 4.24 -28.63
C LYS C 533 17.67 3.98 -30.00
N CYS C 534 18.51 3.80 -31.02
CA CYS C 534 18.03 3.40 -32.33
C CYS C 534 17.40 2.02 -32.22
N LEU C 535 16.08 1.94 -32.41
CA LEU C 535 15.37 0.67 -32.22
C LEU C 535 15.81 -0.38 -33.22
N TYR C 536 16.45 0.02 -34.31
CA TYR C 536 16.85 -0.91 -35.35
C TYR C 536 18.28 -1.42 -35.19
N SER C 537 19.11 -0.72 -34.43
CA SER C 537 20.51 -1.09 -34.27
C SER C 537 20.99 -1.03 -32.82
N LEU C 538 20.17 -0.57 -31.88
CA LEU C 538 20.42 -0.54 -30.45
C LEU C 538 21.50 0.48 -30.05
N GLU C 539 22.14 1.14 -31.01
CA GLU C 539 23.19 2.09 -30.67
C GLU C 539 22.60 3.32 -29.96
N ALA C 540 23.31 3.80 -28.95
CA ALA C 540 22.84 4.93 -28.17
C ALA C 540 22.91 6.22 -28.98
N ILE C 541 21.88 7.05 -28.82
CA ILE C 541 21.79 8.32 -29.54
C ILE C 541 21.80 9.47 -28.55
N PRO C 542 22.83 10.32 -28.57
CA PRO C 542 22.83 11.50 -27.71
C PRO C 542 21.79 12.51 -28.16
N LEU C 543 21.23 13.22 -27.17
CA LEU C 543 20.19 14.20 -27.48
C LEU C 543 20.77 15.42 -28.18
N GLU C 544 22.00 15.80 -27.84
CA GLU C 544 22.62 16.98 -28.44
C GLU C 544 22.81 16.82 -29.95
N ASP C 545 23.24 15.63 -30.38
CA ASP C 545 23.50 15.42 -31.79
C ASP C 545 22.23 15.55 -32.62
N LEU C 546 21.07 15.29 -32.01
CA LEU C 546 19.81 15.46 -32.71
C LEU C 546 19.59 16.91 -33.12
N LEU C 547 19.89 17.85 -32.21
CA LEU C 547 19.78 19.27 -32.56
C LEU C 547 20.93 19.72 -33.44
N ASN C 548 22.15 19.28 -33.17
CA ASN C 548 23.30 19.70 -33.96
C ASN C 548 23.22 19.16 -35.38
N ASN C 549 22.89 17.89 -35.55
CA ASN C 549 22.84 17.23 -36.85
C ASN C 549 21.49 16.53 -37.00
N PRO C 550 20.42 17.28 -37.28
CA PRO C 550 19.10 16.64 -37.46
C PRO C 550 19.06 15.70 -38.65
N PHE C 551 19.94 15.87 -39.64
CA PHE C 551 19.90 15.02 -40.83
C PHE C 551 20.50 13.64 -40.60
N ASN C 552 21.21 13.44 -39.48
CA ASN C 552 21.71 12.10 -39.16
C ASN C 552 20.63 11.16 -38.68
N TYR C 553 19.44 11.68 -38.38
CA TYR C 553 18.32 10.87 -37.91
C TYR C 553 17.06 11.24 -38.69
N GLU C 554 16.22 10.23 -38.93
CA GLU C 554 15.01 10.38 -39.71
C GLU C 554 13.84 9.68 -39.04
N VAL C 555 12.64 10.17 -39.31
CA VAL C 555 11.41 9.61 -38.77
C VAL C 555 10.88 8.55 -39.72
N ASP C 556 11.23 7.29 -39.46
CA ASP C 556 10.81 6.17 -40.29
C ASP C 556 9.51 5.58 -39.76
N HIS C 557 8.77 4.92 -40.65
CA HIS C 557 7.52 4.27 -40.30
C HIS C 557 7.75 2.78 -40.11
N ILE C 558 7.23 2.23 -39.01
CA ILE C 558 7.45 0.82 -38.71
C ILE C 558 6.82 -0.06 -39.77
N ILE C 559 5.57 0.24 -40.14
CA ILE C 559 4.85 -0.50 -41.17
C ILE C 559 4.68 0.39 -42.39
N PRO C 560 4.82 -0.13 -43.60
CA PRO C 560 4.57 0.69 -44.79
C PRO C 560 3.15 1.25 -44.79
N ARG C 561 3.02 2.51 -45.20
CA ARG C 561 1.74 3.20 -45.17
C ARG C 561 0.78 2.73 -46.25
N SER C 562 1.27 1.95 -47.23
CA SER C 562 0.37 1.38 -48.24
C SER C 562 -0.61 0.39 -47.62
N VAL C 563 -0.27 -0.19 -46.48
CA VAL C 563 -1.14 -1.14 -45.79
C VAL C 563 -1.52 -0.66 -44.40
N SER C 564 -0.57 -0.07 -43.66
CA SER C 564 -0.84 0.31 -42.28
C SER C 564 -1.91 1.39 -42.18
N PHE C 565 -1.84 2.34 -43.12
CA PHE C 565 -2.80 3.48 -43.15
C PHE C 565 -2.71 4.26 -41.84
N ASP C 566 -1.63 4.04 -41.07
CA ASP C 566 -1.49 4.72 -39.75
C ASP C 566 -0.35 5.73 -39.85
N ASN C 567 -0.62 6.97 -39.46
CA ASN C 567 0.41 8.04 -39.54
C ASN C 567 0.61 8.65 -38.16
N SER C 568 0.19 7.95 -37.11
CA SER C 568 0.35 8.46 -35.73
C SER C 568 1.80 8.30 -35.25
N PHE C 569 2.18 8.96 -34.15
CA PHE C 569 3.55 8.86 -33.59
C PHE C 569 3.83 7.41 -33.21
N ASN C 570 2.76 6.63 -32.97
CA ASN C 570 2.93 5.19 -32.66
C ASN C 570 3.64 4.50 -33.83
N ASN C 571 3.35 4.93 -35.05
CA ASN C 571 3.94 4.29 -36.26
C ASN C 571 5.18 5.09 -36.72
N LYS C 572 5.75 5.93 -35.85
CA LYS C 572 6.98 6.69 -36.21
C LYS C 572 8.15 6.31 -35.30
N VAL C 573 9.40 6.38 -35.81
CA VAL C 573 10.62 6.09 -35.01
C VAL C 573 11.79 6.92 -35.55
N LEU C 574 12.80 7.17 -34.70
CA LEU C 574 14.02 7.90 -35.13
C LEU C 574 15.09 6.87 -35.48
N VAL C 575 15.56 6.85 -36.73
CA VAL C 575 16.51 5.78 -37.15
C VAL C 575 17.66 6.37 -37.95
N LYS C 576 18.74 5.61 -38.13
CA LYS C 576 19.87 6.05 -38.97
C LYS C 576 19.44 6.03 -40.43
N GLN C 577 19.75 7.08 -41.20
CA GLN C 577 19.45 7.14 -42.63
C GLN C 577 19.78 5.84 -43.34
N GLU C 578 20.91 5.22 -42.99
CA GLU C 578 21.27 3.94 -43.59
C GLU C 578 20.29 2.85 -43.16
N GLU C 579 19.85 2.89 -41.90
CA GLU C 579 18.88 1.91 -41.42
C GLU C 579 17.57 2.02 -42.18
N ASN C 580 17.08 3.25 -42.36
CA ASN C 580 15.84 3.47 -43.10
C ASN C 580 16.00 3.05 -44.56
N SER C 581 17.14 3.39 -45.17
CA SER C 581 17.36 3.02 -46.57
C SER C 581 17.39 1.50 -46.74
N LYS C 582 18.04 0.79 -45.82
CA LYS C 582 18.12 -0.65 -45.91
C LYS C 582 16.76 -1.30 -45.61
N LYS C 583 15.97 -0.69 -44.73
CA LYS C 583 14.72 -1.30 -44.31
C LYS C 583 13.71 -1.37 -45.46
N GLY C 584 13.54 -0.28 -46.19
CA GLY C 584 12.63 -0.30 -47.32
C GLY C 584 11.17 -0.38 -46.90
N ASN C 585 10.33 -0.80 -47.86
CA ASN C 585 8.90 -0.94 -47.64
C ASN C 585 8.58 -2.37 -47.18
N ARG C 586 9.08 -2.68 -45.99
CA ARG C 586 8.94 -4.02 -45.43
C ARG C 586 8.61 -3.92 -43.94
N THR C 587 8.77 -5.02 -43.23
CA THR C 587 8.48 -5.09 -41.80
C THR C 587 9.76 -5.29 -41.00
N PRO C 588 9.80 -4.82 -39.75
CA PRO C 588 11.01 -5.01 -38.94
C PRO C 588 11.36 -6.47 -38.69
N PHE C 589 10.37 -7.37 -38.73
CA PHE C 589 10.64 -8.78 -38.46
C PHE C 589 11.65 -9.35 -39.45
N GLN C 590 11.31 -9.33 -40.74
CA GLN C 590 12.18 -9.88 -41.77
C GLN C 590 13.47 -9.09 -41.94
N TYR C 591 13.49 -7.82 -41.50
CA TYR C 591 14.70 -7.01 -41.64
C TYR C 591 15.70 -7.31 -40.52
N LEU C 592 15.23 -7.44 -39.28
CA LEU C 592 16.09 -7.90 -38.20
C LEU C 592 16.50 -9.35 -38.43
N SER C 593 15.63 -10.14 -39.05
CA SER C 593 16.03 -11.48 -39.48
C SER C 593 17.14 -11.41 -40.53
N SER C 594 17.05 -10.43 -41.43
CA SER C 594 18.08 -10.25 -42.43
C SER C 594 19.38 -9.75 -41.79
N SER C 595 20.49 -9.95 -42.51
CA SER C 595 21.80 -9.60 -41.98
C SER C 595 22.10 -8.11 -42.08
N ASP C 596 21.22 -7.31 -42.69
CA ASP C 596 21.48 -5.88 -42.82
C ASP C 596 21.55 -5.21 -41.45
N SER C 597 20.66 -5.57 -40.55
CA SER C 597 20.65 -4.98 -39.22
C SER C 597 21.87 -5.46 -38.42
N LYS C 598 22.39 -4.58 -37.58
CA LYS C 598 23.59 -4.94 -36.76
C LYS C 598 23.14 -5.48 -35.40
N ILE C 599 21.85 -5.85 -35.26
CA ILE C 599 21.38 -6.52 -34.01
C ILE C 599 20.47 -7.70 -34.39
N SER C 600 20.39 -8.72 -33.54
CA SER C 600 19.55 -9.92 -33.82
C SER C 600 18.08 -9.66 -33.47
N TYR C 601 17.17 -10.38 -34.12
CA TYR C 601 15.71 -10.15 -33.90
C TYR C 601 15.31 -10.45 -32.46
N GLU C 602 15.82 -11.55 -31.89
CA GLU C 602 15.40 -11.94 -30.52
C GLU C 602 15.86 -10.89 -29.52
N THR C 603 17.09 -10.40 -29.66
CA THR C 603 17.59 -9.34 -28.75
C THR C 603 16.72 -8.10 -28.94
N PHE C 604 16.39 -7.78 -30.20
CA PHE C 604 15.52 -6.61 -30.49
C PHE C 604 14.21 -6.80 -29.72
N LYS C 605 13.61 -7.98 -29.85
CA LYS C 605 12.31 -8.25 -29.18
C LYS C 605 12.50 -8.11 -27.68
N LYS C 606 13.60 -8.63 -27.14
CA LYS C 606 13.80 -8.59 -25.68
C LYS C 606 13.88 -7.13 -25.25
N HIS C 607 14.66 -6.33 -26.00
CA HIS C 607 14.81 -4.91 -25.65
C HIS C 607 13.45 -4.22 -25.77
N ILE C 608 12.72 -4.53 -26.83
CA ILE C 608 11.41 -3.84 -27.06
C ILE C 608 10.46 -4.18 -25.91
N LEU C 609 10.39 -5.45 -25.53
CA LEU C 609 9.39 -5.84 -24.49
C LEU C 609 9.75 -5.13 -23.18
N ASN C 610 11.02 -5.17 -22.79
CA ASN C 610 11.39 -4.57 -21.47
C ASN C 610 11.17 -3.06 -21.55
N LEU C 611 11.52 -2.46 -22.68
CA LEU C 611 11.36 -0.98 -22.83
C LEU C 611 9.88 -0.64 -22.75
N ALA C 612 9.02 -1.47 -23.33
CA ALA C 612 7.56 -1.15 -23.36
C ALA C 612 7.03 -1.06 -21.93
N LYS C 613 7.40 -2.03 -21.09
CA LYS C 613 6.96 -2.02 -19.67
C LYS C 613 7.58 -0.83 -18.93
N GLY C 614 8.84 -0.49 -19.23
CA GLY C 614 9.53 0.54 -18.43
C GLY C 614 9.22 1.98 -18.85
N LYS C 615 8.68 2.78 -17.92
CA LYS C 615 8.41 4.22 -18.16
C LYS C 615 7.19 4.44 -19.06
N GLY C 616 6.49 3.37 -19.43
CA GLY C 616 5.29 3.49 -20.26
C GLY C 616 5.59 4.30 -21.51
N ARG C 617 6.74 4.07 -22.12
CA ARG C 617 7.15 4.91 -23.28
C ARG C 617 6.76 4.21 -24.59
N ILE C 618 6.53 2.90 -24.55
CA ILE C 618 6.09 2.22 -25.76
C ILE C 618 4.61 1.89 -25.59
N SER C 619 3.79 2.35 -26.52
CA SER C 619 2.36 2.09 -26.46
C SER C 619 2.06 0.63 -26.81
N LYS C 620 0.82 0.22 -26.54
CA LYS C 620 0.42 -1.15 -26.81
C LYS C 620 0.50 -1.48 -28.29
N THR C 621 0.04 -0.57 -29.15
CA THR C 621 0.08 -0.83 -30.58
C THR C 621 1.48 -0.70 -31.16
N LYS C 622 2.37 0.07 -30.50
CA LYS C 622 3.71 0.25 -31.04
C LYS C 622 4.49 -1.06 -31.04
N LYS C 623 4.44 -1.82 -29.94
CA LYS C 623 5.16 -3.09 -29.89
C LYS C 623 4.52 -4.11 -30.82
N GLU C 624 3.20 -4.06 -31.00
CA GLU C 624 2.55 -4.95 -31.96
C GLU C 624 3.01 -4.65 -33.38
N TYR C 625 3.12 -3.36 -33.73
CA TYR C 625 3.63 -3.00 -35.05
C TYR C 625 5.09 -3.42 -35.21
N LEU C 626 5.90 -3.21 -34.17
CA LEU C 626 7.30 -3.62 -34.24
C LEU C 626 7.45 -5.13 -34.37
N LEU C 627 6.64 -5.88 -33.63
CA LEU C 627 6.74 -7.34 -33.59
C LEU C 627 5.70 -8.02 -34.48
N GLU C 628 5.29 -7.38 -35.56
CA GLU C 628 4.31 -7.97 -36.48
C GLU C 628 5.01 -9.00 -37.35
N GLU C 629 5.00 -10.27 -36.89
CA GLU C 629 5.64 -11.34 -37.63
C GLU C 629 4.85 -11.79 -38.85
N ARG C 630 3.53 -11.67 -38.80
CA ARG C 630 2.71 -12.11 -39.92
C ARG C 630 2.98 -11.27 -41.16
N ASP C 631 3.04 -11.94 -42.31
CA ASP C 631 3.40 -11.27 -43.56
C ASP C 631 2.28 -10.32 -43.98
N ILE C 632 2.68 -9.10 -44.37
CA ILE C 632 1.70 -8.10 -44.81
C ILE C 632 1.16 -8.45 -46.19
N ASN C 633 1.84 -9.32 -46.93
CA ASN C 633 1.40 -9.67 -48.28
C ASN C 633 0.07 -10.42 -48.25
N ARG C 634 -0.24 -11.07 -47.13
CA ARG C 634 -1.48 -11.83 -47.03
C ARG C 634 -2.69 -10.89 -47.07
N PHE C 635 -3.72 -11.33 -47.78
CA PHE C 635 -4.92 -10.50 -47.93
C PHE C 635 -5.62 -10.28 -46.60
N SER C 636 -5.67 -11.32 -45.76
CA SER C 636 -6.32 -11.19 -44.45
C SER C 636 -5.58 -10.16 -43.58
N VAL C 637 -4.26 -10.12 -43.68
CA VAL C 637 -3.47 -9.21 -42.78
C VAL C 637 -3.65 -7.76 -43.23
N GLN C 638 -3.63 -7.52 -44.54
CA GLN C 638 -3.86 -6.15 -45.05
C GLN C 638 -5.27 -5.71 -44.63
N LYS C 639 -6.23 -6.62 -44.75
CA LYS C 639 -7.63 -6.30 -44.40
C LYS C 639 -7.68 -5.96 -42.91
N ASP C 640 -6.96 -6.72 -42.09
CA ASP C 640 -6.97 -6.47 -40.62
C ASP C 640 -6.41 -5.08 -40.37
N PHE C 641 -5.32 -4.74 -41.05
CA PHE C 641 -4.71 -3.39 -40.83
C PHE C 641 -5.72 -2.32 -41.25
N ILE C 642 -6.36 -2.48 -42.40
CA ILE C 642 -7.36 -1.49 -42.89
C ILE C 642 -8.43 -1.33 -41.82
N ASN C 643 -8.94 -2.44 -41.28
CA ASN C 643 -10.06 -2.36 -40.32
C ASN C 643 -9.60 -1.67 -39.03
N ARG C 644 -8.37 -1.93 -38.61
CA ARG C 644 -7.95 -1.36 -37.30
C ARG C 644 -7.59 0.11 -37.49
N ASN C 645 -7.26 0.53 -38.72
CA ASN C 645 -6.76 1.90 -38.84
C ASN C 645 -7.63 2.78 -39.73
N LEU C 646 -8.35 2.23 -40.69
CA LEU C 646 -9.12 3.04 -41.62
C LEU C 646 -10.63 2.86 -41.51
N VAL C 647 -11.11 1.69 -41.12
CA VAL C 647 -12.54 1.41 -41.01
C VAL C 647 -12.96 1.53 -39.56
N ASP C 648 -14.02 2.29 -39.32
CA ASP C 648 -14.53 2.45 -37.96
C ASP C 648 -15.09 1.13 -37.45
N THR C 649 -14.97 0.89 -36.15
CA THR C 649 -15.42 -0.43 -35.64
C THR C 649 -16.41 -0.25 -34.49
N ARG C 650 -16.67 1.00 -34.09
CA ARG C 650 -17.56 1.23 -32.94
C ARG C 650 -18.96 0.78 -33.32
N TYR C 651 -19.78 0.34 -32.35
CA TYR C 651 -21.11 -0.22 -32.70
C TYR C 651 -21.95 0.80 -33.45
N ALA C 652 -21.87 2.07 -33.05
CA ALA C 652 -22.76 3.05 -33.67
C ALA C 652 -22.49 3.17 -35.16
N THR C 653 -21.23 3.33 -35.57
CA THR C 653 -21.03 3.55 -37.02
C THR C 653 -21.49 2.31 -37.76
N ARG C 654 -21.17 1.14 -37.22
CA ARG C 654 -21.52 -0.11 -37.92
C ARG C 654 -23.04 -0.16 -38.11
N GLY C 655 -23.79 0.04 -37.04
CA GLY C 655 -25.24 -0.06 -37.16
C GLY C 655 -25.80 0.84 -38.25
N LEU C 656 -25.32 2.09 -38.30
CA LEU C 656 -25.78 3.01 -39.34
C LEU C 656 -25.38 2.49 -40.72
N MET C 657 -24.15 1.99 -40.86
CA MET C 657 -23.69 1.44 -42.13
C MET C 657 -24.54 0.25 -42.54
N ASN C 658 -24.83 -0.65 -41.60
CA ASN C 658 -25.64 -1.82 -41.91
C ASN C 658 -27.05 -1.41 -42.33
N LEU C 659 -27.63 -0.43 -41.63
CA LEU C 659 -28.97 0.03 -42.00
C LEU C 659 -29.00 0.60 -43.41
N LEU C 660 -28.04 1.48 -43.73
CA LEU C 660 -28.03 2.07 -45.06
C LEU C 660 -27.76 1.03 -46.14
N ARG C 661 -26.83 0.10 -45.88
CA ARG C 661 -26.53 -0.94 -46.84
C ARG C 661 -27.74 -1.83 -47.09
N SER C 662 -28.46 -2.20 -46.02
CA SER C 662 -29.66 -3.00 -46.17
C SER C 662 -30.73 -2.26 -46.97
N TYR C 663 -30.91 -0.97 -46.69
CA TYR C 663 -31.90 -0.20 -47.44
C TYR C 663 -31.55 -0.13 -48.92
N PHE C 664 -30.28 0.12 -49.23
CA PHE C 664 -29.87 0.22 -50.63
C PHE C 664 -29.93 -1.13 -51.33
N ARG C 665 -29.66 -2.22 -50.60
CA ARG C 665 -29.68 -3.55 -51.21
C ARG C 665 -31.11 -4.01 -51.48
N VAL C 666 -32.02 -3.75 -50.54
CA VAL C 666 -33.41 -4.19 -50.70
C VAL C 666 -34.04 -3.51 -51.92
N ASN C 667 -33.80 -2.21 -52.08
CA ASN C 667 -34.34 -1.46 -53.21
C ASN C 667 -33.51 -1.64 -54.47
N ASN C 668 -32.45 -2.45 -54.42
CA ASN C 668 -31.61 -2.73 -55.59
C ASN C 668 -31.02 -1.45 -56.18
N LEU C 669 -30.47 -0.61 -55.32
CA LEU C 669 -29.82 0.64 -55.73
C LEU C 669 -28.31 0.47 -55.61
N ASP C 670 -27.60 0.71 -56.72
CA ASP C 670 -26.14 0.55 -56.77
C ASP C 670 -25.45 1.71 -56.06
N VAL C 671 -25.59 1.73 -54.75
CA VAL C 671 -25.05 2.79 -53.89
C VAL C 671 -24.05 2.15 -52.94
N LYS C 672 -22.79 2.56 -53.04
CA LYS C 672 -21.75 2.09 -52.14
C LYS C 672 -21.58 3.09 -51.00
N VAL C 673 -21.68 2.60 -49.77
CA VAL C 673 -21.52 3.43 -48.57
C VAL C 673 -20.31 2.91 -47.81
N LYS C 674 -19.50 3.85 -47.29
CA LYS C 674 -18.23 3.51 -46.68
C LYS C 674 -17.95 4.47 -45.52
N SER C 675 -17.11 4.01 -44.60
CA SER C 675 -16.81 4.73 -43.36
C SER C 675 -15.32 5.07 -43.31
N ILE C 676 -14.99 6.12 -42.57
CA ILE C 676 -13.61 6.59 -42.42
C ILE C 676 -13.32 6.81 -40.95
N ASN C 677 -12.14 6.38 -40.51
CA ASN C 677 -11.74 6.54 -39.12
C ASN C 677 -11.55 8.02 -38.78
N GLY C 678 -11.70 8.33 -37.49
CA GLY C 678 -11.60 9.71 -37.04
C GLY C 678 -10.23 10.33 -37.23
N GLY C 679 -9.16 9.55 -37.07
CA GLY C 679 -7.83 10.09 -37.22
C GLY C 679 -7.43 10.32 -38.67
N PHE C 680 -8.06 9.58 -39.59
CA PHE C 680 -7.70 9.72 -41.01
C PHE C 680 -8.06 11.10 -41.53
N THR C 681 -9.23 11.62 -41.16
CA THR C 681 -9.59 12.96 -41.61
C THR C 681 -8.71 14.02 -40.97
N SER C 682 -8.27 13.82 -39.73
CA SER C 682 -7.35 14.76 -39.10
C SER C 682 -6.01 14.77 -39.83
N PHE C 683 -5.51 13.59 -40.19
CA PHE C 683 -4.28 13.52 -40.97
C PHE C 683 -4.43 14.19 -42.32
N LEU C 684 -5.53 13.93 -43.02
CA LEU C 684 -5.71 14.51 -44.35
C LEU C 684 -5.94 16.02 -44.27
N ARG C 685 -6.50 16.50 -43.15
CA ARG C 685 -6.55 17.93 -42.90
C ARG C 685 -5.15 18.51 -42.70
N ARG C 686 -4.32 17.82 -41.92
CA ARG C 686 -2.98 18.31 -41.65
C ARG C 686 -2.12 18.36 -42.90
N LYS C 687 -2.19 17.31 -43.72
CA LYS C 687 -1.27 17.24 -44.90
C LYS C 687 -1.74 18.14 -46.04
N TRP C 688 -3.01 18.51 -46.05
CA TRP C 688 -3.43 19.49 -47.10
C TRP C 688 -3.31 20.90 -46.52
N LYS C 689 -2.87 21.02 -45.27
CA LYS C 689 -2.64 22.35 -44.63
C LYS C 689 -3.92 23.19 -44.59
N PHE C 690 -5.06 22.59 -44.30
CA PHE C 690 -6.32 23.36 -44.18
C PHE C 690 -6.53 23.81 -42.74
N LYS C 691 -5.71 23.36 -41.79
CA LYS C 691 -6.00 23.68 -40.37
C LYS C 691 -5.46 25.05 -39.99
N LYS C 692 -5.97 26.12 -40.61
CA LYS C 692 -5.57 27.49 -40.21
C LYS C 692 -6.10 27.83 -38.82
N GLU C 693 -7.37 27.50 -38.53
CA GLU C 693 -8.01 27.90 -37.24
C GLU C 693 -9.21 26.98 -36.99
N ARG C 694 -9.74 26.95 -35.77
CA ARG C 694 -10.98 26.17 -35.48
C ARG C 694 -12.11 27.09 -35.01
N ASN C 695 -11.99 28.41 -35.21
CA ASN C 695 -13.01 29.32 -34.64
C ASN C 695 -13.72 30.12 -35.75
N LYS C 696 -13.72 29.61 -36.98
CA LYS C 696 -14.34 30.38 -38.08
C LYS C 696 -15.84 30.15 -38.03
N GLY C 697 -16.32 29.46 -37.01
CA GLY C 697 -17.72 29.18 -36.87
C GLY C 697 -18.09 27.73 -37.15
N TYR C 698 -19.28 27.51 -37.68
CA TYR C 698 -19.75 26.17 -38.00
C TYR C 698 -19.25 25.66 -39.34
N LYS C 699 -18.72 26.57 -40.14
CA LYS C 699 -18.27 26.15 -41.49
C LYS C 699 -17.21 25.06 -41.34
N HIS C 700 -16.63 24.92 -40.15
CA HIS C 700 -15.64 23.83 -39.94
C HIS C 700 -16.34 22.49 -40.14
N HIS C 701 -17.53 22.30 -39.57
CA HIS C 701 -18.20 20.98 -39.68
C HIS C 701 -18.52 20.73 -41.15
N ALA C 702 -18.65 21.78 -41.96
CA ALA C 702 -18.89 21.52 -43.37
C ALA C 702 -17.58 21.13 -44.07
N GLU C 703 -16.52 21.92 -43.85
CA GLU C 703 -15.27 21.70 -44.58
C GLU C 703 -14.74 20.29 -44.40
N ASP C 704 -14.67 19.82 -43.17
CA ASP C 704 -14.24 18.44 -42.92
C ASP C 704 -15.04 17.46 -43.76
N ALA C 705 -16.37 17.62 -43.76
CA ALA C 705 -17.22 16.74 -44.56
C ALA C 705 -16.77 16.73 -46.02
N LEU C 706 -16.49 17.91 -46.58
CA LEU C 706 -16.01 17.98 -47.95
C LEU C 706 -14.77 17.10 -48.12
N ILE C 707 -13.79 17.25 -47.23
CA ILE C 707 -12.59 16.44 -47.30
C ILE C 707 -12.94 14.96 -47.29
N ILE C 708 -13.91 14.59 -46.45
CA ILE C 708 -14.32 13.19 -46.38
C ILE C 708 -14.73 12.68 -47.75
N ALA C 709 -15.57 13.44 -48.45
CA ALA C 709 -15.99 13.02 -49.78
C ALA C 709 -14.78 12.91 -50.71
N ASN C 710 -13.85 13.86 -50.61
CA ASN C 710 -12.67 13.83 -51.46
C ASN C 710 -11.89 12.53 -51.28
N ALA C 711 -11.96 11.91 -50.10
CA ALA C 711 -11.26 10.66 -49.87
C ALA C 711 -11.71 9.61 -50.89
N ASP C 712 -13.02 9.51 -51.14
CA ASP C 712 -13.49 8.56 -52.14
C ASP C 712 -12.77 8.76 -53.46
N PHE C 713 -12.61 10.01 -53.89
CA PHE C 713 -12.09 10.23 -55.23
C PHE C 713 -10.60 9.87 -55.28
N ILE C 714 -9.92 9.86 -54.13
CA ILE C 714 -8.52 9.45 -54.13
C ILE C 714 -8.39 7.97 -53.81
N PHE C 715 -9.51 7.25 -53.66
CA PHE C 715 -9.48 5.80 -53.51
C PHE C 715 -9.94 5.09 -54.77
N LYS C 716 -10.15 5.82 -55.87
CA LYS C 716 -10.51 5.22 -57.15
C LYS C 716 -9.65 5.68 -58.32
N GLU C 717 -8.96 6.82 -58.20
CA GLU C 717 -8.03 7.26 -59.23
C GLU C 717 -6.74 6.46 -59.23
N TRP C 718 -6.46 5.72 -58.16
CA TRP C 718 -5.24 4.93 -58.05
C TRP C 718 -5.63 3.47 -57.85
N LYS C 719 -5.18 2.61 -58.76
CA LYS C 719 -5.47 1.18 -58.62
C LYS C 719 -4.69 0.54 -57.49
N LYS C 720 -3.58 1.15 -57.08
CA LYS C 720 -2.73 0.57 -56.04
C LYS C 720 -3.52 0.31 -54.76
N LEU C 721 -4.44 1.21 -54.41
CA LEU C 721 -5.29 1.04 -53.24
C LEU C 721 -6.70 0.62 -53.60
N ASP C 722 -6.96 0.37 -54.89
CA ASP C 722 -8.34 0.09 -55.33
C ASP C 722 -8.91 -1.12 -54.63
N LYS C 723 -8.14 -2.21 -54.53
CA LYS C 723 -8.62 -3.38 -53.81
C LYS C 723 -8.99 -3.04 -52.38
N ALA C 724 -8.19 -2.19 -51.73
CA ALA C 724 -8.51 -1.76 -50.37
C ALA C 724 -9.88 -1.12 -50.32
N LYS C 725 -10.23 -0.32 -51.33
CA LYS C 725 -11.56 0.26 -51.39
C LYS C 725 -12.62 -0.83 -51.37
N LYS C 726 -12.43 -1.88 -52.18
CA LYS C 726 -13.39 -2.97 -52.21
C LYS C 726 -13.50 -3.63 -50.84
N VAL C 727 -12.40 -3.61 -50.07
CA VAL C 727 -12.45 -4.11 -48.70
C VAL C 727 -13.24 -3.16 -47.82
N MET C 728 -12.99 -1.85 -47.95
CA MET C 728 -13.57 -0.88 -47.03
C MET C 728 -14.99 -0.50 -47.43
N GLU C 729 -15.30 -0.60 -48.72
CA GLU C 729 -16.65 -0.30 -49.21
C GLU C 729 -17.60 -1.48 -49.09
N ASN C 730 -17.12 -2.62 -48.62
CA ASN C 730 -17.97 -3.80 -48.46
C ASN C 730 -18.48 -3.90 -47.02
N GLU C 743 0.04 -2.71 -55.17
CA GLU C 743 0.60 -3.63 -54.19
C GLU C 743 1.33 -2.87 -53.08
N ILE C 744 2.36 -3.48 -52.51
CA ILE C 744 3.13 -2.84 -51.45
C ILE C 744 3.91 -1.68 -52.03
N GLU C 745 3.81 -0.51 -51.40
CA GLU C 745 4.45 0.70 -51.90
C GLU C 745 5.22 1.38 -50.77
N THR C 746 6.23 2.15 -51.16
CA THR C 746 7.04 2.89 -50.22
C THR C 746 6.29 4.14 -49.73
N GLU C 747 6.91 4.84 -48.77
CA GLU C 747 6.26 5.99 -48.16
C GLU C 747 6.24 7.21 -49.08
N GLN C 748 7.23 7.37 -49.96
CA GLN C 748 7.19 8.50 -50.89
C GLN C 748 6.09 8.32 -51.93
N GLU C 749 5.79 7.06 -52.28
CA GLU C 749 4.60 6.80 -53.08
C GLU C 749 3.33 7.21 -52.34
N TYR C 750 3.25 6.91 -51.05
CA TYR C 750 2.11 7.33 -50.24
C TYR C 750 1.97 8.85 -50.23
N LYS C 751 3.08 9.57 -50.08
CA LYS C 751 3.04 11.02 -50.13
C LYS C 751 2.59 11.51 -51.49
N GLU C 752 3.07 10.88 -52.57
CA GLU C 752 2.62 11.25 -53.91
C GLU C 752 1.12 11.05 -54.06
N ILE C 753 0.59 9.97 -53.49
CA ILE C 753 -0.83 9.68 -53.64
C ILE C 753 -1.69 10.66 -52.87
N PHE C 754 -1.33 10.97 -51.62
CA PHE C 754 -2.25 11.71 -50.76
C PHE C 754 -1.91 13.19 -50.60
N ILE C 755 -0.63 13.56 -50.54
CA ILE C 755 -0.28 14.95 -50.26
C ILE C 755 -0.76 15.88 -51.38
N THR C 756 -0.85 15.37 -52.61
CA THR C 756 -1.00 16.23 -53.80
C THR C 756 -2.17 17.20 -53.64
N PRO C 757 -1.91 18.51 -53.50
CA PRO C 757 -2.99 19.47 -53.28
C PRO C 757 -3.57 20.06 -54.56
N HIS C 758 -3.92 19.23 -55.54
CA HIS C 758 -4.48 19.74 -56.78
C HIS C 758 -6.00 19.64 -56.74
N GLN C 759 -6.67 20.74 -57.13
CA GLN C 759 -8.13 20.86 -57.10
C GLN C 759 -8.67 20.75 -55.68
N ILE C 760 -7.80 20.94 -54.68
CA ILE C 760 -8.25 21.00 -53.29
C ILE C 760 -8.39 22.44 -52.82
N LYS C 761 -7.91 23.40 -53.60
CA LYS C 761 -8.09 24.81 -53.25
C LYS C 761 -9.55 25.21 -53.34
N HIS C 762 -10.39 24.37 -53.96
CA HIS C 762 -11.81 24.66 -54.03
C HIS C 762 -12.43 24.71 -52.64
N ILE C 763 -12.01 23.81 -51.75
CA ILE C 763 -12.50 23.84 -50.37
C ILE C 763 -12.06 25.14 -49.70
N LYS C 764 -10.86 25.62 -50.02
CA LYS C 764 -10.38 26.87 -49.45
C LYS C 764 -11.22 28.06 -49.90
N ASP C 765 -11.57 28.08 -51.19
CA ASP C 765 -12.27 29.26 -51.75
C ASP C 765 -13.80 29.19 -51.63
N PHE C 766 -14.41 28.01 -51.50
CA PHE C 766 -15.90 27.99 -51.50
C PHE C 766 -16.38 28.84 -50.33
N LYS C 767 -17.32 29.75 -50.59
CA LYS C 767 -17.79 30.68 -49.53
C LYS C 767 -19.29 30.49 -49.26
N ASP C 768 -20.03 29.88 -50.21
CA ASP C 768 -21.51 29.74 -50.07
C ASP C 768 -21.86 28.56 -49.18
N TYR C 769 -21.38 28.55 -47.94
CA TYR C 769 -21.64 27.38 -47.08
C TYR C 769 -23.01 27.58 -46.45
N LYS C 770 -24.03 26.93 -47.00
CA LYS C 770 -25.40 27.08 -46.46
C LYS C 770 -25.40 26.55 -45.03
N TYR C 771 -26.09 27.21 -44.11
CA TYR C 771 -26.22 26.64 -42.76
C TYR C 771 -27.71 26.49 -42.51
N SER C 772 -28.12 25.70 -41.51
CA SER C 772 -29.55 25.59 -41.14
C SER C 772 -29.64 25.29 -39.66
N HIS C 773 -30.74 25.63 -39.02
CA HIS C 773 -30.87 25.25 -37.59
C HIS C 773 -32.19 24.50 -37.41
N ARG C 774 -32.37 23.74 -36.33
CA ARG C 774 -33.60 22.95 -36.19
C ARG C 774 -34.64 23.76 -35.45
N VAL C 775 -35.75 24.11 -36.11
CA VAL C 775 -36.84 24.88 -35.45
C VAL C 775 -37.42 24.01 -34.36
N ASP C 776 -37.89 24.58 -33.26
CA ASP C 776 -38.38 23.74 -32.15
C ASP C 776 -39.81 24.14 -31.80
N LYS C 777 -40.76 23.76 -32.64
CA LYS C 777 -42.15 24.17 -32.44
C LYS C 777 -42.79 23.42 -31.27
N LYS C 778 -42.15 22.35 -30.78
CA LYS C 778 -42.80 21.51 -29.74
C LYS C 778 -43.53 22.37 -28.72
N PRO C 779 -44.83 22.18 -28.43
CA PRO C 779 -45.46 22.94 -27.36
C PRO C 779 -45.24 22.22 -26.03
N ASN C 780 -45.74 22.78 -24.92
CA ASN C 780 -45.63 22.14 -23.59
C ASN C 780 -44.17 21.91 -23.22
N ARG C 781 -43.24 22.68 -23.78
CA ARG C 781 -41.80 22.40 -23.55
C ARG C 781 -41.46 22.54 -22.08
N GLU C 782 -41.87 23.63 -21.44
CA GLU C 782 -41.69 23.80 -19.98
C GLU C 782 -42.55 25.02 -19.69
N LEU C 783 -42.97 25.24 -18.46
CA LEU C 783 -43.81 26.43 -18.29
C LEU C 783 -43.11 27.40 -17.34
N ILE C 784 -43.07 27.08 -16.06
CA ILE C 784 -42.51 28.05 -15.08
C ILE C 784 -41.42 27.39 -14.26
N ASN C 785 -40.27 28.06 -14.13
CA ASN C 785 -39.21 27.55 -13.24
C ASN C 785 -39.84 27.24 -11.88
N ASP C 786 -39.53 26.11 -11.26
CA ASP C 786 -40.22 25.68 -10.01
C ASP C 786 -39.49 26.04 -8.73
N THR C 787 -39.91 27.08 -8.02
CA THR C 787 -39.39 27.45 -6.68
C THR C 787 -40.46 28.43 -6.23
N LEU C 788 -41.39 27.99 -5.39
CA LEU C 788 -42.57 28.81 -5.10
C LEU C 788 -42.16 29.92 -4.15
N TYR C 789 -41.39 30.90 -4.61
CA TYR C 789 -40.97 32.05 -3.77
C TYR C 789 -42.18 32.76 -3.18
N SER C 790 -42.15 33.06 -1.88
CA SER C 790 -43.25 33.82 -1.23
C SER C 790 -43.04 35.30 -1.47
N THR C 791 -43.99 36.16 -1.14
CA THR C 791 -43.70 37.61 -1.31
C THR C 791 -44.22 38.43 -0.13
N ARG C 792 -43.64 39.60 0.12
CA ARG C 792 -44.13 40.51 1.14
C ARG C 792 -44.37 41.87 0.51
N LYS C 793 -45.04 42.74 1.25
CA LYS C 793 -45.29 44.11 0.80
C LYS C 793 -44.50 45.06 1.69
N ASP C 794 -43.79 45.99 1.06
CA ASP C 794 -42.93 46.92 1.77
C ASP C 794 -43.68 48.22 2.05
N ASP C 795 -42.96 49.22 2.58
CA ASP C 795 -43.60 50.48 2.93
C ASP C 795 -44.01 51.28 1.70
N LYS C 796 -43.20 51.24 0.65
CA LYS C 796 -43.43 52.04 -0.54
C LYS C 796 -44.54 51.49 -1.43
N GLY C 797 -45.23 50.43 -1.01
CA GLY C 797 -46.33 49.87 -1.77
C GLY C 797 -45.95 48.81 -2.78
N ASN C 798 -44.65 48.55 -2.97
CA ASN C 798 -44.23 47.51 -3.90
C ASN C 798 -44.37 46.13 -3.25
N THR C 799 -44.01 45.11 -4.02
CA THR C 799 -43.98 43.73 -3.53
C THR C 799 -42.59 43.15 -3.76
N LEU C 800 -42.03 42.56 -2.72
CA LEU C 800 -40.67 42.03 -2.75
C LEU C 800 -40.69 40.52 -2.58
N ILE C 801 -39.85 39.84 -3.35
CA ILE C 801 -39.66 38.40 -3.23
C ILE C 801 -38.80 38.12 -2.00
N VAL C 802 -39.16 37.09 -1.24
CA VAL C 802 -38.43 36.82 0.04
C VAL C 802 -37.57 35.58 -0.12
N ASN C 803 -36.36 35.72 -0.66
CA ASN C 803 -35.42 34.59 -0.78
C ASN C 803 -35.01 34.20 0.64
N ASN C 804 -34.67 32.94 0.89
CA ASN C 804 -34.34 32.51 2.27
C ASN C 804 -32.88 32.08 2.40
N LEU C 805 -32.14 32.61 3.38
CA LEU C 805 -30.72 32.22 3.61
C LEU C 805 -30.71 30.82 4.22
N ASN C 806 -29.92 29.91 3.66
CA ASN C 806 -29.94 28.50 4.15
C ASN C 806 -28.50 28.04 4.42
N GLY C 807 -28.32 27.01 5.24
CA GLY C 807 -26.97 26.52 5.57
C GLY C 807 -26.11 27.60 6.21
N LEU C 808 -26.65 28.35 7.15
CA LEU C 808 -25.90 29.45 7.77
C LEU C 808 -24.70 28.86 8.50
N TYR C 809 -24.89 27.74 9.20
CA TYR C 809 -23.78 27.22 10.04
C TYR C 809 -22.65 26.63 9.19
N ASP C 810 -22.86 26.41 7.89
CA ASP C 810 -21.81 25.75 7.06
C ASP C 810 -20.56 26.62 7.01
N LYS C 811 -19.37 26.03 6.91
CA LYS C 811 -18.08 26.79 6.96
C LYS C 811 -17.89 27.80 5.82
N ASP C 812 -18.27 27.47 4.59
CA ASP C 812 -17.92 28.37 3.44
C ASP C 812 -18.98 29.41 3.08
N ASN C 813 -20.21 29.29 3.61
CA ASN C 813 -21.29 30.22 3.17
C ASN C 813 -21.25 31.53 3.96
N ASP C 814 -20.75 32.61 3.34
CA ASP C 814 -20.59 33.87 4.10
C ASP C 814 -21.72 34.87 3.77
N LYS C 815 -22.82 34.40 3.22
CA LYS C 815 -23.83 35.39 2.78
C LYS C 815 -24.28 36.21 3.98
N LEU C 816 -24.58 35.57 5.10
CA LEU C 816 -25.14 36.36 6.22
C LEU C 816 -24.16 37.47 6.50
N LYS C 817 -22.87 37.16 6.52
CA LYS C 817 -21.91 38.21 6.90
C LYS C 817 -22.05 39.36 5.92
N LYS C 818 -21.93 39.09 4.64
CA LYS C 818 -21.91 40.21 3.67
C LYS C 818 -23.17 41.03 3.85
N LEU C 819 -24.31 40.38 3.98
CA LEU C 819 -25.57 41.16 4.05
C LEU C 819 -25.53 41.98 5.33
N ILE C 820 -25.18 41.35 6.45
CA ILE C 820 -25.27 42.08 7.74
C ILE C 820 -24.52 43.41 7.61
N ASN C 821 -23.24 43.36 7.24
CA ASN C 821 -22.45 44.62 7.20
C ASN C 821 -23.01 45.58 6.15
N LYS C 822 -23.27 45.10 4.93
CA LYS C 822 -23.71 46.03 3.84
C LYS C 822 -25.13 46.57 4.04
N SER C 823 -26.12 45.70 4.34
CA SER C 823 -27.52 46.17 4.42
C SER C 823 -28.32 45.33 5.43
N PRO C 824 -28.30 45.67 6.72
CA PRO C 824 -29.04 44.93 7.72
C PRO C 824 -30.54 45.00 7.50
N GLU C 825 -31.03 46.14 7.04
CA GLU C 825 -32.50 46.32 6.92
C GLU C 825 -33.13 45.30 5.96
N LYS C 826 -32.34 44.47 5.28
CA LYS C 826 -32.90 43.53 4.29
C LYS C 826 -33.35 42.26 5.00
N LEU C 827 -32.64 41.84 6.05
CA LEU C 827 -33.12 40.65 6.80
C LEU C 827 -34.49 40.99 7.36
N LEU C 828 -35.44 40.06 7.24
CA LEU C 828 -36.81 40.35 7.71
C LEU C 828 -36.69 40.59 9.21
N MET C 829 -35.65 40.03 9.81
CA MET C 829 -35.55 40.13 11.29
C MET C 829 -35.41 41.58 11.71
N TYR C 830 -34.65 42.38 10.99
CA TYR C 830 -34.36 43.77 11.41
C TYR C 830 -35.61 44.45 11.96
N HIS C 831 -36.75 44.30 11.30
CA HIS C 831 -37.91 45.08 11.79
C HIS C 831 -38.91 44.21 12.55
N HIS C 832 -39.27 43.05 12.01
CA HIS C 832 -40.32 42.21 12.64
C HIS C 832 -39.87 41.65 13.99
N ASP C 833 -38.58 41.29 14.15
CA ASP C 833 -38.08 40.85 15.48
C ASP C 833 -36.73 41.49 15.81
N PRO C 834 -36.63 42.72 16.39
CA PRO C 834 -35.31 43.35 16.56
C PRO C 834 -34.29 42.69 17.49
N GLN C 835 -34.72 42.25 18.68
CA GLN C 835 -33.73 41.74 19.65
C GLN C 835 -32.80 40.71 18.99
N THR C 836 -33.37 39.76 18.25
CA THR C 836 -32.53 38.66 17.70
C THR C 836 -31.50 39.24 16.73
N TYR C 837 -31.86 40.32 16.05
CA TYR C 837 -30.83 40.93 15.19
C TYR C 837 -29.68 41.38 16.10
N GLN C 838 -29.98 41.88 17.30
CA GLN C 838 -28.87 42.39 18.15
C GLN C 838 -27.93 41.24 18.49
N LYS C 839 -28.49 40.08 18.81
CA LYS C 839 -27.65 38.90 19.15
C LYS C 839 -26.82 38.55 17.92
N LEU C 840 -27.44 38.53 16.74
CA LEU C 840 -26.65 38.09 15.58
C LEU C 840 -25.52 39.10 15.38
N LYS C 841 -25.81 40.38 15.52
CA LYS C 841 -24.77 41.42 15.24
C LYS C 841 -23.62 41.28 16.24
N LEU C 842 -23.94 41.11 17.52
CA LEU C 842 -22.86 41.03 18.52
C LEU C 842 -22.02 39.84 18.09
N ILE C 843 -22.66 38.78 17.60
CA ILE C 843 -21.79 37.61 17.24
C ILE C 843 -20.93 37.97 16.03
N MET C 844 -21.52 38.61 15.03
CA MET C 844 -20.75 38.92 13.78
C MET C 844 -19.59 39.85 14.11
N GLU C 845 -19.77 40.85 14.97
CA GLU C 845 -18.64 41.79 15.23
C GLU C 845 -17.47 41.05 15.90
N GLN C 846 -17.75 40.26 16.94
CA GLN C 846 -16.65 39.60 17.71
C GLN C 846 -15.84 38.65 16.86
N TYR C 847 -16.48 37.82 16.04
CA TYR C 847 -15.74 36.79 15.27
C TYR C 847 -15.71 37.17 13.80
N GLY C 848 -15.75 38.47 13.51
CA GLY C 848 -15.85 38.95 12.11
C GLY C 848 -14.70 38.51 11.23
N ASP C 849 -13.53 38.26 11.80
CA ASP C 849 -12.36 37.96 10.95
C ASP C 849 -12.64 36.71 10.11
N GLU C 850 -13.26 35.68 10.70
CA GLU C 850 -13.46 34.41 9.96
C GLU C 850 -14.37 34.64 8.76
N LYS C 851 -14.19 33.89 7.68
CA LYS C 851 -15.10 33.99 6.50
C LYS C 851 -16.55 33.77 6.97
N ASN C 852 -16.76 32.85 7.91
CA ASN C 852 -18.11 32.56 8.40
C ASN C 852 -18.11 32.68 9.92
N PRO C 853 -18.52 33.83 10.47
CA PRO C 853 -18.49 33.99 11.94
C PRO C 853 -19.35 32.98 12.68
N LEU C 854 -20.45 32.52 12.08
CA LEU C 854 -21.31 31.56 12.76
C LEU C 854 -20.60 30.22 12.95
N TYR C 855 -19.83 29.77 11.95
CA TYR C 855 -19.10 28.53 12.08
C TYR C 855 -18.05 28.63 13.18
N LYS C 856 -17.34 29.76 13.25
CA LYS C 856 -16.35 29.95 14.30
C LYS C 856 -17.02 30.02 15.67
N TYR C 857 -18.21 30.62 15.75
CA TYR C 857 -18.98 30.61 16.99
C TYR C 857 -19.34 29.19 17.41
N TYR C 858 -19.75 28.37 16.46
CA TYR C 858 -20.07 26.97 16.76
C TYR C 858 -18.83 26.23 17.23
N GLU C 859 -17.68 26.51 16.62
CA GLU C 859 -16.42 25.83 16.97
C GLU C 859 -15.90 26.21 18.35
N GLU C 860 -16.43 27.21 19.04
CA GLU C 860 -15.92 27.58 20.35
C GLU C 860 -16.99 27.45 21.42
N THR C 861 -18.25 27.63 21.04
CA THR C 861 -19.33 27.61 22.08
C THR C 861 -20.16 26.34 21.93
N GLY C 862 -20.22 25.77 20.73
CA GLY C 862 -20.97 24.51 20.51
C GLY C 862 -22.47 24.73 20.50
N ASN C 863 -22.91 25.97 20.34
CA ASN C 863 -24.36 26.28 20.32
C ASN C 863 -24.71 26.98 19.02
N TYR C 864 -25.81 26.60 18.39
CA TYR C 864 -26.25 27.33 17.18
C TYR C 864 -26.85 28.67 17.64
N LEU C 865 -27.04 29.64 16.73
CA LEU C 865 -27.49 30.98 17.18
C LEU C 865 -28.97 30.89 17.50
N THR C 866 -29.32 30.78 18.78
CA THR C 866 -30.73 30.58 19.13
C THR C 866 -31.47 31.91 19.05
N LYS C 867 -32.79 31.87 18.88
CA LYS C 867 -33.59 33.12 18.86
C LYS C 867 -33.53 33.72 20.26
N TYR C 868 -33.61 35.04 20.36
CA TYR C 868 -33.44 35.68 21.68
C TYR C 868 -34.60 35.25 22.56
N SER C 869 -34.31 34.87 23.80
CA SER C 869 -35.40 34.53 24.74
C SER C 869 -35.02 34.99 26.15
N LYS C 870 -35.99 35.33 26.98
CA LYS C 870 -35.69 35.70 28.38
C LYS C 870 -35.25 34.45 29.13
N LYS C 871 -35.82 33.28 28.81
CA LYS C 871 -35.52 32.04 29.56
C LYS C 871 -34.40 31.26 28.87
N ASP C 872 -33.91 31.76 27.72
CA ASP C 872 -32.85 31.05 26.95
C ASP C 872 -33.36 29.66 26.54
N ASN C 873 -34.65 29.54 26.25
CA ASN C 873 -35.23 28.25 25.79
C ASN C 873 -35.57 28.39 24.30
N GLY C 874 -35.02 29.40 23.64
CA GLY C 874 -35.40 29.68 22.24
C GLY C 874 -35.01 28.57 21.28
N PRO C 875 -35.75 28.42 20.16
CA PRO C 875 -35.41 27.42 19.15
C PRO C 875 -34.15 27.80 18.35
N VAL C 876 -33.57 26.85 17.62
CA VAL C 876 -32.36 27.12 16.79
C VAL C 876 -32.74 28.06 15.66
N ILE C 877 -31.78 28.58 14.90
CA ILE C 877 -32.09 29.40 13.71
C ILE C 877 -31.25 28.86 12.58
N LYS C 878 -31.88 28.24 11.61
CA LYS C 878 -31.15 27.64 10.48
C LYS C 878 -31.56 28.31 9.18
N LYS C 879 -32.72 28.96 9.09
CA LYS C 879 -33.06 29.73 7.87
C LYS C 879 -33.47 31.15 8.26
N ILE C 880 -32.80 32.18 7.75
CA ILE C 880 -33.14 33.59 8.07
C ILE C 880 -33.67 34.14 6.76
N LYS C 881 -34.85 34.77 6.72
CA LYS C 881 -35.45 35.16 5.43
C LYS C 881 -35.15 36.61 5.11
N TYR C 882 -34.97 36.97 3.85
CA TYR C 882 -34.59 38.35 3.59
C TYR C 882 -35.19 38.81 2.27
N TYR C 883 -35.47 40.12 2.18
CA TYR C 883 -36.29 40.72 1.10
C TYR C 883 -35.80 40.64 -0.35
N GLY C 884 -34.57 40.31 -0.64
CA GLY C 884 -34.23 40.12 -2.07
C GLY C 884 -34.61 41.27 -2.99
N ASN C 885 -35.33 41.01 -4.09
CA ASN C 885 -35.60 42.08 -5.09
C ASN C 885 -37.10 42.30 -5.30
N LYS C 886 -37.48 43.13 -6.29
CA LYS C 886 -38.92 43.45 -6.55
C LYS C 886 -39.50 42.44 -7.55
N LEU C 887 -40.82 42.46 -7.76
CA LEU C 887 -41.48 41.43 -8.62
C LEU C 887 -41.92 42.06 -9.94
N ASN C 888 -41.49 41.52 -11.08
CA ASN C 888 -41.83 42.09 -12.41
C ASN C 888 -42.71 41.13 -13.21
N ALA C 889 -42.29 39.87 -13.36
CA ALA C 889 -43.07 38.86 -14.12
C ALA C 889 -43.41 37.70 -13.19
N HIS C 890 -44.67 37.27 -13.16
CA HIS C 890 -45.01 36.22 -12.17
C HIS C 890 -46.24 35.41 -12.58
N LEU C 891 -46.19 34.08 -12.43
CA LEU C 891 -47.41 33.27 -12.68
C LEU C 891 -48.04 33.19 -11.31
N ASP C 892 -49.08 33.97 -11.06
CA ASP C 892 -49.61 34.05 -9.68
C ASP C 892 -50.40 32.78 -9.39
N ILE C 893 -49.93 31.98 -8.44
CA ILE C 893 -50.61 30.70 -8.10
C ILE C 893 -51.30 30.91 -6.75
N THR C 894 -51.50 32.17 -6.36
CA THR C 894 -52.04 32.43 -5.00
C THR C 894 -53.41 31.79 -4.81
N ASP C 895 -54.16 31.59 -5.90
CA ASP C 895 -55.54 31.04 -5.79
C ASP C 895 -55.48 29.64 -5.20
N ASP C 896 -54.47 28.84 -5.54
CA ASP C 896 -54.35 27.45 -5.06
C ASP C 896 -54.17 27.43 -3.53
N TYR C 897 -53.40 28.36 -2.99
CA TYR C 897 -53.15 28.38 -1.53
C TYR C 897 -54.23 29.25 -0.90
N PRO C 898 -55.16 28.67 -0.13
CA PRO C 898 -56.30 29.41 0.38
C PRO C 898 -56.05 30.49 1.44
N ASN C 899 -56.79 31.61 1.36
CA ASN C 899 -56.71 32.67 2.39
C ASN C 899 -55.28 33.15 2.62
N SER C 900 -54.51 33.35 1.56
CA SER C 900 -53.08 33.73 1.78
C SER C 900 -52.99 35.23 2.05
N ARG C 901 -52.45 35.61 3.21
CA ARG C 901 -52.33 37.06 3.55
C ARG C 901 -51.37 37.72 2.56
N ASN C 902 -50.33 37.00 2.12
CA ASN C 902 -49.32 37.56 1.20
C ASN C 902 -49.39 36.78 -0.11
N LYS C 903 -48.95 37.38 -1.22
CA LYS C 903 -49.09 36.70 -2.53
C LYS C 903 -48.08 35.58 -2.64
N VAL C 904 -48.34 34.57 -3.46
CA VAL C 904 -47.40 33.49 -3.75
C VAL C 904 -47.22 33.44 -5.26
N VAL C 905 -45.97 33.56 -5.72
CA VAL C 905 -45.68 33.75 -7.13
C VAL C 905 -44.60 32.78 -7.59
N LYS C 906 -44.51 32.64 -8.90
CA LYS C 906 -43.42 31.94 -9.58
C LYS C 906 -42.87 32.86 -10.67
N LEU C 907 -41.62 32.62 -11.04
CA LEU C 907 -40.90 33.54 -11.91
C LEU C 907 -40.52 32.86 -13.22
N SER C 908 -40.01 33.68 -14.14
CA SER C 908 -39.41 33.24 -15.41
C SER C 908 -40.40 32.44 -16.25
N LEU C 909 -41.45 33.13 -16.68
CA LEU C 909 -42.41 32.54 -17.62
C LEU C 909 -41.71 32.25 -18.94
N LYS C 910 -41.63 30.97 -19.27
CA LYS C 910 -40.82 30.61 -20.43
C LYS C 910 -41.62 30.90 -21.69
N PRO C 911 -41.14 31.74 -22.63
CA PRO C 911 -41.93 32.10 -23.81
C PRO C 911 -41.98 30.98 -24.82
N TYR C 912 -43.16 30.79 -25.41
CA TYR C 912 -43.36 29.79 -26.46
C TYR C 912 -43.08 30.35 -27.85
N ARG C 913 -43.71 31.46 -28.20
CA ARG C 913 -43.46 32.10 -29.50
C ARG C 913 -43.82 33.57 -29.39
N PHE C 914 -43.55 34.32 -30.45
CA PHE C 914 -43.97 35.71 -30.49
C PHE C 914 -44.42 36.10 -31.88
N ASP C 915 -45.54 36.82 -31.96
CA ASP C 915 -46.14 37.21 -33.22
C ASP C 915 -45.94 38.71 -33.42
N VAL C 916 -45.51 39.10 -34.62
CA VAL C 916 -45.20 40.50 -34.92
C VAL C 916 -46.35 41.10 -35.72
N TYR C 917 -46.77 42.29 -35.30
CA TYR C 917 -47.83 43.04 -35.95
C TYR C 917 -47.30 44.39 -36.41
N LEU C 918 -47.82 44.86 -37.55
CA LEU C 918 -47.49 46.18 -38.09
C LEU C 918 -48.73 47.06 -37.94
N ASP C 919 -48.73 47.93 -36.94
CA ASP C 919 -49.86 48.80 -36.65
C ASP C 919 -49.44 50.24 -36.87
N ASN C 920 -50.19 50.95 -37.72
CA ASN C 920 -49.97 52.38 -37.98
C ASN C 920 -48.52 52.66 -38.38
N GLY C 921 -47.90 51.71 -39.06
CA GLY C 921 -46.55 51.87 -39.55
C GLY C 921 -45.45 51.50 -38.59
N VAL C 922 -45.77 51.10 -37.36
CA VAL C 922 -44.77 50.71 -36.37
C VAL C 922 -44.94 49.24 -36.05
N TYR C 923 -43.82 48.56 -35.82
CA TYR C 923 -43.81 47.12 -35.54
C TYR C 923 -43.85 46.89 -34.04
N LYS C 924 -44.83 46.12 -33.59
CA LYS C 924 -44.89 45.61 -32.23
C LYS C 924 -44.96 44.09 -32.28
N PHE C 925 -44.90 43.46 -31.10
CA PHE C 925 -45.07 42.02 -31.06
C PHE C 925 -45.74 41.62 -29.75
N VAL C 926 -46.53 40.56 -29.82
CA VAL C 926 -47.18 39.97 -28.66
C VAL C 926 -46.56 38.60 -28.42
N THR C 927 -46.20 38.33 -27.16
CA THR C 927 -45.53 37.10 -26.79
C THR C 927 -46.56 36.06 -26.36
N VAL C 928 -46.73 35.02 -27.17
CA VAL C 928 -47.55 33.88 -26.79
C VAL C 928 -46.69 33.04 -25.86
N LYS C 929 -46.92 33.22 -24.56
CA LYS C 929 -46.19 32.47 -23.54
C LYS C 929 -46.63 31.02 -23.54
N ASN C 930 -45.75 30.15 -23.05
CA ASN C 930 -46.06 28.73 -23.01
C ASN C 930 -47.22 28.42 -22.07
N LEU C 931 -47.48 29.29 -21.09
CA LEU C 931 -48.60 29.06 -20.18
C LEU C 931 -49.96 29.23 -20.87
N ASP C 932 -49.99 29.82 -22.06
CA ASP C 932 -51.24 30.09 -22.77
C ASP C 932 -51.57 29.01 -23.79
N VAL C 933 -50.80 27.92 -23.82
CA VAL C 933 -51.07 26.80 -24.76
C VAL C 933 -51.69 25.64 -23.99
N ILE C 934 -53.00 25.66 -23.76
CA ILE C 934 -53.69 24.62 -22.94
C ILE C 934 -53.80 23.35 -23.77
N LYS C 935 -53.86 22.19 -23.11
CA LYS C 935 -53.84 20.92 -23.88
C LYS C 935 -55.19 20.21 -23.77
N LYS C 936 -55.84 20.02 -24.91
CA LYS C 936 -57.10 19.25 -24.89
C LYS C 936 -56.84 18.02 -25.76
N GLU C 937 -56.74 16.82 -25.15
CA GLU C 937 -56.54 15.56 -25.90
C GLU C 937 -55.32 15.68 -26.82
N ASN C 938 -55.45 15.26 -28.08
CA ASN C 938 -54.33 15.32 -29.04
C ASN C 938 -53.94 16.75 -29.41
N TYR C 939 -54.90 17.64 -29.66
CA TYR C 939 -54.55 19.00 -30.15
C TYR C 939 -54.01 19.92 -29.06
N TYR C 940 -53.13 20.85 -29.41
CA TYR C 940 -52.65 21.88 -28.45
C TYR C 940 -53.19 23.21 -28.98
N GLU C 941 -53.91 23.99 -28.17
CA GLU C 941 -54.60 25.20 -28.68
C GLU C 941 -54.23 26.43 -27.84
N VAL C 942 -54.02 27.59 -28.49
CA VAL C 942 -53.64 28.84 -27.76
C VAL C 942 -54.85 29.44 -27.05
N ASN C 943 -54.78 29.57 -25.73
CA ASN C 943 -55.87 30.10 -24.93
C ASN C 943 -56.32 31.44 -25.50
N SER C 944 -57.54 31.49 -26.01
CA SER C 944 -58.03 32.68 -26.70
C SER C 944 -58.11 33.87 -25.75
N LYS C 945 -58.61 33.65 -24.53
CA LYS C 945 -58.78 34.76 -23.60
C LYS C 945 -57.43 35.37 -23.19
N CYS C 946 -56.47 34.52 -22.83
CA CYS C 946 -55.15 35.04 -22.45
C CYS C 946 -54.44 35.68 -23.64
N TYR C 947 -54.58 35.11 -24.83
CA TYR C 947 -53.98 35.72 -26.01
C TYR C 947 -54.58 37.09 -26.29
N GLU C 948 -55.91 37.22 -26.15
CA GLU C 948 -56.54 38.52 -26.34
C GLU C 948 -56.08 39.53 -25.29
N GLU C 949 -55.97 39.08 -24.03
CA GLU C 949 -55.48 39.98 -22.99
C GLU C 949 -54.06 40.46 -23.28
N ALA C 950 -53.20 39.55 -23.71
CA ALA C 950 -51.83 39.94 -24.05
C ALA C 950 -51.80 40.87 -25.26
N LYS C 951 -52.66 40.63 -26.25
CA LYS C 951 -52.72 41.51 -27.42
C LYS C 951 -53.17 42.91 -27.02
N LYS C 952 -54.17 43.01 -26.14
CA LYS C 952 -54.62 44.33 -25.70
C LYS C 952 -53.58 45.01 -24.81
N LEU C 953 -52.82 44.23 -24.03
CA LEU C 953 -51.80 44.82 -23.17
C LEU C 953 -50.69 45.51 -23.97
N LYS C 954 -50.51 45.15 -25.22
CA LYS C 954 -49.49 45.76 -26.08
C LYS C 954 -50.01 46.96 -26.85
N LYS C 955 -51.27 47.37 -26.62
CA LYS C 955 -51.89 48.48 -27.33
C LYS C 955 -51.91 48.23 -28.84
N ILE C 956 -52.57 47.13 -29.22
CA ILE C 956 -52.69 46.71 -30.59
C ILE C 956 -54.13 46.91 -31.04
N SER C 957 -54.31 47.63 -32.15
CA SER C 957 -55.64 47.85 -32.68
C SER C 957 -56.18 46.57 -33.32
N ASN C 958 -57.49 46.54 -33.57
CA ASN C 958 -58.13 45.36 -34.10
C ASN C 958 -57.94 45.19 -35.61
N GLN C 959 -57.48 46.23 -36.32
CA GLN C 959 -57.21 46.13 -37.74
C GLN C 959 -55.73 45.99 -38.06
N ALA C 960 -54.90 45.76 -37.04
CA ALA C 960 -53.45 45.65 -37.25
C ALA C 960 -53.14 44.46 -38.16
N GLU C 961 -52.32 44.73 -39.18
CA GLU C 961 -51.96 43.69 -40.14
C GLU C 961 -50.96 42.73 -39.50
N PHE C 962 -51.14 41.44 -39.79
CA PHE C 962 -50.29 40.39 -39.24
C PHE C 962 -49.14 40.09 -40.21
N ILE C 963 -47.93 40.05 -39.67
CA ILE C 963 -46.74 39.89 -40.51
C ILE C 963 -46.24 38.46 -40.42
N ALA C 964 -45.90 38.00 -39.22
CA ALA C 964 -45.34 36.66 -39.05
C ALA C 964 -45.43 36.26 -37.59
N SER C 965 -45.19 34.96 -37.36
CA SER C 965 -45.08 34.39 -36.03
C SER C 965 -43.79 33.60 -35.96
N PHE C 966 -42.99 33.88 -34.92
CA PHE C 966 -41.67 33.28 -34.78
C PHE C 966 -41.65 32.35 -33.58
N TYR C 967 -41.26 31.10 -33.83
CA TYR C 967 -40.91 30.14 -32.79
C TYR C 967 -39.41 30.25 -32.52
N ASN C 968 -38.86 29.28 -31.79
CA ASN C 968 -37.42 29.24 -31.59
C ASN C 968 -36.71 28.91 -32.89
N ASN C 969 -35.60 29.62 -33.15
CA ASN C 969 -34.67 29.37 -34.24
C ASN C 969 -35.23 29.65 -35.62
N ASP C 970 -36.45 30.16 -35.73
CA ASP C 970 -36.92 30.68 -37.01
C ASP C 970 -36.13 31.92 -37.39
N LEU C 971 -35.73 32.01 -38.65
CA LEU C 971 -34.84 33.09 -39.05
C LEU C 971 -35.63 34.39 -39.17
N ILE C 972 -35.09 35.45 -38.59
CA ILE C 972 -35.70 36.78 -38.64
C ILE C 972 -34.76 37.70 -39.41
N LYS C 973 -35.35 38.68 -40.09
CA LYS C 973 -34.60 39.69 -40.85
C LYS C 973 -35.04 41.05 -40.35
N ILE C 974 -34.22 41.65 -39.49
CA ILE C 974 -34.56 42.96 -38.86
C ILE C 974 -33.68 44.03 -39.49
N ASN C 975 -34.27 44.96 -40.24
CA ASN C 975 -33.51 46.09 -40.83
C ASN C 975 -32.44 45.53 -41.75
N GLY C 976 -32.63 44.33 -42.30
CA GLY C 976 -31.67 43.79 -43.29
C GLY C 976 -30.60 42.86 -42.73
N GLU C 977 -30.46 42.74 -41.42
CA GLU C 977 -29.46 41.78 -40.88
C GLU C 977 -30.16 40.51 -40.40
N LEU C 978 -29.84 39.36 -40.99
CA LEU C 978 -30.48 38.07 -40.62
C LEU C 978 -30.01 37.62 -39.23
N TYR C 979 -30.88 36.99 -38.46
CA TYR C 979 -30.53 36.50 -37.10
C TYR C 979 -31.42 35.28 -36.80
N ARG C 980 -31.11 34.50 -35.77
CA ARG C 980 -31.96 33.35 -35.39
C ARG C 980 -32.51 33.60 -33.99
N VAL C 981 -33.82 33.60 -33.80
CA VAL C 981 -34.38 33.95 -32.51
C VAL C 981 -34.11 32.84 -31.51
N ILE C 982 -33.68 33.20 -30.31
CA ILE C 982 -33.48 32.23 -29.23
C ILE C 982 -34.70 32.30 -28.32
N GLY C 983 -35.35 33.44 -28.32
CA GLY C 983 -36.52 33.69 -27.49
C GLY C 983 -36.52 35.12 -27.01
N VAL C 984 -37.73 35.62 -26.72
CA VAL C 984 -37.86 37.00 -26.27
C VAL C 984 -37.24 37.14 -24.88
N ASN C 985 -36.47 38.20 -24.68
CA ASN C 985 -35.83 38.42 -23.36
C ASN C 985 -36.86 39.04 -22.43
N ASN C 986 -37.23 40.30 -22.65
CA ASN C 986 -38.32 40.89 -21.83
C ASN C 986 -39.42 41.40 -22.75
N ASP C 987 -40.64 40.91 -22.57
CA ASP C 987 -41.79 41.34 -23.41
C ASP C 987 -42.17 42.80 -23.12
N LEU C 988 -42.15 43.21 -21.87
CA LEU C 988 -42.64 44.58 -21.52
C LEU C 988 -41.77 45.62 -22.24
N LEU C 989 -40.47 45.39 -22.30
CA LEU C 989 -39.55 46.37 -22.91
C LEU C 989 -39.38 46.06 -24.39
N ASN C 990 -40.11 45.06 -24.90
CA ASN C 990 -40.04 44.73 -26.35
C ASN C 990 -38.62 44.35 -26.79
N ARG C 991 -37.93 43.51 -26.03
CA ARG C 991 -36.57 43.07 -26.39
C ARG C 991 -36.57 41.59 -26.81
N ILE C 992 -36.06 41.23 -27.99
CA ILE C 992 -35.96 39.80 -28.41
C ILE C 992 -34.47 39.41 -28.42
N GLU C 993 -34.13 38.11 -28.38
CA GLU C 993 -32.72 37.68 -28.31
C GLU C 993 -32.35 36.91 -29.56
N VAL C 994 -31.29 37.33 -30.24
CA VAL C 994 -30.89 36.67 -31.51
C VAL C 994 -29.40 36.32 -31.46
N ASN C 995 -29.01 35.11 -31.88
CA ASN C 995 -27.57 34.74 -32.01
C ASN C 995 -27.32 34.61 -33.50
N MET C 996 -26.17 35.02 -34.00
CA MET C 996 -25.97 35.05 -35.46
C MET C 996 -26.12 33.67 -36.10
N ILE C 997 -26.51 33.61 -37.39
CA ILE C 997 -26.73 32.32 -38.10
C ILE C 997 -25.44 31.56 -38.31
N ASP C 998 -24.35 32.22 -38.68
CA ASP C 998 -23.10 31.50 -39.04
C ASP C 998 -22.28 31.10 -37.83
N ILE C 999 -21.90 32.05 -36.98
CA ILE C 999 -20.98 31.71 -35.88
C ILE C 999 -21.61 32.14 -34.56
N THR C 1000 -21.55 31.30 -33.54
CA THR C 1000 -22.24 31.73 -32.30
C THR C 1000 -21.57 33.03 -31.84
N TYR C 1001 -22.34 34.04 -31.42
CA TYR C 1001 -21.77 35.38 -31.06
C TYR C 1001 -20.55 35.22 -30.17
N ARG C 1002 -20.63 34.34 -29.16
CA ARG C 1002 -19.50 34.21 -28.22
C ARG C 1002 -18.22 34.07 -29.02
N GLU C 1003 -18.25 33.23 -30.05
CA GLU C 1003 -17.06 33.10 -30.93
C GLU C 1003 -16.82 34.39 -31.71
N TYR C 1004 -17.87 35.07 -32.16
CA TYR C 1004 -17.65 36.27 -33.00
C TYR C 1004 -16.88 37.29 -32.17
N LEU C 1005 -17.12 37.32 -30.86
CA LEU C 1005 -16.40 38.24 -29.96
C LEU C 1005 -14.91 37.85 -29.83
N GLU C 1006 -14.57 36.56 -29.86
CA GLU C 1006 -13.18 36.18 -29.62
C GLU C 1006 -12.30 36.44 -30.83
N ASN C 1007 -12.91 36.32 -32.00
CA ASN C 1007 -12.15 36.53 -33.25
C ASN C 1007 -11.98 38.03 -33.41
N MET C 1008 -12.53 38.82 -32.49
CA MET C 1008 -12.28 40.28 -32.54
C MET C 1008 -11.71 40.70 -31.19
N ASN C 1009 -11.61 39.75 -30.26
CA ASN C 1009 -11.05 40.01 -28.90
C ASN C 1009 -11.87 41.10 -28.19
N ASP C 1010 -13.12 41.33 -28.64
CA ASP C 1010 -14.00 42.31 -27.96
C ASP C 1010 -14.49 41.70 -26.64
N LYS C 1011 -14.93 42.54 -25.69
CA LYS C 1011 -15.40 42.06 -24.37
C LYS C 1011 -16.87 42.43 -24.14
N ARG C 1012 -17.62 42.69 -25.22
CA ARG C 1012 -19.07 43.04 -25.10
C ARG C 1012 -19.80 41.82 -24.53
N PRO C 1013 -21.00 41.96 -23.94
CA PRO C 1013 -21.66 40.81 -23.31
C PRO C 1013 -22.03 39.75 -24.34
N PRO C 1014 -22.14 38.43 -23.99
CA PRO C 1014 -22.31 37.38 -25.01
C PRO C 1014 -23.65 37.16 -25.74
N ARG C 1015 -24.74 37.84 -25.38
CA ARG C 1015 -26.03 37.55 -26.06
C ARG C 1015 -26.50 38.77 -26.84
N ILE C 1016 -26.50 38.74 -28.17
CA ILE C 1016 -27.04 39.94 -28.87
C ILE C 1016 -28.49 40.06 -28.43
N ILE C 1017 -28.93 41.24 -28.00
CA ILE C 1017 -30.37 41.44 -27.68
C ILE C 1017 -30.83 42.60 -28.55
N LYS C 1018 -31.86 42.41 -29.38
CA LYS C 1018 -32.28 43.49 -30.30
C LYS C 1018 -33.67 43.96 -29.90
N THR C 1019 -34.06 45.19 -30.26
CA THR C 1019 -35.37 45.75 -29.82
C THR C 1019 -36.26 46.01 -31.03
N ILE C 1020 -37.51 45.54 -30.98
CA ILE C 1020 -38.42 45.68 -32.14
C ILE C 1020 -39.38 46.85 -31.90
N ALA C 1021 -39.33 47.49 -30.73
CA ALA C 1021 -40.36 48.51 -30.39
C ALA C 1021 -40.42 49.68 -31.35
N SER C 1022 -39.29 50.25 -31.74
CA SER C 1022 -39.36 51.45 -32.62
C SER C 1022 -38.05 51.55 -33.41
N LYS C 1023 -38.08 52.28 -34.53
CA LYS C 1023 -36.87 52.41 -35.41
C LYS C 1023 -36.61 51.05 -36.04
N THR C 1024 -37.60 50.15 -36.02
CA THR C 1024 -37.44 48.84 -36.68
C THR C 1024 -38.12 48.96 -38.05
N GLN C 1025 -37.34 49.22 -39.09
CA GLN C 1025 -37.91 49.42 -40.45
C GLN C 1025 -38.54 48.13 -40.99
N SER C 1026 -37.92 46.96 -40.77
CA SER C 1026 -38.46 45.72 -41.39
C SER C 1026 -38.30 44.51 -40.46
N ILE C 1027 -39.30 43.63 -40.40
CA ILE C 1027 -39.20 42.37 -39.60
C ILE C 1027 -39.76 41.27 -40.50
N LYS C 1028 -38.93 40.71 -41.38
CA LYS C 1028 -39.39 39.65 -42.26
C LYS C 1028 -38.97 38.31 -41.69
N LYS C 1029 -39.60 37.24 -42.19
CA LYS C 1029 -39.32 35.89 -41.72
C LYS C 1029 -38.64 35.09 -42.82
N TYR C 1030 -37.48 34.53 -42.52
CA TYR C 1030 -36.84 33.66 -43.53
C TYR C 1030 -36.83 32.26 -42.93
N SER C 1031 -36.88 31.21 -43.74
CA SER C 1031 -36.82 29.81 -43.23
C SER C 1031 -35.85 29.01 -44.09
N THR C 1032 -35.28 27.95 -43.53
CA THR C 1032 -34.26 27.16 -44.27
C THR C 1032 -34.59 25.67 -44.19
N ASP C 1033 -34.49 24.94 -45.31
CA ASP C 1033 -34.83 23.48 -45.35
C ASP C 1033 -33.72 22.67 -44.70
N ILE C 1034 -33.91 21.37 -44.53
CA ILE C 1034 -32.89 20.59 -43.77
C ILE C 1034 -31.56 20.77 -44.47
N LEU C 1035 -31.54 20.77 -45.79
CA LEU C 1035 -30.24 21.03 -46.46
C LEU C 1035 -29.73 22.41 -46.08
N GLY C 1036 -30.54 23.45 -46.13
CA GLY C 1036 -29.97 24.79 -45.87
C GLY C 1036 -30.27 25.86 -46.90
N ASN C 1037 -31.11 25.61 -47.90
CA ASN C 1037 -31.49 26.70 -48.83
C ASN C 1037 -32.26 27.74 -48.02
N LEU C 1038 -32.14 29.04 -48.33
CA LEU C 1038 -32.83 30.13 -47.58
C LEU C 1038 -33.98 30.69 -48.42
N TYR C 1039 -35.22 30.40 -48.04
CA TYR C 1039 -36.40 30.81 -48.84
C TYR C 1039 -37.27 31.75 -47.99
N GLU C 1040 -37.55 32.95 -48.48
CA GLU C 1040 -38.32 33.91 -47.66
C GLU C 1040 -39.69 33.28 -47.46
N VAL C 1041 -40.22 33.28 -46.25
CA VAL C 1041 -41.49 32.55 -46.02
C VAL C 1041 -42.66 33.54 -45.97
N LYS C 1042 -43.65 33.35 -46.83
CA LYS C 1042 -44.88 34.20 -46.80
C LYS C 1042 -45.88 33.46 -45.93
N SER C 1043 -46.15 33.95 -44.72
CA SER C 1043 -47.03 33.17 -43.79
C SER C 1043 -48.51 33.44 -44.01
N LYS C 1044 -49.36 32.77 -43.22
CA LYS C 1044 -50.84 32.90 -43.34
C LYS C 1044 -51.29 34.20 -42.66
N LYS C 1045 -52.54 34.63 -42.91
CA LYS C 1045 -53.01 35.94 -42.37
C LYS C 1045 -53.64 35.83 -40.96
N HIS C 1046 -53.80 34.63 -40.41
CA HIS C 1046 -54.30 34.53 -39.01
C HIS C 1046 -53.30 33.73 -38.19
N PRO C 1047 -52.87 34.17 -36.98
CA PRO C 1047 -51.84 33.46 -36.24
C PRO C 1047 -52.31 32.04 -35.92
N GLN C 1048 -51.41 31.06 -35.95
CA GLN C 1048 -51.84 29.64 -35.79
C GLN C 1048 -52.47 29.43 -34.41
N ILE C 1049 -53.63 28.79 -34.37
CA ILE C 1049 -54.33 28.55 -33.08
C ILE C 1049 -54.19 27.07 -32.69
N ILE C 1050 -54.34 26.15 -33.63
CA ILE C 1050 -54.33 24.69 -33.26
C ILE C 1050 -53.13 23.99 -33.88
N LYS C 1051 -52.20 23.49 -33.05
CA LYS C 1051 -51.03 22.72 -33.54
C LYS C 1051 -51.39 21.27 -33.28
N LYS C 1052 -51.24 20.37 -34.26
CA LYS C 1052 -51.75 18.98 -34.08
C LYS C 1052 -51.09 18.30 -32.90
N GLY C 1053 -49.79 18.47 -32.76
CA GLY C 1053 -49.08 17.77 -31.69
C GLY C 1053 -49.58 16.34 -31.57
N SER E 1 7.31 24.62 9.08
CA SER E 1 8.01 25.63 8.29
C SER E 1 9.10 24.99 7.44
N MET E 2 8.70 24.30 6.38
CA MET E 2 9.67 23.67 5.49
C MET E 2 10.57 24.72 4.86
N ARG E 3 11.89 24.51 5.00
CA ARG E 3 12.86 25.46 4.47
C ARG E 3 12.75 25.60 2.95
N LYS E 4 12.43 24.50 2.27
CA LYS E 4 12.40 24.55 0.80
C LYS E 4 11.27 25.44 0.29
N THR E 5 10.07 25.32 0.87
CA THR E 5 8.91 26.13 0.41
C THR E 5 9.16 27.61 0.66
N ILE E 6 9.71 27.95 1.83
CA ILE E 6 9.98 29.36 2.17
C ILE E 6 11.03 29.86 1.17
N GLU E 7 11.93 28.97 0.81
CA GLU E 7 12.98 29.34 -0.16
C GLU E 7 12.31 29.65 -1.49
N ARG E 8 11.24 28.95 -1.84
CA ARG E 8 10.57 29.17 -3.15
C ARG E 8 9.94 30.56 -3.14
N LEU E 9 9.30 30.94 -2.03
CA LEU E 9 8.67 32.29 -1.92
C LEU E 9 9.76 33.35 -2.05
N LEU E 10 10.89 33.16 -1.37
CA LEU E 10 11.93 34.22 -1.40
C LEU E 10 12.52 34.31 -2.81
N ASN E 11 12.55 33.19 -3.54
CA ASN E 11 13.15 33.21 -4.89
C ASN E 11 12.06 33.48 -5.94
N SER E 12 10.82 33.72 -5.49
CA SER E 12 9.69 33.95 -6.42
C SER E 12 9.80 35.33 -7.06
N GLU E 13 9.04 35.57 -8.14
CA GLU E 13 9.04 36.87 -8.83
C GLU E 13 8.09 37.83 -8.10
N LEU E 14 7.42 37.34 -7.06
CA LEU E 14 6.49 38.19 -6.27
C LEU E 14 7.30 39.28 -5.58
N SER E 15 6.71 40.47 -5.46
CA SER E 15 7.43 41.62 -4.86
C SER E 15 7.73 41.36 -3.39
N SER E 16 8.87 41.86 -2.91
CA SER E 16 9.22 41.69 -1.48
C SER E 16 8.16 42.36 -0.62
N ASN E 17 7.74 43.56 -1.01
CA ASN E 17 6.67 44.28 -0.27
C ASN E 17 5.36 43.50 -0.38
N SER E 18 5.05 42.98 -1.56
CA SER E 18 3.77 42.26 -1.78
C SER E 18 3.73 41.00 -0.91
N ILE E 19 4.84 40.27 -0.85
CA ILE E 19 4.91 39.07 0.02
C ILE E 19 4.74 39.55 1.45
N ALA E 20 5.42 40.64 1.81
CA ALA E 20 5.41 41.12 3.20
C ALA E 20 3.98 41.46 3.63
N VAL E 21 3.21 42.10 2.76
CA VAL E 21 1.85 42.54 3.17
C VAL E 21 1.00 41.31 3.49
N ARG E 22 1.04 40.31 2.62
CA ARG E 22 0.20 39.10 2.82
C ARG E 22 0.72 38.27 3.99
N THR E 23 2.04 38.09 4.09
CA THR E 23 2.64 37.29 5.20
C THR E 23 2.42 38.01 6.54
N GLY E 24 2.53 39.33 6.56
CA GLY E 24 2.47 40.08 7.81
C GLY E 24 3.87 40.31 8.34
N VAL E 25 4.86 39.71 7.67
CA VAL E 25 6.29 39.91 8.06
C VAL E 25 6.77 41.22 7.45
N SER E 26 7.80 41.85 8.05
CA SER E 26 8.26 43.17 7.57
C SER E 26 8.92 43.08 6.19
N GLN E 27 8.69 44.09 5.35
CA GLN E 27 9.39 44.13 4.04
C GLN E 27 10.88 44.25 4.35
N ALA E 28 11.23 44.97 5.43
CA ALA E 28 12.64 45.05 5.76
C ALA E 28 13.27 43.68 5.88
N VAL E 29 12.63 42.80 6.66
CA VAL E 29 13.18 41.46 6.90
C VAL E 29 13.26 40.68 5.59
N ILE E 30 12.22 40.83 4.76
CA ILE E 30 12.18 40.08 3.46
C ILE E 30 13.36 40.56 2.59
N SER E 31 13.54 41.87 2.48
CA SER E 31 14.64 42.42 1.67
C SER E 31 15.99 41.93 2.20
N LYS E 32 16.19 41.98 3.51
CA LYS E 32 17.50 41.62 4.10
C LYS E 32 17.69 40.12 3.94
N LEU E 33 16.61 39.35 3.81
CA LEU E 33 16.74 37.89 3.55
C LEU E 33 17.22 37.69 2.11
N ARG E 34 16.56 38.36 1.15
CA ARG E 34 16.98 38.27 -0.27
C ARG E 34 18.39 38.85 -0.41
N ASN E 35 18.68 39.96 0.28
CA ASN E 35 20.04 40.55 0.27
C ASN E 35 21.01 39.55 0.90
N GLY E 36 20.56 38.77 1.89
CA GLY E 36 21.46 37.86 2.61
C GLY E 36 21.99 38.51 3.87
N LYS E 37 21.60 39.77 4.11
CA LYS E 37 21.99 40.46 5.36
C LYS E 37 21.44 39.63 6.53
N LYS E 38 20.34 38.90 6.31
CA LYS E 38 19.80 38.00 7.36
C LYS E 38 19.81 36.56 6.85
N GLU E 39 19.78 35.59 7.77
CA GLU E 39 19.74 34.17 7.38
C GLU E 39 18.36 33.61 7.71
N LEU E 40 17.83 32.71 6.87
CA LEU E 40 16.50 32.11 7.10
C LEU E 40 16.55 31.32 8.41
N GLY E 41 17.70 30.72 8.71
CA GLY E 41 17.84 29.90 9.91
C GLY E 41 17.59 30.68 11.17
N ASN E 42 17.94 31.96 11.19
CA ASN E 42 17.82 32.77 12.43
C ASN E 42 16.41 33.34 12.58
N LEU E 43 15.49 33.00 11.67
CA LEU E 43 14.11 33.55 11.69
C LEU E 43 13.24 32.87 12.76
N THR E 44 12.47 33.65 13.51
CA THR E 44 11.52 33.12 14.53
C THR E 44 10.56 32.15 13.84
N LEU E 45 10.20 31.08 14.56
CA LEU E 45 9.28 30.07 13.99
C LEU E 45 8.00 30.79 13.61
N ASN E 46 7.58 31.80 14.36
CA ASN E 46 6.28 32.45 14.03
C ASN E 46 6.40 33.05 12.63
N SER E 47 7.48 33.79 12.38
CA SER E 47 7.67 34.46 11.07
C SER E 47 7.83 33.39 9.99
N ALA E 48 8.55 32.31 10.30
CA ALA E 48 8.80 31.26 9.29
C ALA E 48 7.48 30.63 8.88
N GLU E 49 6.59 30.39 9.84
CA GLU E 49 5.29 29.72 9.58
C GLU E 49 4.50 30.65 8.66
N LYS E 50 4.53 31.95 8.93
CA LYS E 50 3.69 32.83 8.08
C LYS E 50 4.16 32.69 6.63
N LEU E 51 5.48 32.78 6.39
CA LEU E 51 6.02 32.68 5.01
C LEU E 51 5.61 31.33 4.40
N PHE E 52 5.72 30.24 5.16
CA PHE E 52 5.41 28.89 4.63
C PHE E 52 3.93 28.81 4.25
N GLU E 53 3.06 29.35 5.09
CA GLU E 53 1.60 29.30 4.83
C GLU E 53 1.33 30.10 3.56
N TYR E 54 1.98 31.25 3.41
CA TYR E 54 1.66 32.08 2.22
C TYR E 54 2.10 31.31 0.97
N GLN E 55 3.25 30.63 1.01
CA GLN E 55 3.76 29.94 -0.21
C GLN E 55 2.84 28.76 -0.55
N LYS E 56 2.20 28.15 0.45
CA LYS E 56 1.37 26.95 0.23
C LYS E 56 0.19 27.25 -0.69
N GLU E 57 -0.41 28.44 -0.56
CA GLU E 57 -1.64 28.78 -1.34
C GLU E 57 -1.36 28.76 -2.85
N MET E 58 -0.17 29.20 -3.27
CA MET E 58 0.15 29.30 -4.73
C MET E 58 0.14 27.92 -5.41
N GLU E 59 0.29 26.85 -4.63
CA GLU E 59 0.33 25.48 -5.20
C GLU E 59 -1.09 24.89 -5.25
N LYS E 60 -2.08 25.70 -5.63
CA LYS E 60 -3.49 25.24 -5.71
C LYS E 60 -3.88 24.97 -7.17
N VAL E 61 -2.90 24.96 -8.08
CA VAL E 61 -3.18 24.77 -9.54
C VAL E 61 -3.56 23.31 -9.81
N ASP E 62 -4.12 23.01 -11.01
CA ASP E 62 -4.53 21.64 -11.42
C ASP E 62 -5.89 21.24 -10.83
N THR E 63 -6.61 22.20 -10.27
CA THR E 63 -7.95 21.93 -9.67
C THR E 63 -9.01 21.66 -10.73
N TRP E 64 -9.99 20.78 -10.44
CA TRP E 64 -11.13 20.55 -11.37
C TRP E 64 -12.40 20.67 -10.52
N ILE E 65 -13.41 21.41 -10.99
CA ILE E 65 -14.60 21.66 -10.12
C ILE E 65 -15.88 21.17 -10.81
N VAL E 66 -16.73 20.43 -10.09
CA VAL E 66 -18.03 19.97 -10.66
C VAL E 66 -19.17 20.66 -9.88
N TYR E 67 -20.30 20.93 -10.55
CA TYR E 67 -21.44 21.61 -9.89
C TYR E 67 -22.63 20.69 -9.91
N ARG E 68 -23.13 20.27 -8.75
CA ARG E 68 -24.35 19.46 -8.76
C ARG E 68 -25.44 20.35 -8.22
N GLY E 69 -26.46 20.61 -9.01
CA GLY E 69 -27.55 21.48 -8.58
C GLY E 69 -28.86 20.76 -8.70
N ARG E 70 -29.62 20.74 -7.63
CA ARG E 70 -30.89 20.02 -7.64
C ARG E 70 -32.01 21.06 -7.64
N THR E 71 -33.13 20.80 -8.29
CA THR E 71 -34.25 21.73 -8.26
C THR E 71 -34.89 21.59 -6.91
N ALA E 72 -35.74 22.51 -6.52
CA ALA E 72 -36.23 22.54 -5.14
C ALA E 72 -36.86 21.25 -4.68
N ASP E 73 -37.37 20.48 -5.61
CA ASP E 73 -38.10 19.26 -5.19
C ASP E 73 -37.11 18.11 -5.03
N MET E 74 -35.86 18.33 -5.39
CA MET E 74 -34.82 17.28 -5.33
C MET E 74 -35.09 16.30 -6.46
N ASN E 75 -35.93 16.65 -7.42
CA ASN E 75 -36.27 15.69 -8.48
C ASN E 75 -35.45 15.86 -9.74
N LYS E 76 -35.41 17.04 -10.35
CA LYS E 76 -34.70 17.19 -11.63
C LYS E 76 -33.33 17.71 -11.32
N SER E 77 -32.27 17.10 -11.82
CA SER E 77 -30.90 17.50 -11.39
C SER E 77 -30.07 18.06 -12.53
N TYR E 78 -29.39 19.18 -12.31
CA TYR E 78 -28.59 19.83 -13.37
C TYR E 78 -27.14 19.72 -12.96
N ILE E 79 -26.23 19.30 -13.84
CA ILE E 79 -24.82 19.06 -13.41
C ILE E 79 -23.85 19.57 -14.49
N ALA E 80 -22.91 20.42 -14.10
CA ALA E 80 -21.91 20.87 -15.08
C ALA E 80 -20.55 20.88 -14.43
N GLU E 81 -19.48 20.77 -15.23
CA GLU E 81 -18.14 20.68 -14.62
C GLU E 81 -17.13 21.37 -15.53
N GLY E 82 -16.08 21.97 -14.93
CA GLY E 82 -15.04 22.71 -15.68
C GLY E 82 -13.80 22.98 -14.85
N SER E 83 -12.71 23.48 -15.45
CA SER E 83 -11.43 23.66 -14.72
C SER E 83 -11.43 24.75 -13.64
N THR E 84 -11.91 25.96 -13.95
CA THR E 84 -11.89 27.07 -12.96
C THR E 84 -13.36 27.43 -12.76
N TYR E 85 -13.74 28.01 -11.62
CA TYR E 85 -15.20 28.18 -11.45
C TYR E 85 -15.78 28.89 -12.68
N GLU E 86 -15.00 29.74 -13.34
CA GLU E 86 -15.49 30.52 -14.51
C GLU E 86 -15.93 29.51 -15.55
N GLU E 87 -15.15 28.45 -15.69
CA GLU E 87 -15.54 27.40 -16.66
C GLU E 87 -16.86 26.80 -16.20
N VAL E 88 -17.09 26.64 -14.88
CA VAL E 88 -18.35 25.98 -14.48
C VAL E 88 -19.49 26.85 -14.98
N TYR E 89 -19.41 28.17 -14.78
CA TYR E 89 -20.53 29.04 -15.19
C TYR E 89 -20.66 28.95 -16.69
N ASN E 90 -19.55 28.98 -17.41
CA ASN E 90 -19.67 29.01 -18.88
C ASN E 90 -20.33 27.71 -19.38
N ASN E 91 -19.97 26.56 -18.81
CA ASN E 91 -20.69 25.33 -19.26
C ASN E 91 -22.16 25.38 -18.85
N PHE E 92 -22.49 25.79 -17.63
CA PHE E 92 -23.90 25.74 -17.18
C PHE E 92 -24.76 26.66 -18.04
N VAL E 93 -24.21 27.77 -18.54
CA VAL E 93 -25.09 28.63 -19.36
C VAL E 93 -25.13 28.09 -20.78
N ASP E 94 -24.18 27.24 -21.16
CA ASP E 94 -24.31 26.64 -22.51
C ASP E 94 -25.20 25.39 -22.45
N LYS E 95 -24.81 24.35 -21.71
CA LYS E 95 -25.56 23.08 -21.74
C LYS E 95 -27.01 23.31 -21.29
N TYR E 96 -27.24 23.83 -20.10
CA TYR E 96 -28.63 23.91 -19.58
C TYR E 96 -29.31 25.26 -19.86
N GLY E 97 -28.81 26.07 -20.79
CA GLY E 97 -29.54 27.31 -21.15
C GLY E 97 -29.17 28.51 -20.29
N TYR E 98 -29.58 29.73 -20.66
CA TYR E 98 -29.13 30.95 -19.93
C TYR E 98 -30.07 31.35 -18.80
N ASP E 99 -31.29 30.79 -18.75
CA ASP E 99 -32.26 31.27 -17.73
C ASP E 99 -32.43 30.24 -16.60
N VAL E 100 -31.64 29.17 -16.59
CA VAL E 100 -31.72 28.22 -15.47
C VAL E 100 -31.32 28.95 -14.20
N LEU E 101 -30.27 29.78 -14.25
CA LEU E 101 -29.87 30.60 -13.08
C LEU E 101 -30.76 31.84 -13.05
N ASP E 102 -30.71 32.64 -11.99
CA ASP E 102 -31.63 33.80 -11.87
C ASP E 102 -31.34 34.76 -13.02
N GLU E 103 -32.37 35.46 -13.48
CA GLU E 103 -32.20 36.32 -14.69
C GLU E 103 -31.18 37.44 -14.45
N ASP E 104 -30.24 37.63 -15.38
CA ASP E 104 -29.24 38.72 -15.30
C ASP E 104 -28.36 38.60 -14.06
N ILE E 105 -27.88 37.42 -13.67
CA ILE E 105 -27.07 37.39 -12.43
C ILE E 105 -25.64 37.85 -12.76
N TYR E 106 -25.12 37.49 -13.93
CA TYR E 106 -23.71 37.85 -14.22
C TYR E 106 -23.58 39.36 -14.19
N GLU E 107 -24.53 40.05 -14.79
CA GLU E 107 -24.46 41.52 -14.83
C GLU E 107 -24.60 42.01 -13.39
N ILE E 108 -25.59 41.51 -12.66
CA ILE E 108 -25.79 42.09 -11.31
C ILE E 108 -24.50 41.94 -10.53
N GLN E 109 -23.82 40.79 -10.58
CA GLN E 109 -22.60 40.66 -9.74
C GLN E 109 -21.57 41.66 -10.25
N LEU E 110 -21.44 41.84 -11.57
CA LEU E 110 -20.38 42.74 -12.07
C LEU E 110 -20.68 44.13 -11.54
N LEU E 111 -21.94 44.56 -11.62
CA LEU E 111 -22.27 45.94 -11.20
C LEU E 111 -21.93 46.03 -9.72
N LYS E 112 -22.33 45.05 -8.93
CA LYS E 112 -22.12 45.12 -7.46
C LYS E 112 -20.62 45.19 -7.13
N LYS E 113 -19.79 44.40 -7.82
CA LYS E 113 -18.32 44.37 -7.60
C LYS E 113 -17.70 45.71 -7.96
N ASN E 114 -18.11 46.29 -9.09
CA ASN E 114 -17.60 47.64 -9.44
C ASN E 114 -18.02 48.61 -8.32
N GLY E 115 -19.22 48.44 -7.76
CA GLY E 115 -19.61 49.27 -6.61
C GLY E 115 -20.84 50.11 -6.90
N GLU E 116 -21.46 49.92 -8.06
CA GLU E 116 -22.63 50.76 -8.44
C GLU E 116 -23.80 50.39 -7.54
N ASN E 117 -24.75 51.31 -7.37
CA ASN E 117 -25.97 51.01 -6.57
C ASN E 117 -26.94 50.24 -7.47
N LEU E 118 -27.32 49.03 -7.07
CA LEU E 118 -28.18 48.21 -7.96
C LEU E 118 -29.54 48.90 -8.16
N ASP E 119 -30.07 49.56 -7.14
CA ASP E 119 -31.44 50.14 -7.24
C ASP E 119 -31.53 51.13 -8.40
N ASP E 120 -30.48 51.89 -8.66
CA ASP E 120 -30.58 52.93 -9.71
C ASP E 120 -30.89 52.25 -11.05
N TYR E 121 -30.31 51.08 -11.30
CA TYR E 121 -30.52 50.37 -12.59
C TYR E 121 -31.87 49.62 -12.59
N ASP E 122 -32.66 49.80 -11.54
CA ASP E 122 -33.98 49.13 -11.41
C ASP E 122 -33.80 47.61 -11.37
N VAL E 123 -33.10 47.10 -10.36
CA VAL E 123 -32.97 45.62 -10.24
C VAL E 123 -34.38 45.07 -9.99
N ASP E 124 -34.75 44.00 -10.68
CA ASP E 124 -36.11 43.41 -10.56
C ASP E 124 -35.94 41.89 -10.58
N SER E 125 -37.02 41.12 -10.48
CA SER E 125 -36.85 39.66 -10.62
C SER E 125 -36.29 39.41 -12.02
N ASP E 126 -36.78 40.15 -13.02
CA ASP E 126 -36.19 40.03 -14.38
C ASP E 126 -34.76 40.54 -14.34
N GLY E 127 -34.41 41.38 -13.37
CA GLY E 127 -33.01 41.80 -13.20
C GLY E 127 -32.81 43.19 -13.76
N ILE E 128 -31.65 43.47 -14.38
CA ILE E 128 -31.47 44.86 -14.85
C ILE E 128 -32.62 45.14 -15.78
N ASN E 129 -33.34 46.21 -15.51
CA ASN E 129 -34.52 46.54 -16.32
C ASN E 129 -34.22 47.87 -17.00
N ASN E 130 -33.24 48.62 -16.49
CA ASN E 130 -32.84 49.87 -17.18
C ASN E 130 -31.67 49.53 -18.10
N TYR E 131 -31.95 48.92 -19.24
CA TYR E 131 -30.84 48.46 -20.12
C TYR E 131 -30.00 49.67 -20.55
N ASP E 132 -30.64 50.79 -20.83
CA ASP E 132 -29.91 52.00 -21.30
C ASP E 132 -28.72 52.29 -20.39
N LYS E 133 -28.94 52.32 -19.08
CA LYS E 133 -27.84 52.72 -18.16
C LYS E 133 -26.80 51.60 -18.12
N LEU E 134 -27.22 50.33 -18.11
CA LEU E 134 -26.27 49.20 -18.00
C LEU E 134 -25.28 49.37 -19.12
N ASP E 135 -25.80 49.60 -20.32
CA ASP E 135 -24.89 49.81 -21.48
C ASP E 135 -23.90 50.91 -21.15
N GLU E 136 -24.30 51.99 -20.48
CA GLU E 136 -23.25 53.03 -20.20
C GLU E 136 -22.19 52.46 -19.26
N PHE E 137 -22.60 51.72 -18.24
CA PHE E 137 -21.61 51.20 -17.26
C PHE E 137 -20.65 50.28 -18.01
N ARG E 138 -21.17 49.50 -18.94
CA ARG E 138 -20.32 48.57 -19.68
C ARG E 138 -19.27 49.37 -20.43
N GLU E 139 -19.65 50.55 -20.91
CA GLU E 139 -18.70 51.38 -21.70
C GLU E 139 -17.49 51.70 -20.83
N SER E 140 -17.71 52.11 -19.57
CA SER E 140 -16.59 52.38 -18.65
C SER E 140 -15.78 51.09 -18.44
N ASP E 141 -14.46 51.19 -18.34
CA ASP E 141 -13.64 50.00 -18.05
C ASP E 141 -14.12 49.42 -16.72
N TYR E 142 -14.80 48.28 -16.75
CA TYR E 142 -15.36 47.73 -15.50
C TYR E 142 -14.22 46.98 -14.85
N VAL E 143 -14.35 46.62 -13.58
CA VAL E 143 -13.33 45.74 -12.91
C VAL E 143 -13.90 44.33 -13.04
N ASP E 144 -13.20 43.41 -13.71
CA ASP E 144 -13.78 42.07 -14.00
C ASP E 144 -13.89 41.17 -12.77
N LEU E 145 -14.68 40.11 -12.88
CA LEU E 145 -14.90 39.16 -11.76
C LEU E 145 -13.60 38.38 -11.52
N GLU E 146 -13.35 37.88 -10.30
CA GLU E 146 -12.02 37.27 -9.99
C GLU E 146 -12.05 35.74 -9.90
N ASP E 147 -12.95 35.07 -10.63
CA ASP E 147 -12.94 33.58 -10.70
C ASP E 147 -13.10 32.97 -9.30
N TYR E 148 -13.39 33.79 -8.29
CA TYR E 148 -13.70 33.23 -6.97
C TYR E 148 -15.14 33.66 -6.71
N ASP E 149 -15.68 34.49 -7.60
CA ASP E 149 -17.06 35.00 -7.40
C ASP E 149 -18.03 34.36 -8.40
N TYR E 150 -17.57 33.47 -9.28
CA TYR E 150 -18.55 32.76 -10.14
C TYR E 150 -19.27 31.77 -9.22
N ARG E 151 -18.59 31.42 -8.13
CA ARG E 151 -19.26 30.56 -7.13
C ARG E 151 -20.42 31.38 -6.58
N GLU E 152 -20.18 32.66 -6.36
CA GLU E 152 -21.26 33.47 -5.73
C GLU E 152 -22.37 33.61 -6.77
N LEU E 153 -22.02 33.64 -8.04
CA LEU E 153 -23.03 33.80 -9.11
C LEU E 153 -23.97 32.60 -9.08
N PHE E 154 -23.42 31.42 -8.81
CA PHE E 154 -24.25 30.19 -8.79
C PHE E 154 -25.00 30.11 -7.47
N GLU E 155 -24.41 30.58 -6.37
CA GLU E 155 -25.09 30.38 -5.07
C GLU E 155 -26.00 31.56 -4.69
N ASN E 156 -26.21 32.50 -5.60
CA ASN E 156 -27.17 33.60 -5.31
C ASN E 156 -28.35 33.46 -6.26
N SER E 157 -28.45 32.32 -6.94
CA SER E 157 -29.60 32.08 -7.83
C SER E 157 -30.45 30.95 -7.25
N SER E 158 -31.73 31.22 -7.03
CA SER E 158 -32.62 30.19 -6.46
C SER E 158 -33.85 29.99 -7.35
N SER E 159 -33.87 30.59 -8.52
CA SER E 159 -35.08 30.45 -9.36
C SER E 159 -35.31 28.98 -9.63
N GLN E 160 -34.39 28.29 -10.31
CA GLN E 160 -34.61 26.84 -10.49
C GLN E 160 -33.61 26.03 -9.68
N VAL E 161 -32.33 26.38 -9.69
CA VAL E 161 -31.32 25.53 -9.00
C VAL E 161 -31.28 25.87 -7.51
N TYR E 162 -32.31 25.50 -6.75
CA TYR E 162 -32.37 25.91 -5.32
C TYR E 162 -31.25 25.31 -4.49
N TYR E 163 -30.95 24.03 -4.62
CA TYR E 163 -29.91 23.47 -3.72
C TYR E 163 -28.63 23.32 -4.53
N HIS E 164 -27.59 24.08 -4.22
CA HIS E 164 -26.33 24.03 -5.03
C HIS E 164 -25.19 23.51 -4.16
N GLU E 165 -24.50 22.47 -4.63
CA GLU E 165 -23.39 21.84 -3.86
C GLU E 165 -22.20 21.65 -4.79
N PHE E 166 -21.08 22.31 -4.53
CA PHE E 166 -19.91 22.25 -5.44
C PHE E 166 -18.86 21.29 -4.86
N GLU E 167 -18.37 20.34 -5.66
CA GLU E 167 -17.31 19.42 -5.20
C GLU E 167 -16.03 19.74 -5.96
N ILE E 168 -14.93 20.00 -5.25
CA ILE E 168 -13.67 20.42 -5.92
C ILE E 168 -12.64 19.31 -5.77
N THR E 169 -12.18 18.73 -6.88
CA THR E 169 -11.21 17.61 -6.84
C THR E 169 -9.85 18.15 -7.29
N HIS E 170 -8.81 17.90 -6.49
CA HIS E 170 -7.44 18.34 -6.87
C HIS E 170 -6.62 17.11 -7.24
N GLU E 171 -6.06 17.08 -8.44
CA GLU E 171 -5.21 15.93 -8.87
C GLU E 171 -4.44 16.33 -10.14
N SER H 1 9.82 22.14 9.71
CA SER H 1 9.68 22.09 11.16
C SER H 1 8.28 22.48 11.63
N MET H 2 7.36 21.52 11.50
CA MET H 2 5.97 21.69 11.91
C MET H 2 5.86 21.99 13.41
N ARG H 3 5.12 23.03 13.76
CA ARG H 3 4.96 23.40 15.19
C ARG H 3 4.35 22.22 15.94
N LYS H 4 3.40 21.51 15.33
CA LYS H 4 2.70 20.44 16.06
C LYS H 4 3.68 19.36 16.46
N THR H 5 4.57 18.94 15.58
CA THR H 5 5.49 17.82 15.87
C THR H 5 6.46 18.20 16.99
N ILE H 6 6.95 19.42 16.97
CA ILE H 6 7.88 19.91 18.04
C ILE H 6 7.07 19.93 19.34
N GLU H 7 5.81 20.33 19.25
CA GLU H 7 4.95 20.37 20.45
C GLU H 7 4.84 18.95 20.97
N ARG H 8 4.81 17.95 20.09
CA ARG H 8 4.71 16.52 20.52
C ARG H 8 5.98 16.07 21.24
N LEU H 9 7.15 16.45 20.73
CA LEU H 9 8.44 16.09 21.37
C LEU H 9 8.51 16.75 22.75
N LEU H 10 8.07 17.99 22.85
CA LEU H 10 8.08 18.70 24.16
C LEU H 10 7.17 17.95 25.12
N ASN H 11 6.02 17.48 24.64
CA ASN H 11 5.04 16.78 25.52
C ASN H 11 5.50 15.35 25.79
N SER H 12 6.59 14.90 25.15
CA SER H 12 7.04 13.49 25.30
C SER H 12 7.60 13.25 26.70
N GLU H 13 7.81 11.98 27.06
CA GLU H 13 8.34 11.63 28.39
C GLU H 13 9.86 11.66 28.35
N LEU H 14 10.44 11.84 27.17
CA LEU H 14 11.92 11.82 27.04
C LEU H 14 12.52 12.96 27.84
N SER H 15 13.65 12.72 28.51
CA SER H 15 14.30 13.76 29.35
C SER H 15 14.70 14.95 28.48
N SER H 16 14.57 16.16 29.00
CA SER H 16 14.99 17.37 28.25
C SER H 16 16.45 17.19 27.83
N ASN H 17 17.30 16.66 28.72
CA ASN H 17 18.74 16.47 28.42
C ASN H 17 18.89 15.36 27.38
N SER H 18 18.03 14.34 27.41
CA SER H 18 18.15 13.21 26.45
C SER H 18 17.89 13.74 25.04
N ILE H 19 16.84 14.54 24.89
CA ILE H 19 16.52 15.12 23.56
C ILE H 19 17.68 16.02 23.15
N ALA H 20 18.23 16.79 24.09
CA ALA H 20 19.28 17.75 23.74
C ALA H 20 20.48 17.02 23.15
N VAL H 21 20.90 15.91 23.76
CA VAL H 21 22.12 15.23 23.27
C VAL H 21 21.84 14.76 21.85
N ARG H 22 20.66 14.18 21.62
CA ARG H 22 20.32 13.63 20.28
C ARG H 22 20.11 14.73 19.24
N THR H 23 19.47 15.83 19.61
CA THR H 23 19.14 16.92 18.65
C THR H 23 20.31 17.89 18.49
N GLY H 24 21.11 18.07 19.53
CA GLY H 24 22.21 19.04 19.49
C GLY H 24 21.75 20.37 20.05
N VAL H 25 20.48 20.46 20.39
CA VAL H 25 19.92 21.71 20.97
C VAL H 25 20.25 21.69 22.47
N SER H 26 20.13 22.81 23.15
CA SER H 26 20.53 22.88 24.57
C SER H 26 19.40 22.41 25.48
N GLN H 27 19.76 21.75 26.58
CA GLN H 27 18.75 21.31 27.56
C GLN H 27 18.08 22.59 28.06
N ALA H 28 18.86 23.64 28.21
CA ALA H 28 18.32 24.92 28.66
C ALA H 28 17.08 25.29 27.84
N VAL H 29 17.21 25.33 26.52
CA VAL H 29 16.04 25.82 25.74
C VAL H 29 14.89 24.83 25.87
N ILE H 30 15.15 23.54 25.80
CA ILE H 30 14.03 22.56 25.82
C ILE H 30 13.34 22.70 27.18
N SER H 31 14.13 22.80 28.23
CA SER H 31 13.54 22.91 29.58
C SER H 31 12.72 24.19 29.69
N LYS H 32 13.16 25.25 29.02
CA LYS H 32 12.47 26.55 29.18
C LYS H 32 11.20 26.54 28.33
N LEU H 33 11.24 25.85 27.19
CA LEU H 33 10.03 25.70 26.35
C LEU H 33 8.99 24.90 27.13
N ARG H 34 9.42 23.81 27.76
CA ARG H 34 8.50 22.96 28.56
C ARG H 34 7.99 23.74 29.76
N ASN H 35 8.85 24.48 30.43
CA ASN H 35 8.42 25.31 31.58
C ASN H 35 7.45 26.35 31.08
N GLY H 36 7.66 26.83 29.86
CA GLY H 36 6.79 27.88 29.29
C GLY H 36 7.40 29.26 29.43
N LYS H 37 8.69 29.32 29.75
CA LYS H 37 9.38 30.63 29.85
C LYS H 37 9.82 31.03 28.44
N LYS H 38 9.68 30.13 27.48
CA LYS H 38 10.11 30.42 26.09
C LYS H 38 8.99 30.01 25.14
N GLU H 39 8.78 30.79 24.09
CA GLU H 39 7.71 30.50 23.11
C GLU H 39 8.28 29.74 21.91
N LEU H 40 7.61 28.68 21.47
CA LEU H 40 8.09 27.85 20.34
C LEU H 40 8.18 28.73 19.10
N GLY H 41 7.29 29.69 19.00
CA GLY H 41 7.30 30.62 17.86
C GLY H 41 8.58 31.41 17.81
N ASN H 42 9.13 31.77 18.96
CA ASN H 42 10.32 32.66 18.99
C ASN H 42 11.59 31.86 18.67
N LEU H 43 11.49 30.54 18.55
CA LEU H 43 12.66 29.67 18.27
C LEU H 43 13.13 29.87 16.83
N THR H 44 14.42 29.66 16.56
CA THR H 44 14.98 29.78 15.19
C THR H 44 14.59 28.57 14.37
N LEU H 45 14.53 28.73 13.06
CA LEU H 45 14.20 27.59 12.16
C LEU H 45 15.30 26.54 12.28
N ASN H 46 16.55 26.97 12.35
CA ASN H 46 17.70 26.03 12.47
C ASN H 46 17.44 25.08 13.64
N SER H 47 17.22 25.60 14.84
CA SER H 47 17.06 24.75 16.05
C SER H 47 15.79 23.93 15.98
N ALA H 48 14.76 24.46 15.33
CA ALA H 48 13.46 23.77 15.29
C ALA H 48 13.53 22.62 14.30
N GLU H 49 14.26 22.81 13.21
CA GLU H 49 14.45 21.74 12.22
C GLU H 49 15.13 20.55 12.90
N LYS H 50 16.02 20.81 13.86
CA LYS H 50 16.74 19.74 14.57
C LYS H 50 15.76 18.95 15.44
N LEU H 51 14.92 19.66 16.21
CA LEU H 51 13.94 19.00 17.10
C LEU H 51 12.94 18.26 16.22
N PHE H 52 12.63 18.81 15.05
CA PHE H 52 11.63 18.21 14.15
C PHE H 52 12.20 16.91 13.60
N GLU H 53 13.45 16.95 13.19
CA GLU H 53 14.06 15.75 12.57
C GLU H 53 14.06 14.64 13.61
N TYR H 54 14.31 14.97 14.88
CA TYR H 54 14.29 13.94 15.94
C TYR H 54 12.89 13.31 15.99
N GLN H 55 11.86 14.13 16.17
CA GLN H 55 10.47 13.59 16.30
C GLN H 55 10.16 12.70 15.11
N LYS H 56 10.50 13.13 13.89
CA LYS H 56 10.17 12.35 12.67
C LYS H 56 10.34 10.85 12.94
N GLU H 57 11.53 10.42 13.39
CA GLU H 57 11.81 8.98 13.62
C GLU H 57 10.90 8.43 14.71
N MET H 58 10.74 9.17 15.82
CA MET H 58 9.87 8.72 16.94
C MET H 58 8.43 8.64 16.44
N GLU H 59 7.99 9.63 15.65
CA GLU H 59 6.60 9.69 15.14
C GLU H 59 6.28 8.39 14.39
N LYS H 60 7.16 7.96 13.49
CA LYS H 60 6.94 6.67 12.78
C LYS H 60 7.48 5.54 13.68
N VAL H 61 6.73 5.20 14.74
CA VAL H 61 7.21 4.17 15.70
C VAL H 61 7.34 2.84 14.95
N ASP H 62 8.46 2.14 15.15
CA ASP H 62 8.63 0.79 14.54
C ASP H 62 8.56 -0.22 15.69
N THR H 63 7.60 -1.13 15.64
CA THR H 63 7.44 -2.10 16.75
C THR H 63 8.47 -3.21 16.58
N TRP H 64 9.20 -3.54 17.64
CA TRP H 64 10.12 -4.70 17.56
C TRP H 64 9.56 -5.78 18.50
N ILE H 65 9.24 -6.95 17.95
CA ILE H 65 8.59 -8.00 18.78
C ILE H 65 9.60 -9.12 19.02
N VAL H 66 10.02 -9.31 20.27
CA VAL H 66 11.05 -10.34 20.58
C VAL H 66 10.34 -11.56 21.18
N TYR H 67 10.54 -12.76 20.59
CA TYR H 67 9.84 -13.98 21.06
C TYR H 67 10.76 -14.72 22.01
N ARG H 68 10.38 -14.88 23.27
CA ARG H 68 11.22 -15.68 24.17
C ARG H 68 10.45 -16.96 24.41
N GLY H 69 11.01 -18.09 24.02
CA GLY H 69 10.31 -19.37 24.21
C GLY H 69 11.18 -20.30 24.99
N ARG H 70 10.63 -20.87 26.04
CA ARG H 70 11.41 -21.76 26.90
C ARG H 70 10.91 -23.17 26.67
N THR H 71 11.75 -24.18 26.74
CA THR H 71 11.29 -25.57 26.60
C THR H 71 10.64 -25.92 27.89
N ALA H 72 9.89 -27.00 27.92
CA ALA H 72 9.04 -27.29 29.09
C ALA H 72 9.79 -27.33 30.40
N ASP H 73 11.07 -27.61 30.34
CA ASP H 73 11.81 -27.77 31.62
C ASP H 73 12.32 -26.41 32.07
N MET H 74 12.14 -25.39 31.25
CA MET H 74 12.64 -24.03 31.55
C MET H 74 14.15 -24.04 31.39
N ASN H 75 14.72 -25.06 30.76
CA ASN H 75 16.18 -25.15 30.67
C ASN H 75 16.73 -24.62 29.36
N LYS H 76 16.29 -25.10 28.22
CA LYS H 76 16.90 -24.68 26.93
C LYS H 76 16.03 -23.57 26.39
N SER H 77 16.58 -22.42 26.02
CA SER H 77 15.73 -21.28 25.63
C SER H 77 15.92 -20.87 24.18
N TYR H 78 14.83 -20.65 23.45
CA TYR H 78 14.90 -20.30 22.02
C TYR H 78 14.42 -18.86 21.89
N ILE H 79 15.12 -17.98 21.17
CA ILE H 79 14.71 -16.54 21.14
C ILE H 79 14.87 -15.99 19.73
N ALA H 80 13.81 -15.39 19.18
CA ALA H 80 13.92 -14.77 17.86
C ALA H 80 13.20 -13.45 17.86
N GLU H 81 13.61 -12.54 16.98
CA GLU H 81 12.99 -11.19 17.01
C GLU H 81 12.89 -10.63 15.59
N GLY H 82 11.86 -9.82 15.33
CA GLY H 82 11.62 -9.25 13.98
C GLY H 82 10.61 -8.11 14.00
N SER H 83 10.42 -7.38 12.90
CA SER H 83 9.54 -6.18 12.88
C SER H 83 8.05 -6.47 13.04
N THR H 84 7.49 -7.39 12.27
CA THR H 84 6.03 -7.69 12.33
C THR H 84 5.93 -9.14 12.78
N TYR H 85 4.84 -9.56 13.41
CA TYR H 85 4.90 -10.95 13.92
C TYR H 85 5.34 -11.91 12.81
N GLU H 86 5.01 -11.59 11.56
CA GLU H 86 5.33 -12.49 10.42
C GLU H 86 6.84 -12.63 10.40
N GLU H 87 7.53 -11.53 10.65
CA GLU H 87 9.01 -11.61 10.69
C GLU H 87 9.41 -12.54 11.83
N VAL H 88 8.70 -12.52 12.97
CA VAL H 88 9.15 -13.38 14.08
C VAL H 88 9.09 -14.82 13.60
N TYR H 89 8.01 -15.21 12.94
CA TYR H 89 7.88 -16.64 12.52
C TYR H 89 8.97 -16.91 11.51
N ASN H 90 9.20 -15.98 10.59
CA ASN H 90 10.20 -16.29 9.53
C ASN H 90 11.58 -16.45 10.15
N ASN H 91 11.96 -15.62 11.12
CA ASN H 91 13.28 -15.86 11.76
C ASN H 91 13.28 -17.19 12.53
N PHE H 92 12.23 -17.50 13.30
CA PHE H 92 12.26 -18.71 14.15
C PHE H 92 12.36 -19.95 13.27
N VAL H 93 11.79 -19.93 12.07
CA VAL H 93 11.90 -21.17 11.26
C VAL H 93 13.24 -21.18 10.55
N ASP H 94 13.90 -20.04 10.43
CA ASP H 94 15.27 -20.09 9.85
C ASP H 94 16.30 -20.42 10.93
N LYS H 95 16.47 -19.58 11.94
CA LYS H 95 17.55 -19.79 12.94
C LYS H 95 17.40 -21.15 13.62
N TYR H 96 16.24 -21.40 14.24
CA TYR H 96 16.09 -22.66 15.04
C TYR H 96 15.43 -23.78 14.24
N GLY H 97 14.91 -23.48 13.04
CA GLY H 97 14.36 -24.54 12.18
C GLY H 97 12.86 -24.74 12.34
N TYR H 98 12.19 -25.26 11.32
CA TYR H 98 10.71 -25.47 11.35
C TYR H 98 10.34 -26.51 12.41
N ASP H 99 11.10 -27.59 12.52
CA ASP H 99 10.73 -28.71 13.43
C ASP H 99 10.78 -28.31 14.90
N VAL H 100 11.00 -27.03 15.22
CA VAL H 100 10.96 -26.61 16.63
C VAL H 100 9.51 -26.35 16.99
N LEU H 101 8.73 -25.72 16.11
CA LEU H 101 7.28 -25.52 16.35
C LEU H 101 6.56 -26.81 15.95
N ASP H 102 5.27 -26.92 16.25
CA ASP H 102 4.55 -28.19 15.96
C ASP H 102 4.56 -28.45 14.47
N GLU H 103 4.59 -29.71 14.05
CA GLU H 103 4.74 -30.02 12.61
C GLU H 103 3.57 -29.49 11.78
N ASP H 104 3.87 -28.81 10.66
CA ASP H 104 2.83 -28.30 9.73
C ASP H 104 1.89 -27.30 10.42
N ILE H 105 2.38 -26.36 11.23
CA ILE H 105 1.40 -25.45 11.88
C ILE H 105 1.02 -24.35 10.88
N TYR H 106 1.94 -23.89 10.05
CA TYR H 106 1.59 -22.76 9.14
C TYR H 106 0.46 -23.21 8.24
N GLU H 107 0.57 -24.43 7.72
CA GLU H 107 -0.48 -24.93 6.80
C GLU H 107 -1.76 -25.07 7.61
N ILE H 108 -1.69 -25.68 8.79
CA ILE H 108 -2.96 -25.94 9.51
C ILE H 108 -3.65 -24.58 9.72
N GLN H 109 -2.94 -23.53 10.13
CA GLN H 109 -3.65 -22.27 10.40
C GLN H 109 -4.23 -21.76 9.08
N LEU H 110 -3.50 -21.87 7.97
CA LEU H 110 -4.03 -21.30 6.71
C LEU H 110 -5.32 -22.05 6.38
N LEU H 111 -5.30 -23.38 6.51
CA LEU H 111 -6.51 -24.15 6.12
C LEU H 111 -7.63 -23.69 7.03
N LYS H 112 -7.38 -23.57 8.33
CA LYS H 112 -8.45 -23.24 9.29
C LYS H 112 -9.03 -21.85 8.98
N LYS H 113 -8.18 -20.86 8.65
CA LYS H 113 -8.61 -19.48 8.33
C LYS H 113 -9.45 -19.47 7.05
N ASN H 114 -9.03 -20.20 6.04
CA ASN H 114 -9.86 -20.30 4.82
C ASN H 114 -11.21 -20.90 5.21
N GLY H 115 -11.23 -21.87 6.13
CA GLY H 115 -12.50 -22.40 6.61
C GLY H 115 -12.66 -23.88 6.33
N GLU H 116 -11.62 -24.52 5.81
CA GLU H 116 -11.73 -25.96 5.44
C GLU H 116 -11.82 -26.79 6.72
N ASN H 117 -12.39 -27.98 6.63
CA ASN H 117 -12.47 -28.88 7.82
C ASN H 117 -11.12 -29.59 7.93
N LEU H 118 -10.44 -29.43 9.06
CA LEU H 118 -9.09 -30.03 9.19
C LEU H 118 -9.16 -31.56 9.10
N ASP H 119 -10.21 -32.17 9.65
CA ASP H 119 -10.27 -33.65 9.70
C ASP H 119 -10.19 -34.27 8.30
N ASP H 120 -10.78 -33.62 7.31
CA ASP H 120 -10.79 -34.23 5.95
C ASP H 120 -9.35 -34.43 5.48
N TYR H 121 -8.46 -33.48 5.79
CA TYR H 121 -7.05 -33.56 5.33
C TYR H 121 -6.25 -34.51 6.22
N ASP H 122 -6.91 -35.18 7.16
CA ASP H 122 -6.24 -36.12 8.11
C ASP H 122 -5.22 -35.38 8.96
N VAL H 123 -5.67 -34.41 9.76
CA VAL H 123 -4.72 -33.72 10.67
C VAL H 123 -4.21 -34.76 11.67
N ASP H 124 -2.90 -34.78 11.92
CA ASP H 124 -2.28 -35.79 12.82
C ASP H 124 -1.22 -35.06 13.63
N SER H 125 -0.52 -35.75 14.53
CA SER H 125 0.59 -35.06 15.24
C SER H 125 1.58 -34.63 14.16
N ASP H 126 1.82 -35.46 13.16
CA ASP H 126 2.70 -35.06 12.03
C ASP H 126 2.02 -33.93 11.26
N GLY H 127 0.69 -33.81 11.37
CA GLY H 127 0.00 -32.66 10.77
C GLY H 127 -0.66 -33.08 9.47
N ILE H 128 -0.69 -32.21 8.46
CA ILE H 128 -1.41 -32.61 7.23
C ILE H 128 -0.76 -33.89 6.77
N ASN H 129 -1.55 -34.93 6.61
CA ASN H 129 -1.01 -36.24 6.21
C ASN H 129 -1.56 -36.55 4.84
N ASN H 130 -2.63 -35.89 4.43
CA ASN H 130 -3.15 -36.06 3.05
C ASN H 130 -2.54 -34.99 2.18
N TYR H 131 -1.27 -35.14 1.79
CA TYR H 131 -0.59 -34.07 1.03
C TYR H 131 -1.34 -33.81 -0.27
N ASP H 132 -1.83 -34.86 -0.92
CA ASP H 132 -2.53 -34.71 -2.23
C ASP H 132 -3.59 -33.61 -2.13
N LYS H 133 -4.44 -33.66 -1.12
CA LYS H 133 -5.56 -32.69 -1.04
C LYS H 133 -5.00 -31.31 -0.73
N LEU H 134 -4.01 -31.22 0.17
CA LEU H 134 -3.48 -29.90 0.58
C LEU H 134 -3.05 -29.19 -0.68
N ASP H 135 -2.31 -29.91 -1.51
CA ASP H 135 -1.87 -29.30 -2.78
C ASP H 135 -3.09 -28.77 -3.53
N GLU H 136 -4.22 -29.45 -3.54
CA GLU H 136 -5.36 -28.86 -4.31
C GLU H 136 -5.80 -27.55 -3.65
N PHE H 137 -5.86 -27.51 -2.32
CA PHE H 137 -6.35 -26.29 -1.64
C PHE H 137 -5.40 -25.16 -1.98
N ARG H 138 -4.12 -25.46 -2.02
CA ARG H 138 -3.12 -24.41 -2.31
C ARG H 138 -3.42 -23.86 -3.69
N GLU H 139 -3.86 -24.71 -4.61
CA GLU H 139 -4.12 -24.26 -6.00
C GLU H 139 -5.18 -23.15 -5.97
N SER H 140 -6.25 -23.36 -5.21
CA SER H 140 -7.30 -22.31 -5.07
C SER H 140 -6.68 -21.06 -4.45
N ASP H 141 -7.10 -19.88 -4.88
CA ASP H 141 -6.61 -18.63 -4.25
C ASP H 141 -6.99 -18.68 -2.76
N TYR H 142 -6.00 -18.89 -1.89
CA TYR H 142 -6.34 -19.03 -0.46
C TYR H 142 -6.47 -17.61 0.07
N VAL H 143 -7.04 -17.44 1.26
CA VAL H 143 -7.05 -16.10 1.92
C VAL H 143 -5.85 -16.09 2.85
N ASP H 144 -4.89 -15.18 2.65
CA ASP H 144 -3.62 -15.24 3.42
C ASP H 144 -3.77 -14.85 4.89
N LEU H 145 -2.78 -15.19 5.70
CA LEU H 145 -2.81 -14.88 7.16
C LEU H 145 -2.68 -13.36 7.34
N GLU H 146 -3.19 -12.80 8.44
CA GLU H 146 -3.23 -11.31 8.58
C GLU H 146 -2.18 -10.75 9.55
N ASP H 147 -1.04 -11.40 9.72
CA ASP H 147 0.07 -10.84 10.54
C ASP H 147 -0.39 -10.58 11.97
N TYR H 148 -1.59 -11.03 12.34
CA TYR H 148 -2.01 -10.94 13.74
C TYR H 148 -2.20 -12.38 14.18
N ASP H 149 -2.09 -13.31 13.22
CA ASP H 149 -2.30 -14.74 13.54
C ASP H 149 -0.97 -15.51 13.52
N TYR H 150 0.16 -14.86 13.23
CA TYR H 150 1.44 -15.60 13.36
C TYR H 150 1.68 -15.76 14.86
N ARG H 151 1.07 -14.88 15.63
CA ARG H 151 1.15 -15.03 17.09
C ARG H 151 0.44 -16.34 17.42
N GLU H 152 -0.68 -16.58 16.75
CA GLU H 152 -1.46 -17.80 17.09
C GLU H 152 -0.64 -19.00 16.64
N LEU H 153 0.13 -18.85 15.56
CA LEU H 153 0.93 -19.97 15.03
C LEU H 153 1.96 -20.36 16.08
N PHE H 154 2.52 -19.38 16.79
CA PHE H 154 3.55 -19.68 17.80
C PHE H 154 2.88 -20.17 19.09
N GLU H 155 1.69 -19.67 19.41
CA GLU H 155 1.10 -20.06 20.72
C GLU H 155 0.19 -21.28 20.61
N ASN H 156 0.16 -21.96 19.46
CA ASN H 156 -0.62 -23.21 19.36
C ASN H 156 0.36 -24.36 19.15
N SER H 157 1.65 -24.10 19.35
CA SER H 157 2.66 -25.18 19.24
C SER H 157 3.25 -25.45 20.62
N SER H 158 3.17 -26.70 21.06
CA SER H 158 3.71 -27.05 22.39
C SER H 158 4.70 -28.21 22.28
N SER H 159 5.06 -28.61 21.07
CA SER H 159 5.97 -29.77 20.94
C SER H 159 7.25 -29.46 21.69
N GLN H 160 8.00 -28.45 21.29
CA GLN H 160 9.21 -28.11 22.08
C GLN H 160 9.04 -26.78 22.81
N VAL H 161 8.53 -25.74 22.15
CA VAL H 161 8.48 -24.41 22.81
C VAL H 161 7.24 -24.32 23.70
N TYR H 162 7.19 -25.02 24.82
CA TYR H 162 5.95 -25.06 25.66
C TYR H 162 5.60 -23.70 26.23
N TYR H 163 6.54 -22.96 26.78
CA TYR H 163 6.13 -21.68 27.41
C TYR H 163 6.52 -20.55 26.47
N HIS H 164 5.55 -19.84 25.89
CA HIS H 164 5.87 -18.78 24.90
C HIS H 164 5.43 -17.42 25.44
N GLU H 165 6.34 -16.45 25.47
CA GLU H 165 6.04 -15.10 26.03
C GLU H 165 6.57 -14.05 25.05
N PHE H 166 5.68 -13.24 24.47
CA PHE H 166 6.09 -12.26 23.43
C PHE H 166 6.17 -10.87 24.07
N GLU H 167 7.29 -10.16 23.87
CA GLU H 167 7.42 -8.77 24.38
C GLU H 167 7.44 -7.81 23.20
N ILE H 168 6.56 -6.82 23.20
CA ILE H 168 6.44 -5.91 22.01
C ILE H 168 6.92 -4.52 22.43
N THR H 169 7.98 -4.01 21.79
CA THR H 169 8.56 -2.70 22.14
C THR H 169 8.20 -1.71 21.04
N HIS H 170 7.62 -0.57 21.41
CA HIS H 170 7.28 0.48 20.40
C HIS H 170 8.24 1.66 20.58
N GLU H 171 8.95 2.03 19.52
CA GLU H 171 9.89 3.19 19.58
C GLU H 171 10.29 3.57 18.16
#